data_2KQR
#
_entry.id   2KQR
#
_entity_poly.entity_id   1
_entity_poly.type   'polypeptide(L)'
_entity_poly.pdbx_seq_one_letter_code
;GSMTVYICPETGDDGNDGSELKPLRTLYQAMIITKSSKGDFLIRTKKDGKQVWEAASKTALKKSWKRYEQEMLKNEKVAA
KMLEKDATEVGVKAALEEAKKVQIELDTSLSYI
;
_entity_poly.pdbx_strand_id   A
#
# COMPACT_ATOMS: atom_id res chain seq x y z
N GLY A 1 7.01 11.51 10.92
CA GLY A 1 6.70 10.13 10.55
C GLY A 1 5.54 10.08 9.58
N SER A 2 4.91 8.91 9.48
CA SER A 2 3.79 8.67 8.58
C SER A 2 4.21 8.78 7.10
N MET A 3 4.50 7.66 6.49
CA MET A 3 4.91 7.59 5.10
C MET A 3 3.68 7.65 4.20
N THR A 4 3.62 8.64 3.36
CA THR A 4 2.55 8.76 2.42
C THR A 4 2.85 7.88 1.23
N VAL A 5 1.94 7.00 0.91
CA VAL A 5 2.15 6.11 -0.21
C VAL A 5 1.26 6.58 -1.34
N TYR A 6 1.80 6.65 -2.53
CA TYR A 6 1.07 7.06 -3.68
C TYR A 6 0.69 5.86 -4.54
N ILE A 7 -0.56 5.82 -4.98
CA ILE A 7 -1.06 4.71 -5.77
C ILE A 7 -1.51 5.21 -7.16
N CYS A 8 -0.93 4.67 -8.18
CA CYS A 8 -1.39 4.87 -9.53
C CYS A 8 -1.63 3.52 -10.17
N PRO A 9 -2.88 3.02 -10.12
CA PRO A 9 -3.24 1.71 -10.72
C PRO A 9 -2.98 1.70 -12.22
N GLU A 10 -2.90 2.88 -12.77
CA GLU A 10 -2.68 3.12 -14.16
C GLU A 10 -1.21 2.97 -14.58
N THR A 11 -0.36 3.83 -14.07
CA THR A 11 0.99 3.92 -14.55
C THR A 11 2.06 3.47 -13.54
N GLY A 12 1.64 3.07 -12.36
CA GLY A 12 2.63 2.61 -11.40
C GLY A 12 2.67 1.11 -11.36
N ASP A 13 3.04 0.55 -10.24
CA ASP A 13 3.20 -0.89 -10.14
C ASP A 13 3.19 -1.33 -8.69
N ASP A 14 2.58 -2.47 -8.46
CA ASP A 14 2.44 -3.10 -7.12
C ASP A 14 3.81 -3.41 -6.49
N GLY A 15 4.83 -3.54 -7.32
CA GLY A 15 6.15 -3.88 -6.84
C GLY A 15 7.04 -2.68 -6.59
N ASN A 16 6.47 -1.47 -6.63
CA ASN A 16 7.27 -0.25 -6.42
C ASN A 16 7.39 0.14 -4.95
N ASP A 17 8.06 1.26 -4.70
CA ASP A 17 8.26 1.77 -3.33
C ASP A 17 7.09 2.60 -2.88
N GLY A 18 6.20 2.88 -3.79
CA GLY A 18 5.01 3.65 -3.48
C GLY A 18 5.25 5.13 -3.23
N SER A 19 6.15 5.72 -3.98
CA SER A 19 6.38 7.13 -3.88
C SER A 19 5.57 7.84 -4.96
N GLU A 20 5.63 9.15 -5.03
CA GLU A 20 4.92 9.85 -6.07
C GLU A 20 5.58 9.54 -7.42
N LEU A 21 6.86 9.23 -7.37
CA LEU A 21 7.61 8.94 -8.57
C LEU A 21 7.47 7.48 -8.95
N LYS A 22 7.22 6.63 -7.95
CA LYS A 22 7.05 5.18 -8.16
C LYS A 22 5.80 4.75 -7.45
N PRO A 23 4.64 5.10 -7.98
CA PRO A 23 3.40 4.77 -7.34
C PRO A 23 3.08 3.29 -7.43
N LEU A 24 2.34 2.80 -6.48
CA LEU A 24 1.92 1.42 -6.47
C LEU A 24 0.73 1.28 -7.35
N ARG A 25 0.29 0.08 -7.61
CA ARG A 25 -0.86 -0.07 -8.43
C ARG A 25 -1.99 -0.66 -7.63
N THR A 26 -1.72 -0.82 -6.36
CA THR A 26 -2.66 -1.40 -5.45
C THR A 26 -2.56 -0.65 -4.10
N LEU A 27 -3.68 -0.49 -3.43
CA LEU A 27 -3.72 0.14 -2.11
C LEU A 27 -3.30 -0.87 -1.03
N TYR A 28 -3.47 -2.14 -1.36
CA TYR A 28 -3.06 -3.26 -0.52
C TYR A 28 -1.55 -3.17 -0.19
N GLN A 29 -0.72 -2.92 -1.21
CA GLN A 29 0.73 -2.83 -1.01
C GLN A 29 1.11 -1.58 -0.20
N ALA A 30 0.30 -0.53 -0.31
CA ALA A 30 0.51 0.70 0.44
C ALA A 30 0.40 0.41 1.92
N MET A 31 -0.56 -0.43 2.26
CA MET A 31 -0.73 -0.88 3.60
C MET A 31 0.38 -1.81 4.05
N ILE A 32 0.92 -2.59 3.14
CA ILE A 32 2.02 -3.51 3.48
C ILE A 32 3.29 -2.74 3.86
N ILE A 33 3.70 -1.82 3.00
CA ILE A 33 4.94 -1.08 3.19
C ILE A 33 4.94 -0.28 4.51
N THR A 34 3.82 0.29 4.84
CA THR A 34 3.73 1.15 5.99
C THR A 34 3.16 0.42 7.22
N LYS A 35 2.16 -0.42 6.98
CA LYS A 35 1.38 -1.11 7.98
C LYS A 35 0.70 -0.07 8.91
N SER A 36 0.50 1.12 8.38
CA SER A 36 -0.12 2.16 9.15
C SER A 36 -1.65 2.10 9.05
N SER A 37 -2.15 1.44 7.97
CA SER A 37 -3.60 1.19 7.69
C SER A 37 -4.46 2.48 7.55
N LYS A 38 -4.42 3.31 8.55
CA LYS A 38 -5.18 4.55 8.63
C LYS A 38 -4.28 5.73 8.32
N GLY A 39 -3.11 5.41 7.80
CA GLY A 39 -2.14 6.41 7.45
C GLY A 39 -2.55 7.18 6.22
N ASP A 40 -1.66 7.99 5.72
CA ASP A 40 -1.95 8.81 4.59
C ASP A 40 -1.58 8.10 3.31
N PHE A 41 -2.58 7.76 2.56
CA PHE A 41 -2.42 7.08 1.32
C PHE A 41 -3.11 7.87 0.25
N LEU A 42 -2.40 8.23 -0.79
CA LEU A 42 -2.98 9.06 -1.82
C LEU A 42 -3.02 8.31 -3.13
N ILE A 43 -4.17 8.24 -3.72
CA ILE A 43 -4.35 7.54 -4.97
C ILE A 43 -4.68 8.53 -6.05
N ARG A 44 -4.03 8.41 -7.19
CA ARG A 44 -4.24 9.30 -8.25
C ARG A 44 -5.53 9.00 -8.98
N THR A 45 -6.33 9.99 -9.08
CA THR A 45 -7.58 9.93 -9.73
C THR A 45 -7.59 10.98 -10.81
N LYS A 46 -8.38 10.81 -11.83
CA LYS A 46 -8.46 11.83 -12.82
C LYS A 46 -9.76 12.51 -12.65
N LYS A 47 -9.66 13.71 -12.20
CA LYS A 47 -10.75 14.51 -11.84
C LYS A 47 -10.76 15.71 -12.76
N ASP A 48 -11.83 15.83 -13.51
CA ASP A 48 -12.04 16.91 -14.50
C ASP A 48 -10.94 16.83 -15.59
N GLY A 49 -10.50 15.61 -15.84
CA GLY A 49 -9.50 15.35 -16.86
C GLY A 49 -8.06 15.44 -16.35
N LYS A 50 -7.88 15.85 -15.11
CA LYS A 50 -6.55 15.97 -14.54
C LYS A 50 -6.31 14.92 -13.50
N GLN A 51 -5.13 14.37 -13.51
CA GLN A 51 -4.71 13.41 -12.52
C GLN A 51 -4.27 14.14 -11.25
N VAL A 52 -4.94 13.84 -10.18
CA VAL A 52 -4.66 14.43 -8.89
C VAL A 52 -4.61 13.35 -7.86
N TRP A 53 -4.06 13.65 -6.72
CA TRP A 53 -3.99 12.70 -5.66
C TRP A 53 -5.18 12.90 -4.76
N GLU A 54 -5.91 11.87 -4.56
CA GLU A 54 -7.03 11.92 -3.69
C GLU A 54 -6.75 10.98 -2.54
N ALA A 55 -7.09 11.41 -1.36
CA ALA A 55 -6.85 10.61 -0.18
C ALA A 55 -7.72 9.38 -0.20
N ALA A 56 -7.10 8.24 0.07
CA ALA A 56 -7.81 6.98 0.15
C ALA A 56 -8.86 7.09 1.24
N SER A 57 -9.94 6.41 1.06
CA SER A 57 -11.03 6.52 1.96
C SER A 57 -11.03 5.30 2.82
N LYS A 58 -11.61 5.40 3.99
CA LYS A 58 -11.65 4.32 4.95
C LYS A 58 -12.34 3.10 4.37
N THR A 59 -13.25 3.33 3.46
CA THR A 59 -13.98 2.29 2.79
C THR A 59 -13.03 1.48 1.88
N ALA A 60 -12.24 2.20 1.09
CA ALA A 60 -11.30 1.59 0.16
C ALA A 60 -10.12 0.99 0.91
N LEU A 61 -9.71 1.66 1.97
CA LEU A 61 -8.65 1.18 2.81
C LEU A 61 -9.03 -0.18 3.43
N LYS A 62 -10.19 -0.25 4.05
CA LYS A 62 -10.64 -1.51 4.65
C LYS A 62 -10.84 -2.59 3.59
N LYS A 63 -11.24 -2.18 2.40
CA LYS A 63 -11.42 -3.08 1.27
C LYS A 63 -10.08 -3.72 0.87
N SER A 64 -9.02 -2.95 1.01
CA SER A 64 -7.69 -3.42 0.73
C SER A 64 -7.15 -4.26 1.90
N TRP A 65 -7.42 -3.80 3.13
CA TRP A 65 -6.95 -4.45 4.33
C TRP A 65 -7.67 -5.79 4.57
N LYS A 66 -8.89 -5.89 4.10
CA LYS A 66 -9.68 -7.12 4.22
C LYS A 66 -8.90 -8.28 3.58
N ARG A 67 -8.26 -8.00 2.45
CA ARG A 67 -7.46 -9.00 1.76
C ARG A 67 -6.15 -9.26 2.52
N TYR A 68 -5.66 -8.21 3.18
CA TYR A 68 -4.42 -8.26 3.99
C TYR A 68 -4.63 -9.30 5.06
N GLU A 69 -5.82 -9.29 5.63
CA GLU A 69 -6.22 -10.27 6.63
C GLU A 69 -6.16 -11.64 6.02
N GLN A 70 -6.75 -11.79 4.87
CA GLN A 70 -6.84 -13.10 4.23
C GLN A 70 -5.47 -13.75 4.01
N GLU A 71 -4.57 -13.04 3.39
CA GLU A 71 -3.26 -13.61 3.14
C GLU A 71 -2.37 -13.63 4.38
N MET A 72 -2.29 -12.50 5.07
CA MET A 72 -1.37 -12.35 6.22
C MET A 72 -1.83 -13.02 7.52
N LEU A 73 -3.14 -13.02 7.81
CA LEU A 73 -3.62 -13.62 9.07
C LEU A 73 -3.44 -15.11 9.02
N LYS A 74 -3.85 -15.71 7.92
CA LYS A 74 -3.67 -17.14 7.70
C LYS A 74 -2.21 -17.40 7.41
N ASN A 75 -1.55 -16.36 6.93
CA ASN A 75 -0.15 -16.33 6.59
C ASN A 75 0.21 -17.34 5.54
N GLU A 76 0.03 -16.95 4.31
CA GLU A 76 0.37 -17.78 3.21
C GLU A 76 1.74 -17.36 2.71
N LYS A 77 2.30 -18.12 1.86
CA LYS A 77 3.63 -17.84 1.39
C LYS A 77 3.60 -17.00 0.12
N VAL A 78 3.43 -15.70 0.30
CA VAL A 78 3.37 -14.77 -0.83
C VAL A 78 4.56 -13.81 -0.77
N ALA A 79 5.09 -13.63 0.45
CA ALA A 79 6.20 -12.72 0.76
C ALA A 79 5.78 -11.26 0.65
N ALA A 80 5.42 -10.69 1.79
CA ALA A 80 5.02 -9.31 1.87
C ALA A 80 6.25 -8.42 1.93
N LYS A 81 6.65 -7.91 0.79
CA LYS A 81 7.84 -7.14 0.66
C LYS A 81 7.63 -5.73 1.18
N MET A 82 8.38 -5.39 2.19
CA MET A 82 8.35 -4.07 2.77
C MET A 82 9.68 -3.42 2.48
N LEU A 83 10.74 -4.00 3.04
CA LEU A 83 12.14 -3.58 2.89
C LEU A 83 12.43 -2.17 3.39
N GLU A 84 13.42 -2.08 4.23
CA GLU A 84 13.85 -0.81 4.74
C GLU A 84 15.11 -0.39 4.00
N LYS A 85 15.30 0.90 3.85
CA LYS A 85 16.44 1.41 3.10
C LYS A 85 17.74 1.23 3.90
N ASP A 86 17.90 2.04 4.94
CA ASP A 86 19.09 1.99 5.79
C ASP A 86 18.95 2.92 6.96
N ALA A 87 19.48 2.51 8.09
CA ALA A 87 19.49 3.29 9.29
C ALA A 87 20.78 3.01 10.06
N THR A 88 21.84 2.67 9.33
CA THR A 88 23.08 2.26 9.98
C THR A 88 24.03 3.44 10.16
N GLU A 89 24.32 3.77 11.39
CA GLU A 89 25.22 4.84 11.69
C GLU A 89 26.51 4.27 12.28
N VAL A 90 27.61 4.80 11.84
CA VAL A 90 28.90 4.34 12.32
C VAL A 90 29.47 5.34 13.30
N GLY A 91 30.61 5.01 13.86
CA GLY A 91 31.24 5.88 14.78
C GLY A 91 32.28 5.17 15.59
N VAL A 92 33.43 5.78 15.70
CA VAL A 92 34.53 5.24 16.47
C VAL A 92 35.48 6.37 16.86
N LYS A 93 35.92 6.37 18.09
CA LYS A 93 36.84 7.38 18.56
C LYS A 93 38.15 6.69 18.91
N ALA A 94 39.24 7.41 18.83
CA ALA A 94 40.55 6.86 19.14
C ALA A 94 40.86 7.07 20.62
N ALA A 95 41.33 6.04 21.27
CA ALA A 95 41.65 6.14 22.68
C ALA A 95 43.11 6.46 22.90
N LEU A 96 43.39 7.36 23.82
CA LEU A 96 44.75 7.76 24.15
C LEU A 96 44.79 8.28 25.57
N GLU A 97 45.97 8.39 26.13
CA GLU A 97 46.14 8.89 27.49
C GLU A 97 47.33 9.81 27.56
N GLU A 98 47.31 10.71 28.51
CA GLU A 98 48.43 11.60 28.77
C GLU A 98 49.45 10.89 29.65
N ALA A 99 50.71 11.19 29.48
CA ALA A 99 51.76 10.56 30.22
C ALA A 99 52.85 11.56 30.52
N LYS A 100 52.90 12.03 31.74
CA LYS A 100 53.88 13.01 32.16
C LYS A 100 54.62 12.52 33.39
N LYS A 101 55.75 13.12 33.66
CA LYS A 101 56.58 12.76 34.79
C LYS A 101 56.40 13.77 35.90
N VAL A 102 56.88 13.43 37.07
CA VAL A 102 56.78 14.28 38.23
C VAL A 102 58.07 14.17 39.05
N GLN A 103 58.51 15.24 39.63
CA GLN A 103 59.71 15.22 40.45
C GLN A 103 59.37 14.92 41.87
N ILE A 104 60.06 13.96 42.44
CA ILE A 104 59.85 13.58 43.82
C ILE A 104 61.15 13.66 44.61
N GLU A 105 61.27 14.72 45.37
CA GLU A 105 62.42 14.91 46.21
C GLU A 105 62.15 14.32 47.58
N LEU A 106 62.97 13.39 47.97
CA LEU A 106 62.88 12.76 49.26
C LEU A 106 64.08 13.17 50.09
N ASP A 107 63.95 13.15 51.40
CA ASP A 107 65.07 13.54 52.27
C ASP A 107 66.19 12.56 52.20
N THR A 108 65.89 11.28 52.49
CA THR A 108 66.87 10.18 52.47
C THR A 108 68.12 10.53 53.28
N SER A 109 67.91 11.31 54.32
CA SER A 109 68.97 11.87 55.10
C SER A 109 69.39 10.91 56.22
N LEU A 110 68.48 9.99 56.58
CA LEU A 110 68.67 9.06 57.69
C LEU A 110 68.71 9.79 59.02
N SER A 111 67.60 9.76 59.71
CA SER A 111 67.48 10.42 60.98
C SER A 111 68.24 9.64 62.06
N TYR A 112 68.37 8.35 61.84
CA TYR A 112 69.11 7.51 62.74
C TYR A 112 70.41 7.08 62.07
N ILE A 113 71.45 7.83 62.33
CA ILE A 113 72.74 7.57 61.81
C ILE A 113 73.81 7.88 62.85
N GLY A 1 4.48 11.62 12.51
CA GLY A 1 5.03 11.24 11.21
C GLY A 1 4.35 10.03 10.65
N SER A 2 3.88 10.14 9.44
CA SER A 2 3.23 9.05 8.75
C SER A 2 3.65 9.07 7.30
N MET A 3 3.75 7.91 6.71
CA MET A 3 4.12 7.82 5.33
C MET A 3 2.96 8.19 4.45
N THR A 4 3.25 8.87 3.38
CA THR A 4 2.28 9.17 2.41
C THR A 4 2.57 8.30 1.20
N VAL A 5 1.66 7.42 0.89
CA VAL A 5 1.86 6.49 -0.18
C VAL A 5 1.00 6.91 -1.36
N TYR A 6 1.57 6.87 -2.53
CA TYR A 6 0.85 7.21 -3.72
C TYR A 6 0.46 5.94 -4.49
N ILE A 7 -0.82 5.85 -4.83
CA ILE A 7 -1.36 4.68 -5.51
C ILE A 7 -1.87 5.09 -6.89
N CYS A 8 -1.31 4.54 -7.90
CA CYS A 8 -1.88 4.68 -9.20
C CYS A 8 -2.04 3.30 -9.78
N PRO A 9 -3.25 2.73 -9.76
CA PRO A 9 -3.50 1.37 -10.27
C PRO A 9 -3.26 1.26 -11.77
N GLU A 10 -3.19 2.40 -12.41
CA GLU A 10 -3.09 2.47 -13.85
C GLU A 10 -1.65 2.50 -14.30
N THR A 11 -0.96 3.55 -13.94
CA THR A 11 0.37 3.77 -14.44
C THR A 11 1.45 3.31 -13.46
N GLY A 12 1.07 2.94 -12.25
CA GLY A 12 2.06 2.51 -11.29
C GLY A 12 2.15 1.00 -11.19
N ASP A 13 2.70 0.52 -10.09
CA ASP A 13 2.93 -0.90 -9.89
C ASP A 13 3.11 -1.21 -8.41
N ASP A 14 2.64 -2.37 -7.98
CA ASP A 14 2.70 -2.78 -6.56
C ASP A 14 4.13 -3.16 -6.10
N GLY A 15 5.05 -3.25 -7.03
CA GLY A 15 6.42 -3.57 -6.67
C GLY A 15 7.25 -2.32 -6.41
N ASN A 16 6.58 -1.18 -6.44
CA ASN A 16 7.23 0.10 -6.23
C ASN A 16 7.29 0.45 -4.77
N ASP A 17 7.87 1.60 -4.45
CA ASP A 17 7.97 2.06 -3.06
C ASP A 17 6.77 2.91 -2.70
N GLY A 18 5.96 3.18 -3.70
CA GLY A 18 4.82 4.02 -3.50
C GLY A 18 5.18 5.47 -3.43
N SER A 19 6.23 5.82 -4.11
CA SER A 19 6.72 7.16 -4.21
C SER A 19 5.79 7.91 -5.17
N GLU A 20 5.88 9.23 -5.24
CA GLU A 20 4.99 9.97 -6.11
C GLU A 20 5.25 9.60 -7.60
N LEU A 21 6.51 9.38 -7.94
CA LEU A 21 6.89 8.97 -9.27
C LEU A 21 6.86 7.45 -9.44
N LYS A 22 6.60 6.74 -8.37
CA LYS A 22 6.47 5.27 -8.42
C LYS A 22 5.28 4.86 -7.62
N PRO A 23 4.10 5.12 -8.11
CA PRO A 23 2.91 4.81 -7.38
C PRO A 23 2.64 3.32 -7.38
N LEU A 24 1.97 2.86 -6.36
CA LEU A 24 1.63 1.47 -6.24
C LEU A 24 0.41 1.20 -7.06
N ARG A 25 0.22 0.00 -7.51
CA ARG A 25 -0.93 -0.27 -8.34
C ARG A 25 -2.12 -0.69 -7.48
N THR A 26 -1.92 -0.74 -6.19
CA THR A 26 -2.97 -1.08 -5.28
C THR A 26 -2.77 -0.39 -3.96
N LEU A 27 -3.88 -0.11 -3.32
CA LEU A 27 -3.91 0.47 -2.01
C LEU A 27 -3.49 -0.59 -0.99
N TYR A 28 -3.60 -1.84 -1.40
CA TYR A 28 -3.20 -2.97 -0.58
C TYR A 28 -1.73 -2.88 -0.22
N GLN A 29 -0.89 -2.63 -1.22
CA GLN A 29 0.53 -2.54 -1.02
C GLN A 29 0.90 -1.31 -0.17
N ALA A 30 0.09 -0.26 -0.27
CA ALA A 30 0.27 0.93 0.50
C ALA A 30 0.17 0.61 1.98
N MET A 31 -0.80 -0.22 2.32
CA MET A 31 -0.94 -0.68 3.66
C MET A 31 0.14 -1.67 4.04
N ILE A 32 0.60 -2.44 3.09
CA ILE A 32 1.67 -3.42 3.36
C ILE A 32 2.99 -2.73 3.70
N ILE A 33 3.30 -1.67 3.00
CA ILE A 33 4.52 -0.94 3.22
C ILE A 33 4.48 -0.21 4.57
N THR A 34 3.37 0.42 4.86
CA THR A 34 3.26 1.22 6.05
C THR A 34 3.01 0.33 7.28
N LYS A 35 2.17 -0.71 7.08
CA LYS A 35 1.76 -1.68 8.10
C LYS A 35 0.90 -1.03 9.18
N SER A 36 0.56 0.22 8.98
CA SER A 36 -0.17 0.95 9.98
C SER A 36 -1.67 0.87 9.71
N SER A 37 -2.04 0.52 8.46
CA SER A 37 -3.45 0.47 8.01
C SER A 37 -4.10 1.88 8.17
N LYS A 38 -3.24 2.87 8.32
CA LYS A 38 -3.56 4.22 8.56
C LYS A 38 -2.38 5.00 8.05
N GLY A 39 -2.60 6.19 7.72
CA GLY A 39 -1.56 7.03 7.22
C GLY A 39 -2.07 7.83 6.08
N ASP A 40 -1.20 8.43 5.34
CA ASP A 40 -1.63 9.21 4.22
C ASP A 40 -1.55 8.39 2.97
N PHE A 41 -2.68 8.10 2.42
CA PHE A 41 -2.75 7.31 1.23
C PHE A 41 -3.42 8.11 0.15
N LEU A 42 -2.70 8.41 -0.88
CA LEU A 42 -3.22 9.22 -1.95
C LEU A 42 -3.22 8.45 -3.24
N ILE A 43 -4.37 8.35 -3.84
CA ILE A 43 -4.53 7.60 -5.04
C ILE A 43 -4.74 8.54 -6.22
N ARG A 44 -4.12 8.21 -7.34
CA ARG A 44 -4.18 9.00 -8.53
C ARG A 44 -5.56 8.85 -9.15
N THR A 45 -6.18 9.94 -9.38
CA THR A 45 -7.51 9.97 -9.90
C THR A 45 -7.54 11.02 -11.02
N LYS A 46 -8.47 10.91 -11.93
CA LYS A 46 -8.53 11.87 -13.02
C LYS A 46 -9.69 12.80 -12.78
N LYS A 47 -9.35 14.06 -12.71
CA LYS A 47 -10.29 15.11 -12.45
C LYS A 47 -10.11 16.19 -13.49
N ASP A 48 -11.10 16.32 -14.37
CA ASP A 48 -11.11 17.37 -15.41
C ASP A 48 -9.90 17.27 -16.34
N GLY A 49 -9.47 16.05 -16.61
CA GLY A 49 -8.37 15.82 -17.51
C GLY A 49 -7.01 15.83 -16.85
N LYS A 50 -6.97 16.03 -15.55
CA LYS A 50 -5.71 15.99 -14.85
C LYS A 50 -5.69 14.84 -13.90
N GLN A 51 -4.55 14.23 -13.73
CA GLN A 51 -4.37 13.20 -12.80
C GLN A 51 -3.92 13.84 -11.50
N VAL A 52 -4.65 13.62 -10.47
CA VAL A 52 -4.37 14.24 -9.19
C VAL A 52 -4.34 13.19 -8.12
N TRP A 53 -3.91 13.57 -6.95
CA TRP A 53 -3.87 12.67 -5.84
C TRP A 53 -5.07 12.91 -4.95
N GLU A 54 -5.84 11.87 -4.76
CA GLU A 54 -7.04 11.92 -3.97
C GLU A 54 -6.85 11.02 -2.76
N ALA A 55 -7.41 11.40 -1.66
CA ALA A 55 -7.27 10.64 -0.45
C ALA A 55 -8.07 9.37 -0.52
N ALA A 56 -7.48 8.28 -0.07
CA ALA A 56 -8.17 7.02 0.01
C ALA A 56 -9.26 7.10 1.06
N SER A 57 -10.26 6.30 0.91
CA SER A 57 -11.37 6.33 1.81
C SER A 57 -11.17 5.23 2.80
N LYS A 58 -11.74 5.36 3.97
CA LYS A 58 -11.57 4.34 5.00
C LYS A 58 -12.22 3.04 4.57
N THR A 59 -13.22 3.14 3.72
CA THR A 59 -13.87 1.99 3.15
C THR A 59 -12.90 1.25 2.19
N ALA A 60 -12.24 2.01 1.31
CA ALA A 60 -11.27 1.43 0.39
C ALA A 60 -10.08 0.89 1.16
N LEU A 61 -9.69 1.63 2.19
CA LEU A 61 -8.64 1.23 3.08
C LEU A 61 -8.99 -0.09 3.78
N LYS A 62 -10.24 -0.20 4.24
CA LYS A 62 -10.75 -1.42 4.85
C LYS A 62 -10.61 -2.60 3.88
N LYS A 63 -11.00 -2.40 2.63
CA LYS A 63 -10.94 -3.46 1.61
C LYS A 63 -9.50 -3.86 1.33
N SER A 64 -8.59 -2.94 1.52
CA SER A 64 -7.19 -3.18 1.32
C SER A 64 -6.63 -3.99 2.49
N TRP A 65 -6.99 -3.59 3.70
CA TRP A 65 -6.51 -4.26 4.89
C TRP A 65 -7.19 -5.63 5.04
N LYS A 66 -8.39 -5.73 4.53
CA LYS A 66 -9.11 -6.98 4.53
C LYS A 66 -8.31 -8.07 3.80
N ARG A 67 -7.62 -7.67 2.73
CA ARG A 67 -6.85 -8.61 1.96
C ARG A 67 -5.60 -9.01 2.75
N TYR A 68 -5.13 -8.08 3.60
CA TYR A 68 -3.95 -8.25 4.43
C TYR A 68 -4.22 -9.37 5.43
N GLU A 69 -5.39 -9.30 6.05
CA GLU A 69 -5.89 -10.31 6.99
C GLU A 69 -5.93 -11.63 6.30
N GLN A 70 -6.44 -11.62 5.10
CA GLN A 70 -6.51 -12.82 4.28
C GLN A 70 -5.14 -13.47 4.09
N GLU A 71 -4.10 -12.67 3.80
CA GLU A 71 -2.77 -13.25 3.66
C GLU A 71 -2.16 -13.65 4.98
N MET A 72 -2.43 -12.91 6.04
CA MET A 72 -1.91 -13.27 7.36
C MET A 72 -2.55 -14.55 7.85
N LEU A 73 -3.83 -14.66 7.59
CA LEU A 73 -4.60 -15.84 7.90
C LEU A 73 -4.18 -17.00 7.00
N LYS A 74 -3.69 -16.69 5.80
CA LYS A 74 -3.15 -17.68 4.87
C LYS A 74 -1.75 -18.10 5.35
N ASN A 75 -1.00 -17.13 5.87
CA ASN A 75 0.35 -17.35 6.43
C ASN A 75 0.27 -18.34 7.56
N GLU A 76 -0.77 -18.24 8.35
CA GLU A 76 -1.04 -19.19 9.37
C GLU A 76 -1.78 -20.35 8.72
N LYS A 77 -1.04 -21.19 8.05
CA LYS A 77 -1.59 -22.22 7.23
C LYS A 77 -1.61 -23.54 7.95
N VAL A 78 -2.77 -23.88 8.46
CA VAL A 78 -2.97 -25.13 9.13
C VAL A 78 -3.81 -26.04 8.26
N ALA A 79 -5.02 -25.59 7.98
CA ALA A 79 -5.94 -26.31 7.12
C ALA A 79 -6.70 -25.33 6.25
N ALA A 80 -6.18 -25.11 5.07
CA ALA A 80 -6.79 -24.22 4.11
C ALA A 80 -6.42 -24.67 2.71
N LYS A 81 -5.18 -24.36 2.30
CA LYS A 81 -4.56 -24.78 1.04
C LYS A 81 -5.47 -24.72 -0.19
N MET A 82 -5.51 -23.58 -0.85
CA MET A 82 -6.25 -23.50 -2.08
C MET A 82 -5.28 -23.75 -3.21
N LEU A 83 -4.62 -22.67 -3.69
CA LEU A 83 -3.61 -22.69 -4.74
C LEU A 83 -3.51 -21.26 -5.29
N GLU A 84 -2.40 -20.94 -5.90
CA GLU A 84 -2.24 -19.64 -6.51
C GLU A 84 -1.69 -19.78 -7.91
N LYS A 85 -2.42 -19.25 -8.86
CA LYS A 85 -2.09 -19.38 -10.28
C LYS A 85 -1.74 -18.03 -10.87
N ASP A 86 -1.58 -17.03 -10.03
CA ASP A 86 -1.35 -15.66 -10.48
C ASP A 86 0.02 -15.45 -11.07
N ALA A 87 0.08 -15.66 -12.36
CA ALA A 87 1.26 -15.46 -13.16
C ALA A 87 0.90 -15.70 -14.62
N THR A 88 0.83 -16.99 -14.98
CA THR A 88 0.56 -17.45 -16.33
C THR A 88 1.42 -16.67 -17.34
N GLU A 89 2.69 -16.99 -17.36
CA GLU A 89 3.64 -16.26 -18.14
C GLU A 89 3.67 -16.73 -19.57
N VAL A 90 3.12 -15.92 -20.43
CA VAL A 90 3.14 -16.16 -21.84
C VAL A 90 4.30 -15.36 -22.43
N GLY A 91 4.92 -15.86 -23.45
CA GLY A 91 6.01 -15.15 -24.03
C GLY A 91 6.26 -15.56 -25.44
N VAL A 92 5.85 -14.73 -26.38
CA VAL A 92 6.07 -15.02 -27.78
C VAL A 92 7.55 -14.80 -28.15
N LYS A 93 8.25 -15.88 -28.35
CA LYS A 93 9.64 -15.83 -28.62
C LYS A 93 10.05 -17.01 -29.48
N ALA A 94 10.18 -16.77 -30.75
CA ALA A 94 10.60 -17.81 -31.65
C ALA A 94 11.86 -17.39 -32.35
N ALA A 95 12.98 -17.72 -31.76
CA ALA A 95 14.25 -17.41 -32.32
C ALA A 95 14.67 -18.51 -33.26
N LEU A 96 14.60 -18.23 -34.52
CA LEU A 96 15.00 -19.18 -35.51
C LEU A 96 16.00 -18.55 -36.44
N GLU A 97 17.13 -19.18 -36.57
CA GLU A 97 18.21 -18.65 -37.34
C GLU A 97 18.80 -19.75 -38.18
N GLU A 98 18.97 -19.51 -39.44
CA GLU A 98 19.59 -20.46 -40.30
C GLU A 98 20.50 -19.73 -41.27
N ALA A 99 21.69 -19.45 -40.82
CA ALA A 99 22.65 -18.76 -41.62
C ALA A 99 23.69 -19.72 -42.12
N LYS A 100 23.72 -19.92 -43.42
CA LYS A 100 24.69 -20.78 -44.03
C LYS A 100 25.97 -19.99 -44.21
N LYS A 101 26.84 -20.05 -43.25
CA LYS A 101 28.06 -19.32 -43.32
C LYS A 101 29.22 -20.27 -43.34
N VAL A 102 29.71 -20.52 -44.52
CA VAL A 102 30.81 -21.42 -44.74
C VAL A 102 31.44 -21.16 -46.10
N GLN A 103 32.69 -20.76 -46.06
CA GLN A 103 33.46 -20.47 -47.26
C GLN A 103 34.90 -20.23 -46.88
N ILE A 104 35.74 -21.17 -47.17
CA ILE A 104 37.14 -21.00 -46.93
C ILE A 104 37.89 -21.06 -48.25
N GLU A 105 38.70 -20.07 -48.48
CA GLU A 105 39.43 -19.97 -49.70
C GLU A 105 40.90 -20.28 -49.44
N LEU A 106 41.30 -21.46 -49.79
CA LEU A 106 42.64 -21.91 -49.62
C LEU A 106 43.26 -22.08 -50.99
N ASP A 107 44.25 -21.28 -51.29
CA ASP A 107 44.89 -21.30 -52.60
C ASP A 107 45.92 -22.40 -52.67
N THR A 108 46.70 -22.53 -51.61
CA THR A 108 47.69 -23.57 -51.56
C THR A 108 48.06 -23.88 -50.11
N SER A 109 48.22 -25.15 -49.83
CA SER A 109 48.64 -25.61 -48.52
C SER A 109 50.17 -25.68 -48.46
N LEU A 110 50.78 -25.54 -49.65
CA LEU A 110 52.24 -25.60 -49.86
C LEU A 110 52.80 -27.00 -49.78
N SER A 111 53.82 -27.22 -50.57
CA SER A 111 54.52 -28.47 -50.62
C SER A 111 55.99 -28.20 -50.90
N TYR A 112 56.77 -28.08 -49.86
CA TYR A 112 58.18 -27.87 -49.95
C TYR A 112 58.87 -28.84 -49.04
N ILE A 113 59.29 -29.95 -49.59
CA ILE A 113 59.94 -31.00 -48.85
C ILE A 113 60.52 -32.03 -49.83
N GLY A 1 7.77 11.52 9.79
CA GLY A 1 6.38 11.97 9.89
C GLY A 1 5.44 10.86 9.53
N SER A 2 4.34 11.20 8.91
CA SER A 2 3.38 10.22 8.51
C SER A 2 3.74 9.69 7.13
N MET A 3 3.63 8.39 6.97
CA MET A 3 4.00 7.73 5.74
C MET A 3 2.99 8.07 4.67
N THR A 4 3.44 8.79 3.69
CA THR A 4 2.61 9.18 2.61
C THR A 4 2.89 8.27 1.42
N VAL A 5 1.87 7.55 1.01
CA VAL A 5 2.01 6.59 -0.06
C VAL A 5 1.12 7.00 -1.23
N TYR A 6 1.64 6.93 -2.44
CA TYR A 6 0.86 7.25 -3.62
C TYR A 6 0.49 5.97 -4.36
N ILE A 7 -0.75 5.89 -4.81
CA ILE A 7 -1.27 4.72 -5.52
C ILE A 7 -1.68 5.14 -6.93
N CYS A 8 -1.05 4.60 -7.92
CA CYS A 8 -1.48 4.83 -9.28
C CYS A 8 -1.69 3.50 -9.97
N PRO A 9 -2.92 2.98 -10.00
CA PRO A 9 -3.23 1.70 -10.65
C PRO A 9 -2.90 1.72 -12.15
N GLU A 10 -2.79 2.91 -12.70
CA GLU A 10 -2.52 3.11 -14.11
C GLU A 10 -1.09 2.71 -14.47
N THR A 11 -0.15 3.53 -14.06
CA THR A 11 1.22 3.35 -14.46
C THR A 11 2.12 2.87 -13.34
N GLY A 12 1.57 2.76 -12.15
CA GLY A 12 2.37 2.28 -11.05
C GLY A 12 2.30 0.77 -10.95
N ASP A 13 2.70 0.25 -9.82
CA ASP A 13 2.77 -1.19 -9.61
C ASP A 13 3.09 -1.43 -8.15
N ASP A 14 2.54 -2.48 -7.59
CA ASP A 14 2.76 -2.79 -6.15
C ASP A 14 4.20 -3.18 -5.82
N GLY A 15 5.00 -3.41 -6.82
CA GLY A 15 6.39 -3.73 -6.59
C GLY A 15 7.26 -2.48 -6.46
N ASN A 16 6.61 -1.35 -6.41
CA ASN A 16 7.30 -0.07 -6.29
C ASN A 16 7.51 0.36 -4.86
N ASP A 17 8.13 1.52 -4.68
CA ASP A 17 8.44 2.09 -3.35
C ASP A 17 7.31 2.91 -2.82
N GLY A 18 6.26 3.05 -3.60
CA GLY A 18 5.14 3.86 -3.22
C GLY A 18 5.44 5.33 -3.13
N SER A 19 6.33 5.78 -3.96
CA SER A 19 6.67 7.17 -4.03
C SER A 19 5.73 7.83 -5.04
N GLU A 20 5.81 9.13 -5.22
CA GLU A 20 4.99 9.77 -6.22
C GLU A 20 5.48 9.32 -7.62
N LEU A 21 6.78 9.10 -7.74
CA LEU A 21 7.41 8.63 -8.97
C LEU A 21 7.21 7.13 -9.17
N LYS A 22 6.99 6.41 -8.08
CA LYS A 22 6.76 4.97 -8.16
C LYS A 22 5.57 4.61 -7.31
N PRO A 23 4.39 4.90 -7.76
CA PRO A 23 3.19 4.60 -7.02
C PRO A 23 2.85 3.11 -7.12
N LEU A 24 2.16 2.58 -6.14
CA LEU A 24 1.75 1.20 -6.20
C LEU A 24 0.54 1.07 -7.07
N ARG A 25 0.05 -0.13 -7.23
CA ARG A 25 -1.07 -0.31 -8.06
C ARG A 25 -2.34 -0.65 -7.28
N THR A 26 -2.20 -0.81 -5.96
CA THR A 26 -3.30 -1.01 -5.07
C THR A 26 -3.09 -0.19 -3.80
N LEU A 27 -4.15 0.05 -3.08
CA LEU A 27 -4.08 0.74 -1.81
C LEU A 27 -3.62 -0.25 -0.74
N TYR A 28 -3.79 -1.51 -1.07
CA TYR A 28 -3.38 -2.61 -0.24
C TYR A 28 -1.85 -2.61 -0.03
N GLN A 29 -1.08 -2.45 -1.09
CA GLN A 29 0.37 -2.42 -0.93
C GLN A 29 0.80 -1.23 -0.07
N ALA A 30 0.08 -0.12 -0.19
CA ALA A 30 0.31 1.05 0.59
C ALA A 30 0.21 0.71 2.09
N MET A 31 -0.75 -0.13 2.46
CA MET A 31 -0.86 -0.58 3.82
C MET A 31 0.24 -1.57 4.20
N ILE A 32 0.70 -2.37 3.25
CA ILE A 32 1.78 -3.32 3.50
C ILE A 32 3.10 -2.59 3.77
N ILE A 33 3.30 -1.49 3.09
CA ILE A 33 4.49 -0.70 3.25
C ILE A 33 4.47 0.06 4.59
N THR A 34 3.30 0.48 5.00
CA THR A 34 3.16 1.26 6.19
C THR A 34 3.00 0.37 7.44
N LYS A 35 2.18 -0.69 7.30
CA LYS A 35 1.86 -1.67 8.37
C LYS A 35 1.10 -1.02 9.52
N SER A 36 0.66 0.19 9.31
CA SER A 36 0.03 0.94 10.38
C SER A 36 -1.50 0.99 10.20
N SER A 37 -2.00 0.59 9.01
CA SER A 37 -3.46 0.67 8.66
C SER A 37 -3.88 2.14 8.65
N LYS A 38 -2.89 2.99 8.62
CA LYS A 38 -3.00 4.39 8.75
C LYS A 38 -1.82 4.96 8.07
N GLY A 39 -1.96 6.13 7.65
CA GLY A 39 -0.94 6.85 6.97
C GLY A 39 -1.59 7.80 6.06
N ASP A 40 -0.86 8.42 5.21
CA ASP A 40 -1.48 9.31 4.29
C ASP A 40 -1.46 8.64 2.96
N PHE A 41 -2.61 8.30 2.48
CA PHE A 41 -2.72 7.55 1.27
C PHE A 41 -3.40 8.35 0.20
N LEU A 42 -2.69 8.59 -0.88
CA LEU A 42 -3.21 9.37 -1.97
C LEU A 42 -3.22 8.53 -3.24
N ILE A 43 -4.37 8.42 -3.84
CA ILE A 43 -4.55 7.60 -5.01
C ILE A 43 -4.78 8.47 -6.24
N ARG A 44 -4.18 8.09 -7.34
CA ARG A 44 -4.30 8.82 -8.58
C ARG A 44 -5.70 8.66 -9.11
N THR A 45 -6.31 9.74 -9.38
CA THR A 45 -7.66 9.76 -9.83
C THR A 45 -7.73 10.63 -11.08
N LYS A 46 -8.69 10.38 -11.91
CA LYS A 46 -8.85 11.14 -13.13
C LYS A 46 -10.04 12.04 -12.92
N LYS A 47 -9.75 13.29 -12.81
CA LYS A 47 -10.73 14.28 -12.48
C LYS A 47 -10.65 15.44 -13.44
N ASP A 48 -11.68 15.58 -14.26
CA ASP A 48 -11.79 16.67 -15.25
C ASP A 48 -10.66 16.62 -16.26
N GLY A 49 -10.21 15.43 -16.57
CA GLY A 49 -9.15 15.26 -17.53
C GLY A 49 -7.76 15.33 -16.92
N LYS A 50 -7.69 15.58 -15.63
CA LYS A 50 -6.43 15.66 -14.92
C LYS A 50 -6.26 14.49 -14.01
N GLN A 51 -5.08 13.94 -13.96
CA GLN A 51 -4.80 12.96 -13.01
C GLN A 51 -4.21 13.65 -11.83
N VAL A 52 -4.81 13.44 -10.70
CA VAL A 52 -4.43 14.09 -9.48
C VAL A 52 -4.45 13.09 -8.37
N TRP A 53 -3.99 13.48 -7.22
CA TRP A 53 -3.97 12.61 -6.10
C TRP A 53 -5.21 12.86 -5.25
N GLU A 54 -5.91 11.80 -4.94
CA GLU A 54 -7.12 11.86 -4.18
C GLU A 54 -6.88 11.15 -2.87
N ALA A 55 -7.44 11.67 -1.81
CA ALA A 55 -7.28 11.06 -0.51
C ALA A 55 -8.10 9.79 -0.42
N ALA A 56 -7.50 8.73 0.08
CA ALA A 56 -8.20 7.47 0.31
C ALA A 56 -9.31 7.66 1.35
N SER A 57 -10.17 6.69 1.45
CA SER A 57 -11.27 6.74 2.36
C SER A 57 -11.21 5.51 3.24
N LYS A 58 -11.82 5.59 4.44
CA LYS A 58 -11.83 4.47 5.38
C LYS A 58 -12.38 3.19 4.75
N THR A 59 -13.31 3.36 3.82
CA THR A 59 -13.90 2.25 3.12
C THR A 59 -12.86 1.56 2.22
N ALA A 60 -12.20 2.34 1.38
CA ALA A 60 -11.18 1.82 0.48
C ALA A 60 -10.00 1.26 1.26
N LEU A 61 -9.68 1.90 2.38
CA LEU A 61 -8.64 1.45 3.25
C LEU A 61 -9.00 0.11 3.87
N LYS A 62 -10.24 -0.01 4.36
CA LYS A 62 -10.73 -1.23 4.97
C LYS A 62 -10.75 -2.36 3.93
N LYS A 63 -11.06 -2.00 2.70
CA LYS A 63 -11.09 -2.91 1.57
C LYS A 63 -9.70 -3.47 1.30
N SER A 64 -8.72 -2.64 1.49
CA SER A 64 -7.36 -3.00 1.23
C SER A 64 -6.81 -3.84 2.37
N TRP A 65 -7.14 -3.48 3.59
CA TRP A 65 -6.72 -4.19 4.75
C TRP A 65 -7.42 -5.56 4.79
N LYS A 66 -8.60 -5.62 4.19
CA LYS A 66 -9.35 -6.86 4.09
C LYS A 66 -8.48 -7.95 3.47
N ARG A 67 -7.74 -7.60 2.40
CA ARG A 67 -6.88 -8.58 1.74
C ARG A 67 -5.72 -8.94 2.64
N TYR A 68 -5.28 -7.98 3.44
CA TYR A 68 -4.14 -8.13 4.32
C TYR A 68 -4.35 -9.34 5.22
N GLU A 69 -5.50 -9.36 5.87
CA GLU A 69 -5.91 -10.45 6.75
C GLU A 69 -6.03 -11.72 5.98
N GLN A 70 -6.62 -11.62 4.80
CA GLN A 70 -6.78 -12.76 3.93
C GLN A 70 -5.43 -13.40 3.61
N GLU A 71 -4.46 -12.58 3.23
CA GLU A 71 -3.13 -13.07 2.90
C GLU A 71 -2.35 -13.54 4.13
N MET A 72 -2.51 -12.85 5.25
CA MET A 72 -1.86 -13.25 6.50
C MET A 72 -2.35 -14.61 6.94
N LEU A 73 -3.63 -14.83 6.77
CA LEU A 73 -4.28 -16.08 7.10
C LEU A 73 -3.99 -17.16 6.02
N LYS A 74 -3.79 -16.68 4.80
CA LYS A 74 -3.44 -17.50 3.63
C LYS A 74 -2.03 -18.08 3.80
N ASN A 75 -1.20 -17.35 4.50
CA ASN A 75 0.15 -17.79 4.82
C ASN A 75 0.20 -18.16 6.28
N GLU A 76 1.35 -18.54 6.74
CA GLU A 76 1.53 -18.80 8.14
C GLU A 76 2.41 -17.71 8.72
N LYS A 77 3.68 -17.76 8.39
CA LYS A 77 4.62 -16.76 8.82
C LYS A 77 5.56 -16.41 7.67
N VAL A 78 5.31 -15.29 7.02
CA VAL A 78 6.17 -14.87 5.91
C VAL A 78 7.48 -14.38 6.49
N ALA A 79 7.40 -13.28 7.20
CA ALA A 79 8.52 -12.74 7.92
C ALA A 79 7.96 -12.12 9.17
N ALA A 80 7.17 -11.05 8.97
CA ALA A 80 6.45 -10.33 10.02
C ALA A 80 7.31 -10.10 11.25
N LYS A 81 8.19 -9.15 11.16
CA LYS A 81 9.08 -8.87 12.24
C LYS A 81 8.39 -7.99 13.26
N MET A 82 7.66 -8.65 14.15
CA MET A 82 6.88 -8.01 15.21
C MET A 82 5.79 -7.09 14.64
N LEU A 83 4.61 -7.64 14.47
CA LEU A 83 3.48 -6.89 14.00
C LEU A 83 2.92 -6.10 15.16
N GLU A 84 3.20 -4.82 15.19
CA GLU A 84 2.80 -4.01 16.29
C GLU A 84 1.33 -3.63 16.22
N LYS A 85 0.65 -3.82 17.31
CA LYS A 85 -0.72 -3.44 17.46
C LYS A 85 -0.94 -2.94 18.88
N ASP A 86 -0.92 -1.65 19.03
CA ASP A 86 -1.01 -1.04 20.34
C ASP A 86 -2.33 -0.37 20.54
N ALA A 87 -3.14 -0.31 19.48
CA ALA A 87 -4.41 0.41 19.48
C ALA A 87 -4.19 1.88 19.73
N THR A 88 -4.22 2.68 18.67
CA THR A 88 -3.92 4.10 18.75
C THR A 88 -4.77 4.76 19.85
N GLU A 89 -4.11 5.47 20.72
CA GLU A 89 -4.76 6.09 21.81
C GLU A 89 -5.28 7.44 21.36
N VAL A 90 -6.54 7.48 21.03
CA VAL A 90 -7.21 8.68 20.59
C VAL A 90 -8.45 8.91 21.43
N GLY A 91 -8.79 10.13 21.68
CA GLY A 91 -9.93 10.43 22.47
C GLY A 91 -10.41 11.81 22.22
N VAL A 92 -11.44 11.94 21.42
CA VAL A 92 -11.98 13.25 21.10
C VAL A 92 -13.07 13.63 22.12
N LYS A 93 -12.96 14.80 22.65
CA LYS A 93 -13.89 15.32 23.62
C LYS A 93 -13.86 16.84 23.56
N ALA A 94 -15.00 17.43 23.60
CA ALA A 94 -15.10 18.86 23.56
C ALA A 94 -15.56 19.38 24.89
N ALA A 95 -14.65 19.95 25.65
CA ALA A 95 -14.95 20.46 26.98
C ALA A 95 -15.92 21.63 26.87
N LEU A 96 -15.57 22.56 25.98
CA LEU A 96 -16.37 23.76 25.69
C LEU A 96 -16.66 24.60 26.92
N GLU A 97 -15.82 25.57 27.16
CA GLU A 97 -16.04 26.48 28.24
C GLU A 97 -16.06 27.90 27.72
N GLU A 98 -16.86 28.71 28.31
CA GLU A 98 -16.96 30.08 27.91
C GLU A 98 -16.90 30.98 29.13
N ALA A 99 -15.77 31.60 29.29
CA ALA A 99 -15.56 32.55 30.34
C ALA A 99 -14.95 33.79 29.76
N LYS A 100 -15.78 34.68 29.34
CA LYS A 100 -15.36 35.90 28.72
C LYS A 100 -16.21 37.03 29.22
N LYS A 101 -15.79 38.25 28.92
CA LYS A 101 -16.45 39.45 29.37
C LYS A 101 -16.48 39.50 30.87
N VAL A 102 -15.32 39.59 31.42
CA VAL A 102 -15.09 39.64 32.82
C VAL A 102 -13.74 40.28 33.08
N GLN A 103 -13.77 41.54 33.39
CA GLN A 103 -12.56 42.26 33.65
C GLN A 103 -12.18 42.20 35.12
N ILE A 104 -11.36 41.26 35.44
CA ILE A 104 -10.89 41.13 36.77
C ILE A 104 -9.55 41.82 36.86
N GLU A 105 -9.61 43.05 37.18
CA GLU A 105 -8.47 43.89 37.28
C GLU A 105 -8.50 44.64 38.58
N LEU A 106 -7.41 45.25 38.93
CA LEU A 106 -7.30 45.97 40.16
C LEU A 106 -6.18 46.97 40.05
N ASP A 107 -6.42 48.17 40.54
CA ASP A 107 -5.44 49.24 40.47
C ASP A 107 -4.29 48.92 41.40
N THR A 108 -4.62 48.62 42.61
CA THR A 108 -3.64 48.24 43.57
C THR A 108 -3.66 46.72 43.75
N SER A 109 -2.61 46.07 43.29
CA SER A 109 -2.50 44.66 43.43
C SER A 109 -2.01 44.32 44.82
N LEU A 110 -0.95 45.02 45.24
CA LEU A 110 -0.32 44.93 46.56
C LEU A 110 0.17 43.49 46.84
N SER A 111 1.45 43.30 46.74
CA SER A 111 2.04 42.02 46.99
C SER A 111 2.42 41.88 48.46
N TYR A 112 2.22 40.71 49.00
CA TYR A 112 2.57 40.44 50.38
C TYR A 112 3.75 39.51 50.46
N ILE A 113 4.58 39.70 51.44
CA ILE A 113 5.71 38.87 51.67
C ILE A 113 5.93 38.70 53.18
N GLY A 1 7.61 9.16 10.73
CA GLY A 1 7.51 9.82 9.43
C GLY A 1 6.12 9.69 8.91
N SER A 2 5.70 10.62 8.12
CA SER A 2 4.37 10.62 7.58
C SER A 2 4.28 9.63 6.44
N MET A 3 3.49 8.60 6.62
CA MET A 3 3.30 7.60 5.59
C MET A 3 2.36 8.09 4.53
N THR A 4 2.90 8.45 3.41
CA THR A 4 2.12 8.83 2.29
C THR A 4 2.45 7.91 1.13
N VAL A 5 1.48 7.16 0.69
CA VAL A 5 1.68 6.24 -0.41
C VAL A 5 0.86 6.72 -1.59
N TYR A 6 1.46 6.72 -2.75
CA TYR A 6 0.78 7.10 -3.95
C TYR A 6 0.43 5.85 -4.77
N ILE A 7 -0.84 5.71 -5.09
CA ILE A 7 -1.34 4.57 -5.85
C ILE A 7 -1.71 5.05 -7.26
N CYS A 8 -1.09 4.50 -8.25
CA CYS A 8 -1.49 4.74 -9.60
C CYS A 8 -1.76 3.41 -10.26
N PRO A 9 -3.03 2.95 -10.26
CA PRO A 9 -3.41 1.64 -10.80
C PRO A 9 -3.40 1.61 -12.33
N GLU A 10 -2.66 2.51 -12.92
CA GLU A 10 -2.61 2.64 -14.34
C GLU A 10 -1.22 2.36 -14.84
N THR A 11 -0.26 3.09 -14.30
CA THR A 11 1.08 2.98 -14.80
C THR A 11 2.13 2.78 -13.68
N GLY A 12 1.69 2.61 -12.44
CA GLY A 12 2.70 2.30 -11.42
C GLY A 12 2.91 0.81 -11.33
N ASP A 13 3.22 0.33 -10.15
CA ASP A 13 3.49 -1.07 -9.91
C ASP A 13 3.67 -1.29 -8.45
N ASP A 14 3.00 -2.29 -7.91
CA ASP A 14 3.12 -2.62 -6.47
C ASP A 14 4.53 -3.02 -6.02
N GLY A 15 5.43 -3.27 -6.96
CA GLY A 15 6.78 -3.61 -6.60
C GLY A 15 7.57 -2.39 -6.22
N ASN A 16 7.00 -1.23 -6.52
CA ASN A 16 7.61 0.07 -6.27
C ASN A 16 7.60 0.43 -4.78
N ASP A 17 8.17 1.59 -4.48
CA ASP A 17 8.27 2.10 -3.10
C ASP A 17 7.00 2.80 -2.67
N GLY A 18 6.12 3.05 -3.63
CA GLY A 18 4.88 3.74 -3.37
C GLY A 18 5.03 5.24 -3.26
N SER A 19 6.13 5.74 -3.79
CA SER A 19 6.37 7.16 -3.83
C SER A 19 5.61 7.74 -5.03
N GLU A 20 5.64 9.04 -5.23
CA GLU A 20 4.94 9.63 -6.35
C GLU A 20 5.57 9.21 -7.68
N LEU A 21 6.89 9.16 -7.69
CA LEU A 21 7.63 8.77 -8.88
C LEU A 21 7.54 7.27 -9.12
N LYS A 22 7.17 6.54 -8.10
CA LYS A 22 7.05 5.08 -8.19
C LYS A 22 5.76 4.70 -7.51
N PRO A 23 4.63 4.99 -8.11
CA PRO A 23 3.37 4.72 -7.49
C PRO A 23 3.05 3.23 -7.52
N LEU A 24 2.29 2.80 -6.56
CA LEU A 24 1.86 1.43 -6.51
C LEU A 24 0.70 1.27 -7.43
N ARG A 25 0.13 0.12 -7.49
CA ARG A 25 -0.99 -0.09 -8.34
C ARG A 25 -2.21 -0.72 -7.68
N THR A 26 -2.07 -1.05 -6.42
CA THR A 26 -3.18 -1.47 -5.63
C THR A 26 -3.14 -0.73 -4.30
N LEU A 27 -4.28 -0.55 -3.68
CA LEU A 27 -4.36 0.08 -2.39
C LEU A 27 -3.85 -0.92 -1.33
N TYR A 28 -3.90 -2.17 -1.72
CA TYR A 28 -3.43 -3.28 -0.96
C TYR A 28 -1.94 -3.15 -0.61
N GLN A 29 -1.10 -2.89 -1.61
CA GLN A 29 0.34 -2.76 -1.39
C GLN A 29 0.65 -1.59 -0.47
N ALA A 30 -0.16 -0.54 -0.55
CA ALA A 30 -0.01 0.62 0.29
C ALA A 30 -0.12 0.24 1.77
N MET A 31 -1.05 -0.66 2.07
CA MET A 31 -1.21 -1.18 3.40
C MET A 31 -0.07 -2.10 3.79
N ILE A 32 0.46 -2.83 2.82
CA ILE A 32 1.55 -3.77 3.08
C ILE A 32 2.81 -3.03 3.54
N ILE A 33 3.12 -1.96 2.86
CA ILE A 33 4.29 -1.17 3.16
C ILE A 33 4.14 -0.43 4.48
N THR A 34 3.00 0.17 4.69
CA THR A 34 2.82 1.04 5.83
C THR A 34 2.41 0.27 7.08
N LYS A 35 1.48 -0.69 6.91
CA LYS A 35 0.89 -1.44 7.99
C LYS A 35 0.24 -0.47 9.01
N SER A 36 -0.10 0.72 8.54
CA SER A 36 -0.57 1.76 9.45
C SER A 36 -2.09 1.80 9.54
N SER A 37 -2.78 1.26 8.52
CA SER A 37 -4.25 1.21 8.47
C SER A 37 -4.94 2.61 8.61
N LYS A 38 -4.16 3.69 8.46
CA LYS A 38 -4.69 5.06 8.70
C LYS A 38 -3.78 6.14 8.11
N GLY A 39 -2.77 5.73 7.36
CA GLY A 39 -1.82 6.67 6.82
C GLY A 39 -2.39 7.44 5.65
N ASP A 40 -1.57 8.20 4.99
CA ASP A 40 -2.01 8.94 3.85
C ASP A 40 -1.88 8.10 2.63
N PHE A 41 -2.98 7.75 2.07
CA PHE A 41 -2.98 6.93 0.90
C PHE A 41 -3.63 7.71 -0.20
N LEU A 42 -2.84 8.11 -1.15
CA LEU A 42 -3.30 8.96 -2.19
C LEU A 42 -3.32 8.21 -3.49
N ILE A 43 -4.46 8.17 -4.10
CA ILE A 43 -4.63 7.45 -5.32
C ILE A 43 -4.80 8.42 -6.47
N ARG A 44 -4.17 8.12 -7.58
CA ARG A 44 -4.23 8.96 -8.75
C ARG A 44 -5.63 8.91 -9.32
N THR A 45 -6.21 10.03 -9.42
CA THR A 45 -7.56 10.16 -9.84
C THR A 45 -7.65 11.27 -10.87
N LYS A 46 -8.64 11.24 -11.71
CA LYS A 46 -8.72 12.23 -12.75
C LYS A 46 -9.83 13.19 -12.43
N LYS A 47 -9.45 14.42 -12.28
CA LYS A 47 -10.35 15.49 -11.98
C LYS A 47 -10.02 16.65 -12.88
N ASP A 48 -11.03 17.13 -13.58
CA ASP A 48 -10.93 18.29 -14.47
C ASP A 48 -9.95 18.05 -15.61
N GLY A 49 -9.85 16.81 -16.03
CA GLY A 49 -9.01 16.46 -17.15
C GLY A 49 -7.56 16.29 -16.75
N LYS A 50 -7.28 16.27 -15.47
CA LYS A 50 -5.94 16.10 -14.96
C LYS A 50 -5.90 15.00 -13.92
N GLN A 51 -4.77 14.35 -13.79
CA GLN A 51 -4.60 13.35 -12.81
C GLN A 51 -4.04 14.00 -11.57
N VAL A 52 -4.64 13.71 -10.46
CA VAL A 52 -4.25 14.27 -9.19
C VAL A 52 -4.21 13.16 -8.16
N TRP A 53 -3.73 13.46 -7.00
CA TRP A 53 -3.67 12.49 -5.94
C TRP A 53 -4.77 12.79 -4.93
N GLU A 54 -5.68 11.87 -4.75
CA GLU A 54 -6.71 12.04 -3.77
C GLU A 54 -6.67 10.90 -2.78
N ALA A 55 -6.94 11.20 -1.53
CA ALA A 55 -6.88 10.24 -0.48
C ALA A 55 -7.98 9.20 -0.57
N ALA A 56 -7.64 8.01 -0.20
CA ALA A 56 -8.56 6.92 -0.15
C ALA A 56 -9.49 7.08 1.05
N SER A 57 -10.49 6.25 1.12
CA SER A 57 -11.46 6.33 2.17
C SER A 57 -11.17 5.25 3.18
N LYS A 58 -11.41 5.51 4.46
CA LYS A 58 -11.11 4.53 5.51
C LYS A 58 -11.94 3.27 5.36
N THR A 59 -13.08 3.40 4.73
CA THR A 59 -13.92 2.29 4.41
C THR A 59 -13.24 1.40 3.36
N ALA A 60 -12.76 2.03 2.29
CA ALA A 60 -12.08 1.34 1.20
C ALA A 60 -10.74 0.79 1.67
N LEU A 61 -10.09 1.55 2.53
CA LEU A 61 -8.84 1.16 3.16
C LEU A 61 -9.00 -0.11 3.97
N LYS A 62 -10.19 -0.31 4.51
CA LYS A 62 -10.46 -1.51 5.28
C LYS A 62 -10.40 -2.73 4.36
N LYS A 63 -10.84 -2.58 3.11
CA LYS A 63 -10.80 -3.67 2.14
C LYS A 63 -9.38 -4.00 1.72
N SER A 64 -8.52 -2.99 1.66
CA SER A 64 -7.13 -3.22 1.32
C SER A 64 -6.40 -3.90 2.48
N TRP A 65 -6.79 -3.53 3.68
CA TRP A 65 -6.23 -4.07 4.90
C TRP A 65 -6.78 -5.48 5.13
N LYS A 66 -8.00 -5.71 4.69
CA LYS A 66 -8.65 -6.99 4.87
C LYS A 66 -7.92 -8.08 4.09
N ARG A 67 -7.49 -7.76 2.87
CA ARG A 67 -6.77 -8.73 2.03
C ARG A 67 -5.43 -9.03 2.69
N TYR A 68 -4.88 -8.01 3.34
CA TYR A 68 -3.63 -8.11 4.07
C TYR A 68 -3.81 -9.12 5.19
N GLU A 69 -4.87 -8.95 5.97
CA GLU A 69 -5.25 -9.87 7.04
C GLU A 69 -5.43 -11.24 6.53
N GLN A 70 -6.18 -11.36 5.45
CA GLN A 70 -6.42 -12.66 4.82
C GLN A 70 -5.12 -13.36 4.46
N GLU A 71 -4.19 -12.62 3.87
CA GLU A 71 -2.88 -13.15 3.53
C GLU A 71 -2.06 -13.51 4.76
N MET A 72 -2.09 -12.66 5.77
CA MET A 72 -1.32 -12.91 6.99
C MET A 72 -1.91 -14.09 7.76
N LEU A 73 -3.20 -14.25 7.61
CA LEU A 73 -3.93 -15.32 8.22
C LEU A 73 -3.72 -16.63 7.44
N LYS A 74 -3.68 -16.52 6.14
CA LYS A 74 -3.40 -17.65 5.25
C LYS A 74 -1.96 -18.08 5.39
N ASN A 75 -1.08 -17.12 5.41
CA ASN A 75 0.31 -17.38 5.49
C ASN A 75 0.77 -17.46 6.92
N GLU A 76 0.96 -18.65 7.37
CA GLU A 76 1.47 -18.93 8.70
C GLU A 76 2.96 -19.20 8.58
N LYS A 77 3.58 -18.45 7.67
CA LYS A 77 4.97 -18.55 7.30
C LYS A 77 5.24 -19.85 6.57
N VAL A 78 4.58 -19.97 5.46
CA VAL A 78 4.67 -21.13 4.60
C VAL A 78 4.90 -20.66 3.17
N ALA A 79 4.07 -19.73 2.73
CA ALA A 79 4.16 -19.18 1.39
C ALA A 79 3.44 -17.84 1.32
N ALA A 80 4.18 -16.81 1.02
CA ALA A 80 3.64 -15.48 0.97
C ALA A 80 3.84 -14.87 -0.41
N LYS A 81 3.26 -13.72 -0.62
CA LYS A 81 3.44 -12.99 -1.87
C LYS A 81 4.79 -12.31 -1.85
N MET A 82 5.07 -11.62 -0.73
CA MET A 82 6.33 -10.89 -0.48
C MET A 82 6.51 -9.70 -1.44
N LEU A 83 6.97 -9.99 -2.63
CA LEU A 83 7.26 -8.99 -3.64
C LEU A 83 7.47 -9.76 -4.93
N GLU A 84 7.34 -9.12 -6.08
CA GLU A 84 7.53 -9.84 -7.32
C GLU A 84 9.00 -9.92 -7.72
N LYS A 85 9.49 -9.00 -8.55
CA LYS A 85 10.89 -9.08 -8.95
C LYS A 85 11.61 -7.74 -9.14
N ASP A 86 10.95 -6.73 -9.64
CA ASP A 86 11.64 -5.45 -9.89
C ASP A 86 10.71 -4.27 -9.81
N ALA A 87 11.24 -3.19 -9.31
CA ALA A 87 10.57 -1.93 -9.28
C ALA A 87 11.24 -1.01 -10.27
N THR A 88 10.64 -0.85 -11.42
CA THR A 88 11.17 0.00 -12.44
C THR A 88 11.00 1.47 -12.02
N GLU A 89 12.08 2.21 -11.99
CA GLU A 89 12.03 3.56 -11.48
C GLU A 89 12.94 4.52 -12.24
N VAL A 90 12.46 5.73 -12.39
CA VAL A 90 13.23 6.85 -12.87
C VAL A 90 12.93 8.05 -11.98
N GLY A 91 13.70 8.16 -10.93
CA GLY A 91 13.51 9.19 -9.95
C GLY A 91 14.03 10.51 -10.41
N VAL A 92 13.17 11.28 -11.03
CA VAL A 92 13.51 12.60 -11.48
C VAL A 92 13.38 13.58 -10.32
N LYS A 93 14.22 14.57 -10.30
CA LYS A 93 14.23 15.55 -9.24
C LYS A 93 13.45 16.78 -9.69
N ALA A 94 12.39 17.12 -8.97
CA ALA A 94 11.59 18.30 -9.27
C ALA A 94 12.42 19.54 -9.00
N ALA A 95 12.87 20.16 -10.06
CA ALA A 95 13.74 21.30 -9.97
C ALA A 95 12.99 22.53 -9.51
N LEU A 96 12.91 22.68 -8.22
CA LEU A 96 12.33 23.84 -7.64
C LEU A 96 13.41 24.63 -6.94
N GLU A 97 13.67 25.77 -7.44
CA GLU A 97 14.70 26.60 -6.92
C GLU A 97 14.20 27.99 -6.67
N GLU A 98 15.03 28.80 -6.10
CA GLU A 98 14.67 30.14 -5.77
C GLU A 98 15.85 31.07 -5.96
N ALA A 99 15.57 32.30 -6.26
CA ALA A 99 16.58 33.31 -6.45
C ALA A 99 16.06 34.61 -5.89
N LYS A 100 16.77 35.19 -4.97
CA LYS A 100 16.33 36.43 -4.34
C LYS A 100 17.17 37.61 -4.79
N LYS A 101 16.55 38.75 -4.74
CA LYS A 101 17.14 40.03 -5.01
C LYS A 101 16.16 41.02 -4.43
N VAL A 102 16.36 41.39 -3.22
CA VAL A 102 15.42 42.26 -2.57
C VAL A 102 15.96 43.67 -2.44
N GLN A 103 15.30 44.59 -3.11
CA GLN A 103 15.65 45.97 -2.99
C GLN A 103 15.06 46.54 -1.70
N ILE A 104 15.83 46.46 -0.66
CA ILE A 104 15.41 46.96 0.62
C ILE A 104 16.15 48.26 0.88
N GLU A 105 15.52 49.34 0.51
CA GLU A 105 16.10 50.65 0.65
C GLU A 105 15.24 51.44 1.62
N LEU A 106 15.76 52.59 2.04
CA LEU A 106 15.09 53.51 2.98
C LEU A 106 14.84 52.88 4.33
N ASP A 107 15.57 53.33 5.30
CA ASP A 107 15.44 52.83 6.64
C ASP A 107 14.24 53.44 7.30
N THR A 108 14.14 54.78 7.22
CA THR A 108 13.06 55.56 7.82
C THR A 108 12.86 55.19 9.29
N SER A 109 13.98 55.02 9.98
CA SER A 109 14.00 54.65 11.38
C SER A 109 13.27 55.72 12.19
N LEU A 110 13.53 56.96 11.86
CA LEU A 110 12.86 58.07 12.46
C LEU A 110 12.62 59.05 11.31
N SER A 111 11.41 59.09 10.81
CA SER A 111 11.09 59.91 9.68
C SER A 111 10.77 61.36 10.06
N TYR A 112 11.81 62.09 10.39
CA TYR A 112 11.71 63.49 10.71
C TYR A 112 13.01 64.15 10.30
N ILE A 113 12.93 65.06 9.38
CA ILE A 113 14.08 65.77 8.91
C ILE A 113 13.65 67.18 8.54
N GLY A 1 -0.25 12.58 8.12
CA GLY A 1 0.04 11.60 9.16
C GLY A 1 0.58 10.35 8.58
N SER A 2 1.57 9.78 9.24
CA SER A 2 2.23 8.54 8.81
C SER A 2 2.95 8.79 7.47
N MET A 3 3.40 7.74 6.82
CA MET A 3 4.09 7.89 5.55
C MET A 3 3.08 7.94 4.44
N THR A 4 3.20 8.93 3.59
CA THR A 4 2.28 9.10 2.50
C THR A 4 2.71 8.22 1.32
N VAL A 5 1.86 7.30 0.96
CA VAL A 5 2.14 6.41 -0.15
C VAL A 5 1.26 6.82 -1.31
N TYR A 6 1.78 6.80 -2.51
CA TYR A 6 1.01 7.16 -3.68
C TYR A 6 0.59 5.92 -4.46
N ILE A 7 -0.67 5.86 -4.84
CA ILE A 7 -1.23 4.73 -5.57
C ILE A 7 -1.71 5.20 -6.95
N CYS A 8 -1.15 4.66 -7.98
CA CYS A 8 -1.66 4.87 -9.29
C CYS A 8 -1.90 3.51 -9.91
N PRO A 9 -3.15 3.00 -9.84
CA PRO A 9 -3.51 1.66 -10.38
C PRO A 9 -3.45 1.60 -11.90
N GLU A 10 -3.00 2.68 -12.51
CA GLU A 10 -2.92 2.79 -13.93
C GLU A 10 -1.49 2.50 -14.38
N THR A 11 -0.60 3.42 -14.07
CA THR A 11 0.75 3.37 -14.53
C THR A 11 1.75 2.86 -13.49
N GLY A 12 1.32 2.77 -12.24
CA GLY A 12 2.23 2.28 -11.22
C GLY A 12 2.04 0.79 -11.01
N ASP A 13 2.63 0.28 -9.97
CA ASP A 13 2.62 -1.13 -9.67
C ASP A 13 3.02 -1.32 -8.24
N ASP A 14 2.59 -2.40 -7.65
CA ASP A 14 2.86 -2.68 -6.22
C ASP A 14 4.31 -3.14 -5.95
N GLY A 15 5.15 -3.14 -6.96
CA GLY A 15 6.54 -3.52 -6.76
C GLY A 15 7.41 -2.31 -6.54
N ASN A 16 6.79 -1.16 -6.58
CA ASN A 16 7.47 0.14 -6.42
C ASN A 16 7.59 0.55 -4.97
N ASP A 17 8.26 1.67 -4.76
CA ASP A 17 8.47 2.27 -3.43
C ASP A 17 7.22 2.96 -2.94
N GLY A 18 6.31 3.21 -3.86
CA GLY A 18 5.12 3.95 -3.54
C GLY A 18 5.36 5.43 -3.44
N SER A 19 6.32 5.88 -4.20
CA SER A 19 6.68 7.27 -4.27
C SER A 19 5.73 7.96 -5.23
N GLU A 20 5.81 9.28 -5.34
CA GLU A 20 4.92 9.99 -6.24
C GLU A 20 5.31 9.68 -7.68
N LEU A 21 6.60 9.41 -7.89
CA LEU A 21 7.10 9.07 -9.20
C LEU A 21 7.03 7.57 -9.44
N LYS A 22 6.85 6.81 -8.37
CA LYS A 22 6.73 5.34 -8.44
C LYS A 22 5.56 4.91 -7.64
N PRO A 23 4.37 5.16 -8.11
CA PRO A 23 3.19 4.85 -7.37
C PRO A 23 2.89 3.36 -7.35
N LEU A 24 2.21 2.95 -6.33
CA LEU A 24 1.80 1.57 -6.20
C LEU A 24 0.54 1.37 -6.96
N ARG A 25 0.07 0.18 -7.03
CA ARG A 25 -1.13 -0.06 -7.77
C ARG A 25 -2.33 -0.31 -6.85
N THR A 26 -2.07 -0.72 -5.61
CA THR A 26 -3.13 -1.01 -4.67
C THR A 26 -2.78 -0.49 -3.27
N LEU A 27 -3.82 -0.20 -2.48
CA LEU A 27 -3.67 0.20 -1.07
C LEU A 27 -3.15 -0.95 -0.25
N TYR A 28 -3.32 -2.14 -0.79
CA TYR A 28 -2.83 -3.35 -0.17
C TYR A 28 -1.30 -3.23 0.04
N GLN A 29 -0.60 -2.76 -1.00
CA GLN A 29 0.85 -2.61 -0.91
C GLN A 29 1.21 -1.40 -0.05
N ALA A 30 0.40 -0.33 -0.12
CA ALA A 30 0.61 0.85 0.70
C ALA A 30 0.57 0.47 2.16
N MET A 31 -0.37 -0.41 2.49
CA MET A 31 -0.48 -0.95 3.81
C MET A 31 0.66 -1.90 4.16
N ILE A 32 1.19 -2.63 3.19
CA ILE A 32 2.35 -3.51 3.45
C ILE A 32 3.58 -2.71 3.86
N ILE A 33 3.89 -1.69 3.06
CA ILE A 33 5.06 -0.88 3.27
C ILE A 33 4.97 -0.10 4.59
N THR A 34 3.82 0.45 4.88
CA THR A 34 3.66 1.26 6.08
C THR A 34 3.21 0.45 7.28
N LYS A 35 2.26 -0.48 7.06
CA LYS A 35 1.58 -1.27 8.10
C LYS A 35 0.82 -0.33 9.04
N SER A 36 0.56 0.88 8.55
CA SER A 36 -0.08 1.90 9.37
C SER A 36 -1.60 1.86 9.24
N SER A 37 -2.09 1.28 8.13
CA SER A 37 -3.54 1.07 7.85
C SER A 37 -4.41 2.39 7.75
N LYS A 38 -3.97 3.45 8.39
CA LYS A 38 -4.78 4.66 8.51
C LYS A 38 -3.99 5.91 8.15
N GLY A 39 -2.81 5.71 7.60
CA GLY A 39 -2.00 6.84 7.22
C GLY A 39 -2.53 7.53 5.99
N ASP A 40 -1.82 8.50 5.50
CA ASP A 40 -2.23 9.17 4.29
C ASP A 40 -1.78 8.41 3.09
N PHE A 41 -2.72 7.87 2.39
CA PHE A 41 -2.45 7.16 1.20
C PHE A 41 -3.15 7.92 0.10
N LEU A 42 -2.40 8.33 -0.88
CA LEU A 42 -2.95 9.16 -1.92
C LEU A 42 -3.04 8.41 -3.21
N ILE A 43 -4.21 8.34 -3.75
CA ILE A 43 -4.42 7.63 -4.95
C ILE A 43 -4.67 8.58 -6.09
N ARG A 44 -4.09 8.27 -7.22
CA ARG A 44 -4.24 9.04 -8.41
C ARG A 44 -5.66 8.91 -8.88
N THR A 45 -6.28 10.00 -9.08
CA THR A 45 -7.64 10.04 -9.47
C THR A 45 -7.76 10.93 -10.70
N LYS A 46 -8.76 10.69 -11.48
CA LYS A 46 -8.93 11.39 -12.74
C LYS A 46 -10.08 12.38 -12.59
N LYS A 47 -9.74 13.63 -12.58
CA LYS A 47 -10.69 14.70 -12.40
C LYS A 47 -10.42 15.77 -13.44
N ASP A 48 -11.42 16.05 -14.28
CA ASP A 48 -11.33 17.04 -15.40
C ASP A 48 -10.28 16.61 -16.41
N GLY A 49 -10.11 15.31 -16.54
CA GLY A 49 -9.11 14.75 -17.43
C GLY A 49 -7.70 14.98 -16.91
N LYS A 50 -7.60 15.28 -15.64
CA LYS A 50 -6.33 15.52 -14.99
C LYS A 50 -6.14 14.45 -13.95
N GLN A 51 -4.93 14.08 -13.70
CA GLN A 51 -4.65 13.11 -12.70
C GLN A 51 -4.11 13.80 -11.49
N VAL A 52 -4.76 13.64 -10.40
CA VAL A 52 -4.36 14.27 -9.16
C VAL A 52 -4.31 13.24 -8.06
N TRP A 53 -3.69 13.58 -6.97
CA TRP A 53 -3.59 12.68 -5.86
C TRP A 53 -4.68 13.00 -4.85
N GLU A 54 -5.54 12.06 -4.62
CA GLU A 54 -6.62 12.21 -3.69
C GLU A 54 -6.51 11.16 -2.61
N ALA A 55 -6.88 11.52 -1.41
CA ALA A 55 -6.77 10.64 -0.28
C ALA A 55 -7.65 9.40 -0.46
N ALA A 56 -7.12 8.27 -0.09
CA ALA A 56 -7.83 7.01 -0.11
C ALA A 56 -9.07 7.07 0.78
N SER A 57 -9.92 6.12 0.65
CA SER A 57 -11.13 6.12 1.38
C SER A 57 -10.94 5.19 2.52
N LYS A 58 -11.53 5.51 3.65
CA LYS A 58 -11.40 4.69 4.83
C LYS A 58 -11.98 3.31 4.56
N THR A 59 -13.06 3.28 3.82
CA THR A 59 -13.71 2.05 3.44
C THR A 59 -12.84 1.28 2.44
N ALA A 60 -12.20 2.00 1.52
CA ALA A 60 -11.30 1.39 0.55
C ALA A 60 -10.08 0.82 1.25
N LEU A 61 -9.62 1.53 2.26
CA LEU A 61 -8.54 1.09 3.08
C LEU A 61 -8.96 -0.17 3.85
N LYS A 62 -10.19 -0.16 4.40
CA LYS A 62 -10.71 -1.35 5.10
C LYS A 62 -10.74 -2.56 4.18
N LYS A 63 -11.13 -2.36 2.93
CA LYS A 63 -11.16 -3.46 1.95
C LYS A 63 -9.75 -3.97 1.67
N SER A 64 -8.82 -3.04 1.57
CA SER A 64 -7.44 -3.37 1.31
C SER A 64 -6.82 -4.11 2.50
N TRP A 65 -7.19 -3.68 3.70
CA TRP A 65 -6.72 -4.31 4.91
C TRP A 65 -7.41 -5.65 5.10
N LYS A 66 -8.64 -5.74 4.64
CA LYS A 66 -9.38 -6.99 4.70
C LYS A 66 -8.67 -8.04 3.83
N ARG A 67 -8.14 -7.61 2.69
CA ARG A 67 -7.35 -8.49 1.83
C ARG A 67 -6.05 -8.85 2.54
N TYR A 68 -5.50 -7.86 3.23
CA TYR A 68 -4.26 -7.99 3.99
C TYR A 68 -4.46 -9.08 5.07
N GLU A 69 -5.64 -9.06 5.71
CA GLU A 69 -6.04 -10.09 6.69
C GLU A 69 -6.11 -11.41 6.03
N GLN A 70 -6.81 -11.46 4.91
CA GLN A 70 -7.01 -12.70 4.16
C GLN A 70 -5.70 -13.38 3.82
N GLU A 71 -4.78 -12.65 3.27
CA GLU A 71 -3.54 -13.24 2.85
C GLU A 71 -2.62 -13.65 4.01
N MET A 72 -2.64 -12.90 5.10
CA MET A 72 -1.86 -13.31 6.28
C MET A 72 -2.51 -14.51 6.93
N LEU A 73 -3.82 -14.54 6.88
CA LEU A 73 -4.63 -15.64 7.39
C LEU A 73 -4.39 -16.91 6.54
N LYS A 74 -4.15 -16.69 5.26
CA LYS A 74 -3.80 -17.75 4.34
C LYS A 74 -2.35 -18.19 4.50
N ASN A 75 -1.45 -17.24 4.73
CA ASN A 75 -0.02 -17.54 4.81
C ASN A 75 0.42 -17.87 6.24
N GLU A 76 0.67 -16.84 7.07
CA GLU A 76 1.07 -17.06 8.45
C GLU A 76 0.81 -15.84 9.32
N LYS A 77 0.23 -16.09 10.47
CA LYS A 77 -0.06 -15.17 11.58
C LYS A 77 -1.14 -15.84 12.37
N VAL A 78 -2.07 -16.34 11.63
CA VAL A 78 -3.17 -17.12 12.07
C VAL A 78 -3.61 -17.94 10.90
N ALA A 79 -3.32 -19.20 10.95
CA ALA A 79 -3.52 -20.06 9.83
C ALA A 79 -4.90 -20.67 9.80
N ALA A 80 -5.68 -20.27 8.82
CA ALA A 80 -6.97 -20.88 8.61
C ALA A 80 -6.76 -22.09 7.70
N LYS A 81 -6.60 -21.84 6.40
CA LYS A 81 -6.30 -22.87 5.40
C LYS A 81 -5.69 -22.24 4.17
N MET A 82 -4.45 -22.59 3.88
CA MET A 82 -3.78 -22.13 2.66
C MET A 82 -4.18 -23.05 1.51
N LEU A 83 -4.88 -24.11 1.87
CA LEU A 83 -5.35 -25.08 0.91
C LEU A 83 -6.44 -24.53 0.02
N GLU A 84 -6.02 -24.05 -1.11
CA GLU A 84 -6.87 -23.60 -2.17
C GLU A 84 -6.09 -23.78 -3.45
N LYS A 85 -6.78 -23.78 -4.58
CA LYS A 85 -6.20 -24.08 -5.86
C LYS A 85 -5.79 -25.56 -5.89
N ASP A 86 -6.74 -26.36 -6.26
CA ASP A 86 -6.58 -27.81 -6.28
C ASP A 86 -6.85 -28.36 -7.68
N ALA A 87 -7.44 -27.52 -8.50
CA ALA A 87 -7.77 -27.90 -9.87
C ALA A 87 -6.59 -27.63 -10.79
N THR A 88 -6.77 -28.00 -12.05
CA THR A 88 -5.75 -27.89 -13.08
C THR A 88 -4.62 -28.88 -12.83
N GLU A 89 -4.76 -30.07 -13.35
CA GLU A 89 -3.75 -31.07 -13.20
C GLU A 89 -3.09 -31.29 -14.53
N VAL A 90 -1.91 -30.78 -14.66
CA VAL A 90 -1.18 -30.88 -15.90
C VAL A 90 -0.29 -32.11 -15.94
N GLY A 91 -0.90 -33.23 -16.23
CA GLY A 91 -0.20 -34.46 -16.35
C GLY A 91 -0.04 -34.85 -17.79
N VAL A 92 -0.99 -34.43 -18.60
CA VAL A 92 -0.94 -34.70 -20.01
C VAL A 92 0.01 -33.74 -20.70
N LYS A 93 0.79 -34.28 -21.58
CA LYS A 93 1.72 -33.54 -22.36
C LYS A 93 1.83 -34.19 -23.72
N ALA A 94 1.33 -33.53 -24.71
CA ALA A 94 1.38 -34.05 -26.05
C ALA A 94 2.70 -33.72 -26.67
N ALA A 95 3.63 -34.64 -26.56
CA ALA A 95 4.94 -34.46 -27.12
C ALA A 95 5.33 -35.69 -27.89
N LEU A 96 5.07 -35.66 -29.16
CA LEU A 96 5.41 -36.76 -30.04
C LEU A 96 6.35 -36.26 -31.11
N GLU A 97 7.39 -36.99 -31.36
CA GLU A 97 8.36 -36.61 -32.37
C GLU A 97 7.97 -37.22 -33.70
N GLU A 98 8.20 -36.49 -34.75
CA GLU A 98 7.88 -36.97 -36.08
C GLU A 98 9.14 -37.32 -36.85
N ALA A 99 9.18 -38.54 -37.33
CA ALA A 99 10.32 -39.05 -38.06
C ALA A 99 10.09 -38.92 -39.56
N LYS A 100 11.01 -38.29 -40.23
CA LYS A 100 10.93 -38.13 -41.66
C LYS A 100 12.32 -38.13 -42.23
N LYS A 101 12.71 -39.23 -42.80
CA LYS A 101 14.02 -39.34 -43.36
C LYS A 101 14.06 -38.89 -44.79
N VAL A 102 14.90 -37.97 -45.06
CA VAL A 102 15.12 -37.51 -46.38
C VAL A 102 16.39 -38.14 -46.92
N GLN A 103 16.59 -38.01 -48.19
CA GLN A 103 17.75 -38.55 -48.83
C GLN A 103 18.17 -37.64 -49.97
N ILE A 104 19.38 -37.21 -49.93
CA ILE A 104 19.90 -36.35 -50.96
C ILE A 104 20.79 -37.13 -51.91
N GLU A 105 20.16 -37.70 -52.92
CA GLU A 105 20.84 -38.53 -53.89
C GLU A 105 21.65 -37.67 -54.83
N LEU A 106 22.81 -38.12 -55.18
CA LEU A 106 23.63 -37.41 -56.11
C LEU A 106 23.16 -37.68 -57.52
N ASP A 107 22.84 -36.63 -58.23
CA ASP A 107 22.39 -36.74 -59.60
C ASP A 107 23.59 -36.85 -60.51
N THR A 108 24.70 -36.39 -60.02
CA THR A 108 25.93 -36.45 -60.74
C THR A 108 27.07 -36.54 -59.73
N SER A 109 28.11 -37.26 -60.09
CA SER A 109 29.27 -37.36 -59.24
C SER A 109 30.30 -36.32 -59.64
N LEU A 110 30.09 -35.77 -60.86
CA LEU A 110 30.92 -34.71 -61.45
C LEU A 110 32.38 -35.15 -61.62
N SER A 111 32.69 -35.61 -62.79
CA SER A 111 34.03 -36.00 -63.13
C SER A 111 34.68 -34.93 -64.00
N TYR A 112 35.69 -34.29 -63.47
CA TYR A 112 36.39 -33.23 -64.18
C TYR A 112 37.86 -33.25 -63.80
N ILE A 113 38.71 -33.48 -64.77
CA ILE A 113 40.13 -33.54 -64.55
C ILE A 113 40.89 -33.08 -65.79
N GLY A 1 7.02 12.53 9.75
CA GLY A 1 5.63 12.95 9.62
C GLY A 1 4.73 11.77 9.49
N SER A 2 4.55 11.31 8.29
CA SER A 2 3.74 10.17 8.01
C SER A 2 4.20 9.56 6.72
N MET A 3 4.23 8.25 6.65
CA MET A 3 4.63 7.59 5.43
C MET A 3 3.52 7.74 4.40
N THR A 4 3.77 8.60 3.45
CA THR A 4 2.80 8.91 2.44
C THR A 4 3.03 8.02 1.22
N VAL A 5 2.06 7.21 0.89
CA VAL A 5 2.17 6.32 -0.25
C VAL A 5 1.25 6.80 -1.36
N TYR A 6 1.71 6.73 -2.58
CA TYR A 6 0.93 7.12 -3.74
C TYR A 6 0.55 5.90 -4.56
N ILE A 7 -0.70 5.85 -4.99
CA ILE A 7 -1.23 4.74 -5.74
C ILE A 7 -1.66 5.18 -7.16
N CYS A 8 -1.10 4.56 -8.14
CA CYS A 8 -1.57 4.66 -9.50
C CYS A 8 -1.79 3.27 -10.03
N PRO A 9 -3.04 2.77 -10.02
CA PRO A 9 -3.35 1.40 -10.49
C PRO A 9 -3.07 1.21 -11.98
N GLU A 10 -2.82 2.32 -12.66
CA GLU A 10 -2.59 2.33 -14.07
C GLU A 10 -1.10 2.23 -14.37
N THR A 11 -0.43 3.32 -14.08
CA THR A 11 0.93 3.52 -14.48
C THR A 11 1.94 3.21 -13.38
N GLY A 12 1.49 2.67 -12.27
CA GLY A 12 2.44 2.29 -11.26
C GLY A 12 2.42 0.82 -11.11
N ASP A 13 3.09 0.32 -10.14
CA ASP A 13 3.21 -1.11 -9.95
C ASP A 13 3.24 -1.40 -8.47
N ASP A 14 2.80 -2.57 -8.11
CA ASP A 14 2.71 -2.96 -6.71
C ASP A 14 4.08 -3.28 -6.11
N GLY A 15 5.09 -3.44 -6.95
CA GLY A 15 6.42 -3.71 -6.45
C GLY A 15 7.27 -2.46 -6.33
N ASN A 16 6.66 -1.31 -6.55
CA ASN A 16 7.38 -0.03 -6.45
C ASN A 16 7.58 0.42 -5.01
N ASP A 17 8.31 1.52 -4.87
CA ASP A 17 8.59 2.17 -3.58
C ASP A 17 7.33 2.85 -3.03
N GLY A 18 6.36 3.06 -3.88
CA GLY A 18 5.16 3.76 -3.50
C GLY A 18 5.37 5.24 -3.35
N SER A 19 6.31 5.73 -4.09
CA SER A 19 6.62 7.12 -4.14
C SER A 19 5.64 7.81 -5.08
N GLU A 20 5.68 9.12 -5.13
CA GLU A 20 4.87 9.83 -6.05
C GLU A 20 5.41 9.56 -7.46
N LEU A 21 6.73 9.34 -7.53
CA LEU A 21 7.41 9.06 -8.78
C LEU A 21 7.26 7.58 -9.14
N LYS A 22 7.07 6.74 -8.14
CA LYS A 22 6.87 5.29 -8.35
C LYS A 22 5.66 4.88 -7.58
N PRO A 23 4.49 5.19 -8.07
CA PRO A 23 3.28 4.89 -7.37
C PRO A 23 3.00 3.40 -7.37
N LEU A 24 2.31 2.96 -6.35
CA LEU A 24 1.92 1.60 -6.26
C LEU A 24 0.71 1.39 -7.08
N ARG A 25 0.54 0.22 -7.54
CA ARG A 25 -0.60 -0.10 -8.34
C ARG A 25 -1.76 -0.59 -7.45
N THR A 26 -1.46 -0.89 -6.20
CA THR A 26 -2.45 -1.38 -5.28
C THR A 26 -2.42 -0.59 -3.96
N LEU A 27 -3.58 -0.39 -3.35
CA LEU A 27 -3.68 0.26 -2.05
C LEU A 27 -3.30 -0.75 -0.96
N TYR A 28 -3.43 -2.01 -1.33
CA TYR A 28 -3.02 -3.16 -0.53
C TYR A 28 -1.51 -3.05 -0.20
N GLN A 29 -0.68 -2.79 -1.22
CA GLN A 29 0.77 -2.67 -1.02
C GLN A 29 1.10 -1.42 -0.19
N ALA A 30 0.30 -0.37 -0.33
CA ALA A 30 0.46 0.85 0.43
C ALA A 30 0.37 0.55 1.92
N MET A 31 -0.55 -0.32 2.26
CA MET A 31 -0.72 -0.77 3.62
C MET A 31 0.41 -1.69 4.05
N ILE A 32 0.92 -2.47 3.12
CA ILE A 32 2.03 -3.39 3.41
C ILE A 32 3.28 -2.62 3.80
N ILE A 33 3.60 -1.58 3.05
CA ILE A 33 4.77 -0.79 3.32
C ILE A 33 4.63 0.02 4.61
N THR A 34 3.47 0.59 4.82
CA THR A 34 3.24 1.46 5.97
C THR A 34 2.96 0.67 7.26
N LYS A 35 2.18 -0.42 7.12
CA LYS A 35 1.73 -1.25 8.24
C LYS A 35 0.84 -0.45 9.19
N SER A 36 0.38 0.70 8.74
CA SER A 36 -0.40 1.59 9.56
C SER A 36 -1.91 1.47 9.26
N SER A 37 -2.25 0.89 8.09
CA SER A 37 -3.65 0.68 7.58
C SER A 37 -4.41 2.00 7.27
N LYS A 38 -4.24 2.99 8.11
CA LYS A 38 -4.84 4.27 7.93
C LYS A 38 -3.73 5.30 8.13
N GLY A 39 -3.30 5.88 7.05
CA GLY A 39 -2.27 6.88 7.07
C GLY A 39 -2.48 7.77 5.89
N ASP A 40 -1.46 8.39 5.38
CA ASP A 40 -1.65 9.18 4.20
C ASP A 40 -1.44 8.33 2.99
N PHE A 41 -2.52 8.07 2.31
CA PHE A 41 -2.51 7.31 1.10
C PHE A 41 -3.15 8.13 0.03
N LEU A 42 -2.42 8.42 -1.00
CA LEU A 42 -2.95 9.23 -2.08
C LEU A 42 -3.07 8.41 -3.32
N ILE A 43 -4.24 8.34 -3.85
CA ILE A 43 -4.47 7.59 -5.04
C ILE A 43 -4.76 8.53 -6.18
N ARG A 44 -4.19 8.23 -7.33
CA ARG A 44 -4.37 9.04 -8.49
C ARG A 44 -5.84 9.03 -8.92
N THR A 45 -6.38 10.18 -9.05
CA THR A 45 -7.74 10.36 -9.43
C THR A 45 -7.81 11.28 -10.63
N LYS A 46 -8.84 11.15 -11.41
CA LYS A 46 -8.99 11.94 -12.57
C LYS A 46 -10.10 12.95 -12.31
N LYS A 47 -9.73 14.19 -12.18
CA LYS A 47 -10.68 15.25 -11.96
C LYS A 47 -10.58 16.22 -13.09
N ASP A 48 -11.66 16.36 -13.85
CA ASP A 48 -11.72 17.18 -15.06
C ASP A 48 -10.71 16.66 -16.08
N GLY A 49 -10.48 15.36 -16.03
CA GLY A 49 -9.53 14.72 -16.92
C GLY A 49 -8.08 14.92 -16.48
N LYS A 50 -7.90 15.59 -15.35
CA LYS A 50 -6.59 15.92 -14.86
C LYS A 50 -6.21 14.94 -13.77
N GLN A 51 -4.99 14.46 -13.82
CA GLN A 51 -4.52 13.51 -12.85
C GLN A 51 -4.11 14.25 -11.58
N VAL A 52 -4.75 13.96 -10.49
CA VAL A 52 -4.42 14.57 -9.22
C VAL A 52 -4.46 13.51 -8.13
N TRP A 53 -4.04 13.84 -6.95
CA TRP A 53 -4.03 12.89 -5.88
C TRP A 53 -5.26 13.05 -4.99
N GLU A 54 -5.86 11.95 -4.64
CA GLU A 54 -6.99 11.93 -3.76
C GLU A 54 -6.69 10.97 -2.63
N ALA A 55 -6.87 11.42 -1.42
CA ALA A 55 -6.63 10.59 -0.26
C ALA A 55 -7.59 9.44 -0.24
N ALA A 56 -7.07 8.27 0.08
CA ALA A 56 -7.88 7.08 0.20
C ALA A 56 -8.86 7.24 1.35
N SER A 57 -9.86 6.44 1.35
CA SER A 57 -10.90 6.59 2.30
C SER A 57 -11.02 5.30 3.05
N LYS A 58 -11.53 5.37 4.27
CA LYS A 58 -11.65 4.22 5.15
C LYS A 58 -12.41 3.08 4.48
N THR A 59 -13.41 3.40 3.69
CA THR A 59 -14.16 2.41 2.94
C THR A 59 -13.22 1.56 2.04
N ALA A 60 -12.39 2.24 1.29
CA ALA A 60 -11.45 1.58 0.39
C ALA A 60 -10.31 0.95 1.17
N LEU A 61 -9.88 1.61 2.22
CA LEU A 61 -8.83 1.12 3.06
C LEU A 61 -9.22 -0.21 3.71
N LYS A 62 -10.41 -0.28 4.27
CA LYS A 62 -10.88 -1.53 4.87
C LYS A 62 -10.97 -2.67 3.88
N LYS A 63 -11.25 -2.37 2.62
CA LYS A 63 -11.29 -3.40 1.58
C LYS A 63 -9.87 -3.87 1.24
N SER A 64 -8.93 -2.97 1.38
CA SER A 64 -7.54 -3.25 1.14
C SER A 64 -6.95 -4.05 2.30
N TRP A 65 -7.28 -3.64 3.53
CA TRP A 65 -6.75 -4.29 4.70
C TRP A 65 -7.46 -5.63 4.94
N LYS A 66 -8.71 -5.75 4.54
CA LYS A 66 -9.43 -7.03 4.67
C LYS A 66 -8.70 -8.08 3.84
N ARG A 67 -8.21 -7.63 2.70
CA ARG A 67 -7.46 -8.45 1.77
C ARG A 67 -6.08 -8.82 2.40
N TYR A 68 -5.58 -7.91 3.23
CA TYR A 68 -4.31 -8.07 3.96
C TYR A 68 -4.48 -9.18 5.01
N GLU A 69 -5.60 -9.11 5.75
CA GLU A 69 -5.98 -10.13 6.75
C GLU A 69 -5.95 -11.49 6.11
N GLN A 70 -6.44 -11.54 4.89
CA GLN A 70 -6.51 -12.76 4.11
C GLN A 70 -5.15 -13.46 3.97
N GLU A 71 -4.08 -12.74 3.61
CA GLU A 71 -2.79 -13.42 3.43
C GLU A 71 -2.21 -13.88 4.77
N MET A 72 -2.28 -13.02 5.77
CA MET A 72 -1.65 -13.33 7.05
C MET A 72 -2.42 -14.38 7.84
N LEU A 73 -3.72 -14.41 7.71
CA LEU A 73 -4.52 -15.38 8.39
C LEU A 73 -4.44 -16.76 7.70
N LYS A 74 -4.21 -16.75 6.39
CA LYS A 74 -4.00 -18.01 5.65
C LYS A 74 -2.61 -18.57 5.89
N ASN A 75 -1.66 -17.70 6.20
CA ASN A 75 -0.31 -18.14 6.44
C ASN A 75 -0.08 -18.51 7.89
N GLU A 76 -0.45 -17.62 8.80
CA GLU A 76 -0.24 -17.87 10.21
C GLU A 76 -1.50 -18.36 10.85
N LYS A 77 -1.38 -19.42 11.65
CA LYS A 77 -2.50 -20.01 12.41
C LYS A 77 -3.50 -20.76 11.52
N VAL A 78 -4.08 -20.04 10.55
CA VAL A 78 -5.14 -20.53 9.70
C VAL A 78 -6.42 -20.74 10.49
N ALA A 79 -7.37 -19.86 10.30
CA ALA A 79 -8.65 -19.98 10.97
C ALA A 79 -9.63 -20.75 10.09
N ALA A 80 -10.31 -20.04 9.21
CA ALA A 80 -11.24 -20.63 8.27
C ALA A 80 -11.58 -19.62 7.20
N LYS A 81 -10.81 -19.63 6.15
CA LYS A 81 -10.97 -18.75 5.00
C LYS A 81 -10.58 -19.55 3.77
N MET A 82 -11.19 -19.28 2.66
CA MET A 82 -10.84 -19.98 1.44
C MET A 82 -10.39 -18.98 0.38
N LEU A 83 -9.10 -18.90 0.19
CA LEU A 83 -8.50 -17.97 -0.75
C LEU A 83 -6.99 -18.16 -0.76
N GLU A 84 -6.45 -18.48 -1.89
CA GLU A 84 -5.02 -18.59 -2.01
C GLU A 84 -4.52 -17.77 -3.15
N LYS A 85 -3.83 -16.71 -2.84
CA LYS A 85 -3.15 -16.00 -3.88
C LYS A 85 -1.85 -16.72 -4.03
N ASP A 86 -1.60 -17.21 -5.22
CA ASP A 86 -0.52 -18.16 -5.52
C ASP A 86 0.84 -17.79 -4.96
N ALA A 87 1.21 -16.50 -5.04
CA ALA A 87 2.51 -16.03 -4.53
C ALA A 87 3.63 -16.78 -5.24
N THR A 88 3.45 -17.00 -6.54
CA THR A 88 4.40 -17.74 -7.36
C THR A 88 5.59 -16.86 -7.76
N GLU A 89 5.55 -15.59 -7.33
CA GLU A 89 6.58 -14.59 -7.59
C GLU A 89 6.60 -14.19 -9.07
N VAL A 90 6.14 -12.99 -9.35
CA VAL A 90 6.14 -12.47 -10.71
C VAL A 90 7.50 -11.84 -11.01
N GLY A 91 8.22 -11.54 -9.97
CA GLY A 91 9.51 -10.94 -10.07
C GLY A 91 9.69 -9.97 -8.94
N VAL A 92 10.82 -10.02 -8.29
CA VAL A 92 11.06 -9.12 -7.18
C VAL A 92 11.59 -7.77 -7.65
N LYS A 93 10.80 -6.75 -7.43
CA LYS A 93 11.24 -5.41 -7.75
C LYS A 93 11.94 -4.85 -6.55
N ALA A 94 11.31 -5.02 -5.39
CA ALA A 94 11.82 -4.59 -4.11
C ALA A 94 10.86 -5.02 -3.02
N ALA A 95 11.26 -4.89 -1.80
CA ALA A 95 10.43 -5.22 -0.69
C ALA A 95 10.22 -3.98 0.15
N LEU A 96 9.58 -4.12 1.30
CA LEU A 96 9.33 -3.00 2.21
C LEU A 96 10.61 -2.59 3.00
N GLU A 97 11.74 -3.13 2.58
CA GLU A 97 13.03 -2.85 3.21
C GLU A 97 13.55 -1.53 2.68
N GLU A 98 14.56 -1.00 3.31
CA GLU A 98 15.25 0.14 2.77
C GLU A 98 16.29 -0.38 1.80
N ALA A 99 15.89 -0.53 0.56
CA ALA A 99 16.75 -1.09 -0.46
C ALA A 99 17.91 -0.19 -0.76
N LYS A 100 19.09 -0.75 -0.80
CA LYS A 100 20.28 0.01 -1.08
C LYS A 100 20.89 -0.48 -2.36
N LYS A 101 21.38 0.43 -3.16
CA LYS A 101 22.07 0.06 -4.35
C LYS A 101 23.53 0.30 -4.12
N VAL A 102 24.29 -0.74 -4.15
CA VAL A 102 25.69 -0.63 -3.89
C VAL A 102 26.49 -0.38 -5.15
N GLN A 103 26.77 0.86 -5.41
CA GLN A 103 27.58 1.23 -6.51
C GLN A 103 29.00 1.25 -6.06
N ILE A 104 29.64 0.12 -6.14
CA ILE A 104 31.00 0.00 -5.71
C ILE A 104 31.93 0.47 -6.81
N GLU A 105 32.68 1.50 -6.52
CA GLU A 105 33.54 2.06 -7.51
C GLU A 105 34.99 1.67 -7.32
N LEU A 106 35.34 0.57 -7.93
CA LEU A 106 36.71 0.15 -8.01
C LEU A 106 37.06 0.15 -9.47
N ASP A 107 37.65 1.23 -9.88
CA ASP A 107 37.89 1.50 -11.28
C ASP A 107 38.98 0.63 -11.85
N THR A 108 39.99 0.34 -11.04
CA THR A 108 41.18 -0.44 -11.46
C THR A 108 41.86 0.20 -12.68
N SER A 109 41.63 1.49 -12.83
CA SER A 109 42.16 2.25 -13.93
C SER A 109 43.46 2.92 -13.53
N LEU A 110 43.46 3.51 -12.33
CA LEU A 110 44.61 4.20 -11.74
C LEU A 110 44.96 5.51 -12.52
N SER A 111 45.58 6.44 -11.84
CA SER A 111 45.96 7.71 -12.43
C SER A 111 47.28 7.60 -13.22
N TYR A 112 47.82 6.40 -13.27
CA TYR A 112 49.05 6.12 -13.95
C TYR A 112 48.75 5.81 -15.41
N ILE A 113 49.07 6.73 -16.25
CA ILE A 113 48.84 6.61 -17.65
C ILE A 113 50.12 6.94 -18.41
N GLY A 1 7.89 13.69 9.93
CA GLY A 1 7.60 13.19 8.58
C GLY A 1 6.31 12.42 8.56
N SER A 2 5.76 12.23 7.40
CA SER A 2 4.51 11.54 7.23
C SER A 2 4.69 10.41 6.21
N MET A 3 4.08 9.28 6.44
CA MET A 3 4.14 8.23 5.47
C MET A 3 3.03 8.39 4.48
N THR A 4 3.39 8.83 3.30
CA THR A 4 2.47 9.01 2.25
C THR A 4 2.81 8.06 1.13
N VAL A 5 1.91 7.18 0.81
CA VAL A 5 2.12 6.24 -0.26
C VAL A 5 1.26 6.68 -1.43
N TYR A 6 1.82 6.67 -2.61
CA TYR A 6 1.10 7.03 -3.78
C TYR A 6 0.67 5.79 -4.55
N ILE A 7 -0.60 5.73 -4.90
CA ILE A 7 -1.18 4.61 -5.61
C ILE A 7 -1.63 5.06 -7.00
N CYS A 8 -1.10 4.47 -8.01
CA CYS A 8 -1.61 4.67 -9.32
C CYS A 8 -1.91 3.31 -9.92
N PRO A 9 -3.17 2.91 -9.90
CA PRO A 9 -3.58 1.59 -10.42
C PRO A 9 -3.64 1.55 -11.94
N GLU A 10 -3.05 2.55 -12.57
CA GLU A 10 -3.07 2.67 -14.00
C GLU A 10 -1.68 2.56 -14.55
N THR A 11 -0.84 3.50 -14.19
CA THR A 11 0.47 3.61 -14.75
C THR A 11 1.57 3.14 -13.78
N GLY A 12 1.19 2.86 -12.53
CA GLY A 12 2.17 2.41 -11.57
C GLY A 12 2.08 0.91 -11.34
N ASP A 13 2.75 0.43 -10.32
CA ASP A 13 2.83 -0.98 -10.04
C ASP A 13 3.13 -1.20 -8.58
N ASP A 14 2.59 -2.26 -8.01
CA ASP A 14 2.77 -2.52 -6.58
C ASP A 14 4.16 -3.06 -6.25
N GLY A 15 4.95 -3.30 -7.27
CA GLY A 15 6.31 -3.75 -7.08
C GLY A 15 7.25 -2.58 -6.88
N ASN A 16 6.70 -1.37 -6.89
CA ASN A 16 7.46 -0.16 -6.67
C ASN A 16 7.63 0.14 -5.20
N ASP A 17 8.23 1.29 -4.91
CA ASP A 17 8.45 1.75 -3.54
C ASP A 17 7.27 2.53 -3.03
N GLY A 18 6.35 2.84 -3.93
CA GLY A 18 5.17 3.58 -3.57
C GLY A 18 5.38 5.07 -3.41
N SER A 19 6.44 5.56 -3.99
CA SER A 19 6.73 6.98 -3.94
C SER A 19 5.95 7.70 -5.06
N GLU A 20 6.03 9.02 -5.11
CA GLU A 20 5.23 9.80 -6.07
C GLU A 20 5.60 9.45 -7.53
N LEU A 21 6.86 9.08 -7.76
CA LEU A 21 7.33 8.70 -9.11
C LEU A 21 7.19 7.22 -9.36
N LYS A 22 6.90 6.47 -8.34
CA LYS A 22 6.73 5.04 -8.46
C LYS A 22 5.54 4.63 -7.65
N PRO A 23 4.37 4.90 -8.14
CA PRO A 23 3.16 4.61 -7.43
C PRO A 23 2.81 3.14 -7.47
N LEU A 24 2.17 2.69 -6.42
CA LEU A 24 1.76 1.33 -6.30
C LEU A 24 0.50 1.15 -7.08
N ARG A 25 0.21 -0.03 -7.53
CA ARG A 25 -0.97 -0.20 -8.34
C ARG A 25 -2.16 -0.65 -7.51
N THR A 26 -1.93 -0.85 -6.24
CA THR A 26 -2.97 -1.21 -5.33
C THR A 26 -2.74 -0.56 -4.00
N LEU A 27 -3.83 -0.27 -3.35
CA LEU A 27 -3.84 0.29 -2.04
C LEU A 27 -3.42 -0.78 -1.04
N TYR A 28 -3.55 -2.04 -1.46
CA TYR A 28 -3.16 -3.19 -0.65
C TYR A 28 -1.68 -3.11 -0.28
N GLN A 29 -0.84 -2.81 -1.27
CA GLN A 29 0.60 -2.73 -1.05
C GLN A 29 0.94 -1.54 -0.15
N ALA A 30 0.18 -0.45 -0.30
CA ALA A 30 0.35 0.74 0.49
C ALA A 30 0.16 0.42 1.98
N MET A 31 -0.83 -0.40 2.27
CA MET A 31 -1.04 -0.83 3.62
C MET A 31 0.02 -1.79 4.13
N ILE A 32 0.58 -2.60 3.24
CA ILE A 32 1.63 -3.55 3.63
C ILE A 32 2.84 -2.79 4.13
N ILE A 33 3.27 -1.83 3.35
CA ILE A 33 4.45 -1.04 3.61
C ILE A 33 4.30 -0.19 4.89
N THR A 34 3.13 0.35 5.08
CA THR A 34 2.92 1.25 6.19
C THR A 34 2.60 0.51 7.47
N LYS A 35 1.74 -0.55 7.38
CA LYS A 35 1.33 -1.36 8.55
C LYS A 35 0.57 -0.48 9.56
N SER A 36 0.10 0.66 9.09
CA SER A 36 -0.53 1.64 9.96
C SER A 36 -2.07 1.58 9.87
N SER A 37 -2.61 0.73 8.98
CA SER A 37 -4.08 0.56 8.74
C SER A 37 -4.80 1.82 8.18
N LYS A 38 -4.14 2.96 8.29
CA LYS A 38 -4.59 4.20 7.81
C LYS A 38 -3.39 5.11 7.88
N GLY A 39 -3.33 6.02 7.00
CA GLY A 39 -2.26 6.95 6.92
C GLY A 39 -2.45 7.74 5.70
N ASP A 40 -1.43 8.37 5.21
CA ASP A 40 -1.59 9.12 4.01
C ASP A 40 -1.43 8.20 2.83
N PHE A 41 -2.52 7.98 2.17
CA PHE A 41 -2.55 7.18 1.00
C PHE A 41 -3.17 7.99 -0.08
N LEU A 42 -2.43 8.31 -1.08
CA LEU A 42 -2.94 9.14 -2.12
C LEU A 42 -3.00 8.38 -3.39
N ILE A 43 -4.15 8.31 -3.96
CA ILE A 43 -4.35 7.55 -5.15
C ILE A 43 -4.57 8.48 -6.34
N ARG A 44 -3.93 8.14 -7.46
CA ARG A 44 -4.02 8.92 -8.66
C ARG A 44 -5.46 8.91 -9.11
N THR A 45 -5.94 10.05 -9.29
CA THR A 45 -7.28 10.32 -9.57
C THR A 45 -7.36 11.25 -10.75
N LYS A 46 -8.40 11.14 -11.55
CA LYS A 46 -8.61 12.09 -12.59
C LYS A 46 -9.79 12.93 -12.22
N LYS A 47 -9.53 14.16 -11.92
CA LYS A 47 -10.53 15.06 -11.46
C LYS A 47 -10.56 16.25 -12.39
N ASP A 48 -11.64 16.38 -13.13
CA ASP A 48 -11.85 17.50 -14.07
C ASP A 48 -10.75 17.55 -15.12
N GLY A 49 -10.27 16.39 -15.52
CA GLY A 49 -9.27 16.30 -16.55
C GLY A 49 -7.85 16.37 -16.02
N LYS A 50 -7.68 16.55 -14.74
CA LYS A 50 -6.36 16.59 -14.15
C LYS A 50 -6.05 15.26 -13.49
N GLN A 51 -4.79 14.88 -13.49
CA GLN A 51 -4.37 13.71 -12.79
C GLN A 51 -3.91 14.22 -11.45
N VAL A 52 -4.53 13.76 -10.43
CA VAL A 52 -4.31 14.28 -9.10
C VAL A 52 -4.15 13.17 -8.11
N TRP A 53 -3.72 13.52 -6.94
CA TRP A 53 -3.59 12.58 -5.88
C TRP A 53 -4.71 12.85 -4.88
N GLU A 54 -5.60 11.92 -4.71
CA GLU A 54 -6.71 12.06 -3.78
C GLU A 54 -6.56 11.04 -2.69
N ALA A 55 -6.94 11.39 -1.49
CA ALA A 55 -6.83 10.51 -0.35
C ALA A 55 -7.68 9.26 -0.53
N ALA A 56 -7.11 8.14 -0.16
CA ALA A 56 -7.79 6.85 -0.23
C ALA A 56 -9.02 6.87 0.65
N SER A 57 -9.99 6.08 0.30
CA SER A 57 -11.24 6.08 0.96
C SER A 57 -11.27 4.97 1.97
N LYS A 58 -11.97 5.18 3.07
CA LYS A 58 -12.05 4.18 4.13
C LYS A 58 -12.60 2.86 3.62
N THR A 59 -13.48 2.93 2.65
CA THR A 59 -14.07 1.76 2.04
C THR A 59 -13.00 0.97 1.25
N ALA A 60 -12.19 1.69 0.49
CA ALA A 60 -11.13 1.09 -0.31
C ALA A 60 -10.02 0.60 0.60
N LEU A 61 -9.73 1.38 1.63
CA LEU A 61 -8.75 1.03 2.62
C LEU A 61 -9.20 -0.24 3.34
N LYS A 62 -10.48 -0.31 3.67
CA LYS A 62 -11.05 -1.45 4.34
C LYS A 62 -10.85 -2.72 3.51
N LYS A 63 -11.04 -2.62 2.20
CA LYS A 63 -10.85 -3.77 1.29
C LYS A 63 -9.39 -4.20 1.26
N SER A 64 -8.52 -3.21 1.31
CA SER A 64 -7.10 -3.43 1.28
C SER A 64 -6.64 -4.10 2.58
N TRP A 65 -7.16 -3.63 3.69
CA TRP A 65 -6.79 -4.12 4.98
C TRP A 65 -7.41 -5.48 5.24
N LYS A 66 -8.64 -5.68 4.79
CA LYS A 66 -9.34 -6.95 4.98
C LYS A 66 -8.57 -8.07 4.29
N ARG A 67 -8.07 -7.79 3.08
CA ARG A 67 -7.29 -8.77 2.35
C ARG A 67 -5.98 -9.01 3.07
N TYR A 68 -5.37 -7.92 3.52
CA TYR A 68 -4.09 -7.92 4.24
C TYR A 68 -4.16 -8.88 5.42
N GLU A 69 -5.21 -8.77 6.21
CA GLU A 69 -5.47 -9.64 7.35
C GLU A 69 -5.55 -11.07 6.89
N GLN A 70 -6.37 -11.30 5.90
CA GLN A 70 -6.61 -12.64 5.38
C GLN A 70 -5.34 -13.31 4.86
N GLU A 71 -4.61 -12.59 4.02
CA GLU A 71 -3.39 -13.10 3.42
C GLU A 71 -2.37 -13.49 4.47
N MET A 72 -2.06 -12.58 5.39
CA MET A 72 -1.02 -12.87 6.40
C MET A 72 -1.51 -13.83 7.47
N LEU A 73 -2.84 -13.92 7.65
CA LEU A 73 -3.42 -14.85 8.60
C LEU A 73 -3.28 -16.27 8.10
N LYS A 74 -3.60 -16.49 6.85
CA LYS A 74 -3.42 -17.81 6.27
C LYS A 74 -1.95 -18.05 6.00
N ASN A 75 -1.28 -17.01 5.53
CA ASN A 75 0.14 -17.00 5.20
C ASN A 75 0.46 -17.98 4.07
N GLU A 76 0.51 -17.47 2.90
CA GLU A 76 0.84 -18.25 1.73
C GLU A 76 2.29 -18.00 1.35
N LYS A 77 2.59 -16.76 1.07
CA LYS A 77 3.88 -16.40 0.55
C LYS A 77 4.68 -15.60 1.56
N VAL A 78 5.96 -15.80 1.54
CA VAL A 78 6.87 -15.00 2.29
C VAL A 78 7.77 -14.25 1.32
N ALA A 79 7.25 -13.18 0.85
CA ALA A 79 7.90 -12.36 -0.13
C ALA A 79 7.52 -10.92 0.08
N ALA A 80 8.38 -10.19 0.71
CA ALA A 80 8.15 -8.79 0.96
C ALA A 80 9.45 -8.05 0.87
N LYS A 81 9.50 -7.10 -0.02
CA LYS A 81 10.65 -6.24 -0.17
C LYS A 81 10.20 -4.83 -0.13
N MET A 82 10.35 -4.23 1.01
CA MET A 82 9.92 -2.88 1.20
C MET A 82 10.83 -2.17 2.15
N LEU A 83 11.35 -1.07 1.71
CA LEU A 83 12.19 -0.24 2.54
C LEU A 83 11.32 0.79 3.22
N GLU A 84 10.85 0.42 4.38
CA GLU A 84 9.94 1.24 5.12
C GLU A 84 10.63 1.90 6.31
N LYS A 85 9.81 2.42 7.28
CA LYS A 85 10.29 3.19 8.46
C LYS A 85 10.57 4.66 8.09
N ASP A 86 11.11 4.85 6.91
CA ASP A 86 11.44 6.18 6.42
C ASP A 86 10.24 6.85 5.79
N ALA A 87 9.78 7.90 6.42
CA ALA A 87 8.64 8.65 5.97
C ALA A 87 9.10 9.84 5.14
N THR A 88 8.20 10.46 4.43
CA THR A 88 8.54 11.61 3.65
C THR A 88 8.12 12.85 4.44
N GLU A 89 8.92 13.86 4.46
CA GLU A 89 8.59 15.01 5.24
C GLU A 89 8.51 16.25 4.40
N VAL A 90 7.35 16.81 4.34
CA VAL A 90 7.10 18.01 3.62
C VAL A 90 6.15 18.91 4.42
N GLY A 91 6.69 19.95 4.99
CA GLY A 91 5.89 20.86 5.75
C GLY A 91 6.34 22.27 5.57
N VAL A 92 7.20 22.71 6.48
CA VAL A 92 7.73 24.07 6.51
C VAL A 92 6.61 25.09 6.78
N LYS A 93 6.53 25.55 7.99
CA LYS A 93 5.52 26.52 8.35
C LYS A 93 6.11 27.91 8.43
N ALA A 94 5.32 28.90 8.14
CA ALA A 94 5.76 30.28 8.19
C ALA A 94 4.94 31.04 9.23
N ALA A 95 5.57 31.39 10.32
CA ALA A 95 4.92 32.14 11.37
C ALA A 95 5.72 33.37 11.69
N LEU A 96 5.11 34.51 11.59
CA LEU A 96 5.75 35.78 11.86
C LEU A 96 4.71 36.80 12.27
N GLU A 97 5.10 37.74 13.08
CA GLU A 97 4.19 38.76 13.53
C GLU A 97 4.33 40.01 12.69
N GLU A 98 3.26 40.35 12.04
CA GLU A 98 3.19 41.50 11.19
C GLU A 98 1.97 42.31 11.64
N ALA A 99 2.23 43.37 12.38
CA ALA A 99 1.18 44.22 12.93
C ALA A 99 1.78 45.48 13.51
N LYS A 100 1.14 46.59 13.29
CA LYS A 100 1.57 47.84 13.83
C LYS A 100 0.64 48.32 14.95
N LYS A 101 1.06 48.12 16.16
CA LYS A 101 0.29 48.53 17.30
C LYS A 101 0.75 49.89 17.75
N VAL A 102 -0.10 50.88 17.62
CA VAL A 102 0.24 52.21 18.03
C VAL A 102 -0.43 52.56 19.36
N GLN A 103 0.35 52.99 20.30
CA GLN A 103 -0.13 53.36 21.61
C GLN A 103 -0.14 54.85 21.73
N ILE A 104 -1.06 55.36 22.49
CA ILE A 104 -1.15 56.77 22.72
C ILE A 104 -0.18 57.18 23.83
N GLU A 105 0.53 58.26 23.60
CA GLU A 105 1.46 58.79 24.58
C GLU A 105 0.68 59.73 25.50
N LEU A 106 0.87 59.61 26.79
CA LEU A 106 0.07 60.37 27.75
C LEU A 106 0.46 61.82 27.88
N ASP A 107 1.40 62.28 27.07
CA ASP A 107 1.84 63.67 27.13
C ASP A 107 0.69 64.59 26.70
N THR A 108 -0.05 64.15 25.68
CA THR A 108 -1.18 64.88 25.17
C THR A 108 -2.46 64.52 25.93
N SER A 109 -2.34 63.61 26.86
CA SER A 109 -3.46 63.18 27.66
C SER A 109 -3.38 63.89 29.01
N LEU A 110 -2.18 64.36 29.35
CA LEU A 110 -1.88 65.06 30.57
C LEU A 110 -2.08 64.18 31.79
N SER A 111 -1.06 63.42 32.12
CA SER A 111 -1.10 62.61 33.29
C SER A 111 -0.60 63.48 34.44
N TYR A 112 -1.49 64.30 34.96
CA TYR A 112 -1.16 65.23 35.99
C TYR A 112 -1.32 64.57 37.32
N ILE A 113 -0.23 64.32 37.96
CA ILE A 113 -0.24 63.75 39.25
C ILE A 113 0.50 64.73 40.18
N GLY A 1 3.32 6.82 13.69
CA GLY A 1 3.92 6.96 12.37
C GLY A 1 2.90 7.35 11.34
N SER A 2 3.35 7.91 10.25
CA SER A 2 2.53 8.32 9.14
C SER A 2 3.38 8.47 7.88
N MET A 3 3.37 7.44 7.07
CA MET A 3 4.10 7.44 5.83
C MET A 3 3.14 7.69 4.69
N THR A 4 3.49 8.61 3.82
CA THR A 4 2.68 8.92 2.68
C THR A 4 3.09 8.05 1.49
N VAL A 5 2.18 7.25 1.03
CA VAL A 5 2.43 6.38 -0.11
C VAL A 5 1.53 6.85 -1.27
N TYR A 6 2.05 6.84 -2.48
CA TYR A 6 1.27 7.24 -3.64
C TYR A 6 0.82 6.01 -4.42
N ILE A 7 -0.43 5.99 -4.78
CA ILE A 7 -1.01 4.89 -5.53
C ILE A 7 -1.47 5.42 -6.88
N CYS A 8 -0.93 4.93 -7.93
CA CYS A 8 -1.44 5.21 -9.23
C CYS A 8 -1.70 3.87 -9.90
N PRO A 9 -2.96 3.41 -9.88
CA PRO A 9 -3.33 2.09 -10.46
C PRO A 9 -3.05 2.00 -11.97
N GLU A 10 -2.76 3.13 -12.58
CA GLU A 10 -2.54 3.18 -14.01
C GLU A 10 -1.05 3.05 -14.34
N THR A 11 -0.31 4.10 -14.05
CA THR A 11 1.09 4.21 -14.43
C THR A 11 2.04 3.72 -13.33
N GLY A 12 1.50 3.34 -12.20
CA GLY A 12 2.36 2.81 -11.16
C GLY A 12 2.30 1.31 -11.14
N ASP A 13 2.92 0.71 -10.17
CA ASP A 13 3.06 -0.73 -10.08
C ASP A 13 3.15 -1.16 -8.63
N ASP A 14 2.65 -2.33 -8.36
CA ASP A 14 2.56 -2.90 -7.01
C ASP A 14 3.94 -3.12 -6.37
N GLY A 15 4.94 -3.40 -7.18
CA GLY A 15 6.25 -3.70 -6.64
C GLY A 15 7.16 -2.50 -6.52
N ASN A 16 6.59 -1.31 -6.56
CA ASN A 16 7.38 -0.08 -6.44
C ASN A 16 7.56 0.35 -4.99
N ASP A 17 8.25 1.46 -4.79
CA ASP A 17 8.51 2.02 -3.46
C ASP A 17 7.34 2.85 -2.97
N GLY A 18 6.40 3.08 -3.86
CA GLY A 18 5.23 3.85 -3.56
C GLY A 18 5.50 5.33 -3.40
N SER A 19 6.52 5.80 -4.05
CA SER A 19 6.86 7.19 -4.04
C SER A 19 6.05 7.88 -5.12
N GLU A 20 6.14 9.19 -5.26
CA GLU A 20 5.34 9.86 -6.26
C GLU A 20 5.85 9.50 -7.67
N LEU A 21 7.16 9.24 -7.77
CA LEU A 21 7.79 8.85 -9.02
C LEU A 21 7.52 7.38 -9.34
N LYS A 22 7.28 6.59 -8.30
CA LYS A 22 6.99 5.17 -8.46
C LYS A 22 5.78 4.84 -7.63
N PRO A 23 4.62 5.21 -8.10
CA PRO A 23 3.42 4.94 -7.36
C PRO A 23 3.07 3.45 -7.38
N LEU A 24 2.34 3.04 -6.40
CA LEU A 24 1.89 1.67 -6.31
C LEU A 24 0.66 1.52 -7.12
N ARG A 25 0.30 0.32 -7.44
CA ARG A 25 -0.88 0.12 -8.24
C ARG A 25 -2.02 -0.38 -7.36
N THR A 26 -1.72 -0.56 -6.09
CA THR A 26 -2.69 -0.98 -5.13
C THR A 26 -2.60 -0.12 -3.89
N LEU A 27 -3.72 0.08 -3.25
CA LEU A 27 -3.75 0.73 -1.96
C LEU A 27 -3.32 -0.29 -0.91
N TYR A 28 -3.54 -1.53 -1.27
CA TYR A 28 -3.16 -2.66 -0.47
C TYR A 28 -1.63 -2.70 -0.21
N GLN A 29 -0.81 -2.47 -1.25
CA GLN A 29 0.65 -2.47 -1.06
C GLN A 29 1.08 -1.28 -0.19
N ALA A 30 0.38 -0.17 -0.30
CA ALA A 30 0.62 1.00 0.52
C ALA A 30 0.49 0.62 2.00
N MET A 31 -0.51 -0.19 2.28
CA MET A 31 -0.74 -0.71 3.60
C MET A 31 0.31 -1.74 3.98
N ILE A 32 0.80 -2.51 3.03
CA ILE A 32 1.81 -3.52 3.30
C ILE A 32 3.15 -2.90 3.66
N ILE A 33 3.48 -1.81 3.01
CA ILE A 33 4.70 -1.12 3.28
C ILE A 33 4.66 -0.41 4.63
N THR A 34 3.56 0.24 4.91
CA THR A 34 3.44 1.03 6.11
C THR A 34 3.01 0.19 7.32
N LYS A 35 2.14 -0.80 7.05
CA LYS A 35 1.55 -1.70 8.05
C LYS A 35 0.79 -0.95 9.11
N SER A 36 0.43 0.27 8.80
CA SER A 36 -0.25 1.14 9.72
C SER A 36 -1.77 1.08 9.51
N SER A 37 -2.20 0.34 8.46
CA SER A 37 -3.61 0.24 8.01
C SER A 37 -4.06 1.60 7.44
N LYS A 38 -4.12 2.58 8.31
CA LYS A 38 -4.49 3.88 8.00
C LYS A 38 -3.27 4.75 8.15
N GLY A 39 -2.86 5.29 7.08
CA GLY A 39 -1.77 6.22 7.03
C GLY A 39 -2.13 7.27 6.03
N ASP A 40 -1.20 7.97 5.47
CA ASP A 40 -1.60 8.91 4.46
C ASP A 40 -1.30 8.33 3.14
N PHE A 41 -2.32 8.04 2.42
CA PHE A 41 -2.16 7.42 1.16
C PHE A 41 -2.82 8.26 0.13
N LEU A 42 -2.09 8.63 -0.87
CA LEU A 42 -2.62 9.46 -1.90
C LEU A 42 -2.74 8.66 -3.14
N ILE A 43 -3.93 8.58 -3.66
CA ILE A 43 -4.16 7.80 -4.81
C ILE A 43 -4.47 8.70 -5.97
N ARG A 44 -3.93 8.34 -7.10
CA ARG A 44 -4.16 9.05 -8.29
C ARG A 44 -5.60 8.82 -8.68
N THR A 45 -6.29 9.86 -8.79
CA THR A 45 -7.68 9.81 -9.05
C THR A 45 -7.95 10.53 -10.34
N LYS A 46 -9.02 10.17 -10.97
CA LYS A 46 -9.35 10.71 -12.25
C LYS A 46 -10.49 11.67 -12.07
N LYS A 47 -10.19 12.93 -12.23
CA LYS A 47 -11.14 13.99 -12.03
C LYS A 47 -11.20 14.85 -13.25
N ASP A 48 -12.30 14.74 -13.98
CA ASP A 48 -12.58 15.52 -15.21
C ASP A 48 -11.42 15.51 -16.19
N GLY A 49 -10.82 14.36 -16.37
CA GLY A 49 -9.71 14.23 -17.31
C GLY A 49 -8.36 14.54 -16.70
N LYS A 50 -8.35 14.95 -15.47
CA LYS A 50 -7.11 15.26 -14.80
C LYS A 50 -6.83 14.20 -13.75
N GLN A 51 -5.62 13.72 -13.71
CA GLN A 51 -5.23 12.77 -12.75
C GLN A 51 -4.50 13.50 -11.65
N VAL A 52 -4.99 13.40 -10.45
CA VAL A 52 -4.40 14.12 -9.31
C VAL A 52 -4.26 13.17 -8.14
N TRP A 53 -3.59 13.59 -7.08
CA TRP A 53 -3.46 12.75 -5.91
C TRP A 53 -4.53 13.12 -4.89
N GLU A 54 -5.37 12.16 -4.58
CA GLU A 54 -6.41 12.36 -3.61
C GLU A 54 -6.26 11.33 -2.51
N ALA A 55 -6.51 11.76 -1.28
CA ALA A 55 -6.39 10.90 -0.12
C ALA A 55 -7.36 9.73 -0.19
N ALA A 56 -6.93 8.59 0.29
CA ALA A 56 -7.75 7.40 0.36
C ALA A 56 -8.86 7.58 1.40
N SER A 57 -9.83 6.70 1.37
CA SER A 57 -10.95 6.81 2.25
C SER A 57 -11.07 5.52 3.00
N LYS A 58 -11.68 5.57 4.17
CA LYS A 58 -11.79 4.43 5.07
C LYS A 58 -12.45 3.21 4.40
N THR A 59 -13.39 3.44 3.50
CA THR A 59 -14.02 2.34 2.76
C THR A 59 -13.02 1.67 1.79
N ALA A 60 -12.19 2.47 1.13
CA ALA A 60 -11.22 1.94 0.20
C ALA A 60 -10.09 1.29 0.96
N LEU A 61 -9.77 1.89 2.10
CA LEU A 61 -8.77 1.35 2.97
C LEU A 61 -9.20 -0.02 3.50
N LYS A 62 -10.42 -0.11 4.04
CA LYS A 62 -10.92 -1.36 4.56
C LYS A 62 -10.97 -2.43 3.48
N LYS A 63 -11.30 -2.03 2.25
CA LYS A 63 -11.35 -2.94 1.15
C LYS A 63 -9.96 -3.52 0.87
N SER A 64 -8.97 -2.67 0.85
CA SER A 64 -7.62 -3.08 0.60
C SER A 64 -7.06 -3.88 1.77
N TRP A 65 -7.31 -3.42 2.98
CA TRP A 65 -6.83 -4.07 4.17
C TRP A 65 -7.49 -5.43 4.36
N LYS A 66 -8.70 -5.58 3.85
CA LYS A 66 -9.41 -6.85 3.92
C LYS A 66 -8.57 -7.96 3.22
N ARG A 67 -7.74 -7.56 2.22
CA ARG A 67 -6.81 -8.49 1.58
C ARG A 67 -5.68 -8.86 2.55
N TYR A 68 -5.36 -7.96 3.44
CA TYR A 68 -4.26 -8.13 4.38
C TYR A 68 -4.67 -9.16 5.43
N GLU A 69 -5.91 -9.04 5.90
CA GLU A 69 -6.51 -9.99 6.86
C GLU A 69 -6.47 -11.36 6.26
N GLN A 70 -6.82 -11.43 5.00
CA GLN A 70 -6.78 -12.67 4.27
C GLN A 70 -5.38 -13.26 4.23
N GLU A 71 -4.36 -12.41 4.13
CA GLU A 71 -2.97 -12.85 4.13
C GLU A 71 -2.46 -13.25 5.52
N MET A 72 -2.93 -12.60 6.53
CA MET A 72 -2.56 -12.98 7.91
C MET A 72 -3.19 -14.34 8.23
N LEU A 73 -4.37 -14.51 7.70
CA LEU A 73 -5.17 -15.71 7.78
C LEU A 73 -4.64 -16.80 6.79
N LYS A 74 -3.94 -16.34 5.78
CA LYS A 74 -3.37 -17.14 4.69
C LYS A 74 -2.26 -18.08 5.19
N ASN A 75 -1.64 -17.71 6.31
CA ASN A 75 -0.50 -18.47 6.86
C ASN A 75 -0.90 -19.92 7.17
N GLU A 76 -1.74 -20.11 8.15
CA GLU A 76 -2.21 -21.44 8.47
C GLU A 76 -3.64 -21.56 8.01
N LYS A 77 -4.08 -22.79 7.72
CA LYS A 77 -5.44 -23.08 7.21
C LYS A 77 -5.56 -22.66 5.73
N VAL A 78 -5.01 -21.50 5.42
CA VAL A 78 -4.92 -20.94 4.09
C VAL A 78 -6.29 -20.59 3.51
N ALA A 79 -6.60 -19.34 3.56
CA ALA A 79 -7.80 -18.83 2.97
C ALA A 79 -7.44 -18.07 1.72
N ALA A 80 -7.59 -18.70 0.60
CA ALA A 80 -7.25 -18.09 -0.65
C ALA A 80 -8.41 -17.31 -1.21
N LYS A 81 -8.34 -16.02 -1.10
CA LYS A 81 -9.32 -15.13 -1.66
C LYS A 81 -8.59 -13.90 -2.10
N MET A 82 -8.83 -13.46 -3.31
CA MET A 82 -8.08 -12.36 -3.84
C MET A 82 -8.96 -11.13 -4.13
N LEU A 83 -9.92 -11.30 -5.06
CA LEU A 83 -10.70 -10.20 -5.65
C LEU A 83 -9.76 -9.45 -6.57
N GLU A 84 -9.93 -9.64 -7.84
CA GLU A 84 -8.99 -9.13 -8.78
C GLU A 84 -9.57 -8.04 -9.65
N LYS A 85 -9.12 -6.85 -9.44
CA LYS A 85 -9.39 -5.75 -10.36
C LYS A 85 -8.08 -5.62 -11.15
N ASP A 86 -6.99 -5.91 -10.42
CA ASP A 86 -5.61 -5.95 -10.88
C ASP A 86 -5.06 -4.59 -11.20
N ALA A 87 -5.44 -4.02 -12.32
CA ALA A 87 -4.91 -2.74 -12.73
C ALA A 87 -5.75 -2.15 -13.84
N THR A 88 -5.30 -1.03 -14.32
CA THR A 88 -5.89 -0.33 -15.43
C THR A 88 -4.76 0.51 -15.99
N GLU A 89 -4.86 0.98 -17.21
CA GLU A 89 -3.82 1.80 -17.75
C GLU A 89 -4.38 2.83 -18.69
N VAL A 90 -4.29 4.07 -18.31
CA VAL A 90 -4.63 5.15 -19.18
C VAL A 90 -3.36 5.89 -19.52
N GLY A 91 -3.32 6.46 -20.70
CA GLY A 91 -2.14 7.18 -21.13
C GLY A 91 -2.02 8.52 -20.45
N VAL A 92 -1.48 8.53 -19.26
CA VAL A 92 -1.25 9.76 -18.53
C VAL A 92 -0.15 10.53 -19.22
N LYS A 93 -0.53 11.55 -19.93
CA LYS A 93 0.40 12.31 -20.71
C LYS A 93 0.87 13.48 -19.87
N ALA A 94 2.11 13.44 -19.47
CA ALA A 94 2.67 14.50 -18.68
C ALA A 94 3.20 15.58 -19.60
N ALA A 95 2.68 16.78 -19.46
CA ALA A 95 3.12 17.89 -20.27
C ALA A 95 4.50 18.34 -19.80
N LEU A 96 5.42 18.37 -20.71
CA LEU A 96 6.79 18.73 -20.37
C LEU A 96 6.98 20.23 -20.30
N GLU A 97 7.94 20.64 -19.52
CA GLU A 97 8.23 22.03 -19.39
C GLU A 97 9.46 22.37 -20.19
N GLU A 98 9.40 23.49 -20.86
CA GLU A 98 10.53 23.96 -21.62
C GLU A 98 11.43 24.75 -20.68
N ALA A 99 12.48 24.12 -20.22
CA ALA A 99 13.36 24.75 -19.27
C ALA A 99 14.80 24.43 -19.52
N LYS A 100 15.39 25.20 -20.40
CA LYS A 100 16.79 25.11 -20.69
C LYS A 100 17.26 26.46 -21.19
N LYS A 101 18.40 26.87 -20.75
CA LYS A 101 18.91 28.18 -21.04
C LYS A 101 20.43 28.13 -21.03
N VAL A 102 21.06 28.48 -22.11
CA VAL A 102 22.50 28.49 -22.13
C VAL A 102 23.06 29.90 -22.02
N GLN A 103 23.86 30.11 -21.01
CA GLN A 103 24.47 31.38 -20.77
C GLN A 103 25.96 31.23 -20.86
N ILE A 104 26.57 32.04 -21.68
CA ILE A 104 27.98 32.00 -21.86
C ILE A 104 28.51 33.39 -22.14
N GLU A 105 28.93 34.04 -21.10
CA GLU A 105 29.49 35.35 -21.20
C GLU A 105 30.98 35.30 -21.02
N LEU A 106 31.66 36.22 -21.63
CA LEU A 106 33.08 36.30 -21.52
C LEU A 106 33.44 37.49 -20.67
N ASP A 107 34.61 37.47 -20.10
CA ASP A 107 35.03 38.54 -19.21
C ASP A 107 35.50 39.71 -20.04
N THR A 108 36.49 39.44 -20.91
CA THR A 108 37.09 40.42 -21.87
C THR A 108 37.51 41.77 -21.23
N SER A 109 37.62 41.79 -19.93
CA SER A 109 37.90 42.98 -19.19
C SER A 109 39.40 43.25 -19.04
N LEU A 110 40.20 42.17 -19.13
CA LEU A 110 41.67 42.24 -18.97
C LEU A 110 42.02 42.72 -17.56
N SER A 111 43.29 43.08 -17.35
CA SER A 111 43.75 43.63 -16.08
C SER A 111 43.57 42.62 -14.93
N TYR A 112 43.77 41.35 -15.23
CA TYR A 112 43.60 40.31 -14.24
C TYR A 112 44.87 40.21 -13.43
N ILE A 113 44.71 40.21 -12.11
CA ILE A 113 45.78 40.26 -11.13
C ILE A 113 46.83 41.34 -11.43
N GLY A 1 2.98 6.71 12.80
CA GLY A 1 3.42 7.70 11.80
C GLY A 1 2.55 7.65 10.59
N SER A 2 2.38 8.77 9.94
CA SER A 2 1.54 8.87 8.78
C SER A 2 2.36 8.93 7.49
N MET A 3 2.54 7.79 6.88
CA MET A 3 3.24 7.70 5.63
C MET A 3 2.26 7.90 4.50
N THR A 4 2.68 8.58 3.48
CA THR A 4 1.84 8.82 2.35
C THR A 4 2.26 7.97 1.17
N VAL A 5 1.38 7.11 0.74
CA VAL A 5 1.65 6.23 -0.37
C VAL A 5 0.82 6.70 -1.55
N TYR A 6 1.40 6.66 -2.73
CA TYR A 6 0.70 7.06 -3.91
C TYR A 6 0.33 5.82 -4.74
N ILE A 7 -0.93 5.75 -5.14
CA ILE A 7 -1.44 4.61 -5.90
C ILE A 7 -1.87 5.08 -7.29
N CYS A 8 -1.24 4.59 -8.29
CA CYS A 8 -1.72 4.78 -9.63
C CYS A 8 -1.80 3.44 -10.32
N PRO A 9 -2.97 2.79 -10.31
CA PRO A 9 -3.14 1.46 -10.95
C PRO A 9 -2.98 1.51 -12.47
N GLU A 10 -2.95 2.72 -12.98
CA GLU A 10 -2.94 2.97 -14.40
C GLU A 10 -1.54 2.85 -14.98
N THR A 11 -0.60 3.53 -14.35
CA THR A 11 0.74 3.61 -14.89
C THR A 11 1.81 3.29 -13.83
N GLY A 12 1.37 2.97 -12.62
CA GLY A 12 2.32 2.55 -11.63
C GLY A 12 2.27 1.05 -11.51
N ASP A 13 2.63 0.53 -10.37
CA ASP A 13 2.70 -0.90 -10.17
C ASP A 13 2.94 -1.19 -8.70
N ASP A 14 2.44 -2.31 -8.23
CA ASP A 14 2.56 -2.67 -6.81
C ASP A 14 3.94 -3.21 -6.45
N GLY A 15 4.83 -3.25 -7.42
CA GLY A 15 6.20 -3.64 -7.14
C GLY A 15 7.07 -2.41 -6.91
N ASN A 16 6.48 -1.26 -7.11
CA ASN A 16 7.14 0.02 -6.92
C ASN A 16 7.32 0.36 -5.44
N ASP A 17 7.93 1.49 -5.18
CA ASP A 17 8.21 1.93 -3.80
C ASP A 17 7.02 2.71 -3.24
N GLY A 18 6.09 3.02 -4.11
CA GLY A 18 4.93 3.79 -3.73
C GLY A 18 5.21 5.25 -3.59
N SER A 19 6.22 5.72 -4.27
CA SER A 19 6.59 7.11 -4.28
C SER A 19 5.63 7.83 -5.23
N GLU A 20 5.71 9.15 -5.33
CA GLU A 20 4.83 9.87 -6.23
C GLU A 20 5.15 9.51 -7.70
N LEU A 21 6.43 9.38 -8.00
CA LEU A 21 6.85 9.00 -9.34
C LEU A 21 6.94 7.49 -9.51
N LYS A 22 6.62 6.76 -8.46
CA LYS A 22 6.55 5.31 -8.51
C LYS A 22 5.35 4.84 -7.73
N PRO A 23 4.16 5.15 -8.21
CA PRO A 23 2.95 4.80 -7.52
C PRO A 23 2.66 3.30 -7.60
N LEU A 24 1.99 2.81 -6.59
CA LEU A 24 1.62 1.41 -6.53
C LEU A 24 0.38 1.19 -7.35
N ARG A 25 0.11 -0.03 -7.70
CA ARG A 25 -1.09 -0.27 -8.47
C ARG A 25 -2.20 -0.79 -7.59
N THR A 26 -1.87 -1.05 -6.34
CA THR A 26 -2.84 -1.55 -5.40
C THR A 26 -2.77 -0.75 -4.11
N LEU A 27 -3.91 -0.59 -3.49
CA LEU A 27 -4.01 0.07 -2.21
C LEU A 27 -3.57 -0.93 -1.12
N TYR A 28 -3.66 -2.19 -1.50
CA TYR A 28 -3.19 -3.30 -0.70
C TYR A 28 -1.69 -3.17 -0.42
N GLN A 29 -0.89 -2.93 -1.47
CA GLN A 29 0.57 -2.78 -1.31
C GLN A 29 0.88 -1.54 -0.46
N ALA A 30 0.02 -0.53 -0.56
CA ALA A 30 0.16 0.68 0.23
C ALA A 30 0.09 0.35 1.71
N MET A 31 -0.84 -0.51 2.08
CA MET A 31 -0.92 -0.97 3.43
C MET A 31 0.19 -1.91 3.81
N ILE A 32 0.68 -2.71 2.86
CA ILE A 32 1.80 -3.62 3.12
C ILE A 32 3.02 -2.83 3.56
N ILE A 33 3.33 -1.79 2.83
CA ILE A 33 4.48 -0.97 3.10
C ILE A 33 4.33 -0.21 4.43
N THR A 34 3.16 0.39 4.64
CA THR A 34 2.96 1.22 5.78
C THR A 34 2.75 0.40 7.04
N LYS A 35 2.00 -0.70 6.91
CA LYS A 35 1.67 -1.61 8.03
C LYS A 35 0.91 -0.86 9.12
N SER A 36 0.37 0.29 8.77
CA SER A 36 -0.25 1.15 9.74
C SER A 36 -1.79 1.03 9.74
N SER A 37 -2.38 0.50 8.66
CA SER A 37 -3.87 0.36 8.56
C SER A 37 -4.57 1.75 8.56
N LYS A 38 -3.79 2.78 8.28
CA LYS A 38 -4.22 4.14 8.33
C LYS A 38 -3.08 4.95 7.80
N GLY A 39 -3.34 6.17 7.53
CA GLY A 39 -2.32 7.06 7.04
C GLY A 39 -2.81 7.82 5.86
N ASP A 40 -1.90 8.26 5.03
CA ASP A 40 -2.28 8.98 3.85
C ASP A 40 -2.09 8.12 2.65
N PHE A 41 -3.17 7.79 2.04
CA PHE A 41 -3.14 6.97 0.87
C PHE A 41 -3.76 7.75 -0.25
N LEU A 42 -2.95 8.14 -1.19
CA LEU A 42 -3.40 9.01 -2.24
C LEU A 42 -3.38 8.28 -3.55
N ILE A 43 -4.50 8.24 -4.20
CA ILE A 43 -4.64 7.56 -5.43
C ILE A 43 -4.82 8.57 -6.55
N ARG A 44 -4.16 8.31 -7.69
CA ARG A 44 -4.20 9.18 -8.82
C ARG A 44 -5.63 9.28 -9.35
N THR A 45 -6.06 10.47 -9.55
CA THR A 45 -7.38 10.74 -10.04
C THR A 45 -7.27 11.81 -11.12
N LYS A 46 -8.23 11.85 -12.00
CA LYS A 46 -8.26 12.85 -13.02
C LYS A 46 -9.31 13.82 -12.63
N LYS A 47 -8.92 15.01 -12.38
CA LYS A 47 -9.84 15.98 -11.93
C LYS A 47 -9.64 17.24 -12.73
N ASP A 48 -10.62 17.50 -13.59
CA ASP A 48 -10.65 18.68 -14.48
C ASP A 48 -9.48 18.69 -15.46
N GLY A 49 -9.08 17.51 -15.88
CA GLY A 49 -8.04 17.38 -16.87
C GLY A 49 -6.67 17.34 -16.28
N LYS A 50 -6.59 17.27 -14.99
CA LYS A 50 -5.32 17.19 -14.33
C LYS A 50 -5.21 15.89 -13.60
N GLN A 51 -4.04 15.28 -13.65
CA GLN A 51 -3.82 14.10 -12.89
C GLN A 51 -3.36 14.53 -11.53
N VAL A 52 -4.11 14.19 -10.53
CA VAL A 52 -3.83 14.64 -9.19
C VAL A 52 -4.02 13.50 -8.22
N TRP A 53 -3.67 13.74 -7.00
CA TRP A 53 -3.77 12.75 -5.98
C TRP A 53 -5.02 12.99 -5.15
N GLU A 54 -5.72 11.94 -4.87
CA GLU A 54 -6.92 12.00 -4.07
C GLU A 54 -6.88 10.93 -3.01
N ALA A 55 -7.27 11.29 -1.81
CA ALA A 55 -7.23 10.37 -0.68
C ALA A 55 -8.22 9.23 -0.83
N ALA A 56 -7.82 8.07 -0.36
CA ALA A 56 -8.64 6.89 -0.33
C ALA A 56 -9.76 7.01 0.73
N SER A 57 -10.51 5.95 0.90
CA SER A 57 -11.62 5.95 1.80
C SER A 57 -11.45 4.80 2.77
N LYS A 58 -11.99 4.93 3.98
CA LYS A 58 -11.87 3.91 5.00
C LYS A 58 -12.46 2.59 4.54
N THR A 59 -13.49 2.67 3.72
CA THR A 59 -14.15 1.50 3.22
C THR A 59 -13.26 0.76 2.19
N ALA A 60 -12.51 1.52 1.42
CA ALA A 60 -11.56 0.94 0.46
C ALA A 60 -10.35 0.40 1.21
N LEU A 61 -9.93 1.15 2.19
CA LEU A 61 -8.81 0.77 3.03
C LEU A 61 -9.10 -0.53 3.78
N LYS A 62 -10.34 -0.68 4.21
CA LYS A 62 -10.78 -1.85 4.94
C LYS A 62 -10.64 -3.10 4.02
N LYS A 63 -10.96 -2.94 2.74
CA LYS A 63 -10.85 -4.04 1.78
C LYS A 63 -9.39 -4.37 1.51
N SER A 64 -8.54 -3.38 1.66
CA SER A 64 -7.14 -3.53 1.41
C SER A 64 -6.46 -4.23 2.57
N TRP A 65 -6.90 -3.93 3.79
CA TRP A 65 -6.38 -4.58 4.95
C TRP A 65 -6.94 -6.00 5.02
N LYS A 66 -8.13 -6.18 4.46
CA LYS A 66 -8.80 -7.48 4.48
C LYS A 66 -7.92 -8.59 3.93
N ARG A 67 -7.33 -8.38 2.77
CA ARG A 67 -6.49 -9.41 2.17
C ARG A 67 -5.19 -9.54 3.00
N TYR A 68 -4.76 -8.42 3.55
CA TYR A 68 -3.54 -8.34 4.35
C TYR A 68 -3.73 -9.13 5.65
N GLU A 69 -4.90 -9.00 6.26
CA GLU A 69 -5.25 -9.74 7.45
C GLU A 69 -5.47 -11.19 7.15
N GLN A 70 -5.93 -11.51 5.92
CA GLN A 70 -6.06 -12.91 5.53
C GLN A 70 -4.70 -13.57 5.55
N GLU A 71 -3.69 -12.86 5.06
CA GLU A 71 -2.34 -13.36 5.01
C GLU A 71 -1.78 -13.67 6.39
N MET A 72 -1.87 -12.73 7.32
CA MET A 72 -1.35 -12.97 8.68
C MET A 72 -2.20 -13.99 9.44
N LEU A 73 -3.44 -14.11 9.03
CA LEU A 73 -4.33 -15.08 9.62
C LEU A 73 -4.05 -16.49 9.07
N LYS A 74 -3.80 -16.57 7.77
CA LYS A 74 -3.52 -17.83 7.10
C LYS A 74 -2.12 -18.33 7.44
N ASN A 75 -1.16 -17.44 7.38
CA ASN A 75 0.23 -17.78 7.65
C ASN A 75 0.51 -17.73 9.12
N GLU A 76 0.93 -18.85 9.65
CA GLU A 76 1.22 -18.95 11.06
C GLU A 76 2.51 -18.23 11.42
N LYS A 77 2.35 -17.03 11.94
CA LYS A 77 3.45 -16.22 12.40
C LYS A 77 3.14 -15.72 13.79
N VAL A 78 2.07 -14.98 13.91
CA VAL A 78 1.61 -14.45 15.16
C VAL A 78 0.11 -14.15 15.09
N ALA A 79 -0.64 -14.94 15.77
CA ALA A 79 -2.08 -14.77 15.83
C ALA A 79 -2.46 -14.15 17.14
N ALA A 80 -2.76 -12.86 17.11
CA ALA A 80 -3.13 -12.13 18.31
C ALA A 80 -3.99 -10.94 17.94
N LYS A 81 -4.52 -10.26 18.93
CA LYS A 81 -5.33 -9.09 18.72
C LYS A 81 -4.46 -7.87 18.53
N MET A 82 -4.28 -7.48 17.30
CA MET A 82 -3.45 -6.34 16.97
C MET A 82 -4.25 -5.06 17.07
N LEU A 83 -5.55 -5.18 16.94
CA LEU A 83 -6.45 -4.07 17.11
C LEU A 83 -7.16 -4.22 18.45
N GLU A 84 -6.60 -3.62 19.47
CA GLU A 84 -7.14 -3.72 20.80
C GLU A 84 -8.12 -2.58 21.16
N LYS A 85 -7.58 -1.43 21.52
CA LYS A 85 -8.35 -0.22 21.86
C LYS A 85 -9.39 -0.43 22.96
N ASP A 86 -8.94 -0.32 24.20
CA ASP A 86 -9.86 -0.39 25.33
C ASP A 86 -10.43 0.98 25.58
N ALA A 87 -11.66 1.16 25.20
CA ALA A 87 -12.34 2.43 25.40
C ALA A 87 -13.23 2.35 26.62
N THR A 88 -13.14 1.24 27.29
CA THR A 88 -13.91 0.96 28.47
C THR A 88 -13.40 1.77 29.66
N GLU A 89 -14.30 2.50 30.26
CA GLU A 89 -13.99 3.28 31.43
C GLU A 89 -14.77 2.70 32.59
N VAL A 90 -14.19 2.71 33.76
CA VAL A 90 -14.81 2.09 34.91
C VAL A 90 -15.68 3.08 35.69
N GLY A 91 -16.83 2.63 36.10
CA GLY A 91 -17.72 3.44 36.89
C GLY A 91 -17.77 2.90 38.29
N VAL A 92 -17.47 3.74 39.26
CA VAL A 92 -17.43 3.30 40.63
C VAL A 92 -18.35 4.15 41.52
N LYS A 93 -18.94 3.53 42.51
CA LYS A 93 -19.80 4.22 43.45
C LYS A 93 -18.97 4.90 44.54
N ALA A 94 -18.79 6.19 44.40
CA ALA A 94 -18.03 6.93 45.39
C ALA A 94 -18.97 7.63 46.35
N ALA A 95 -19.31 6.94 47.40
CA ALA A 95 -20.19 7.44 48.44
C ALA A 95 -19.86 6.74 49.73
N LEU A 96 -19.66 7.50 50.78
CA LEU A 96 -19.29 6.95 52.07
C LEU A 96 -20.42 6.14 52.69
N GLU A 97 -20.20 4.85 52.80
CA GLU A 97 -21.16 3.99 53.42
C GLU A 97 -20.76 3.92 54.90
N GLU A 98 -21.50 4.61 55.72
CA GLU A 98 -21.15 4.79 57.13
C GLU A 98 -21.30 3.52 57.95
N ALA A 99 -20.30 3.25 58.75
CA ALA A 99 -20.30 2.14 59.64
C ALA A 99 -20.75 2.61 61.02
N LYS A 100 -21.86 2.09 61.48
CA LYS A 100 -22.42 2.48 62.76
C LYS A 100 -21.57 1.96 63.91
N LYS A 101 -20.75 2.84 64.43
CA LYS A 101 -19.85 2.52 65.51
C LYS A 101 -20.60 2.57 66.83
N VAL A 102 -20.34 1.61 67.70
CA VAL A 102 -20.99 1.54 68.99
C VAL A 102 -20.41 2.58 69.94
N GLN A 103 -21.08 2.83 71.04
CA GLN A 103 -20.63 3.81 71.99
C GLN A 103 -20.83 3.33 73.42
N ILE A 104 -19.76 2.91 74.03
CA ILE A 104 -19.79 2.49 75.40
C ILE A 104 -19.60 3.71 76.27
N GLU A 105 -20.64 4.08 76.93
CA GLU A 105 -20.64 5.27 77.74
C GLU A 105 -20.60 4.95 79.20
N LEU A 106 -21.18 3.80 79.53
CA LEU A 106 -21.39 3.37 80.91
C LEU A 106 -22.42 4.30 81.55
N ASP A 107 -23.66 3.96 81.34
CA ASP A 107 -24.80 4.77 81.73
C ASP A 107 -24.87 5.00 83.21
N THR A 108 -24.86 3.91 83.98
CA THR A 108 -25.00 3.96 85.43
C THR A 108 -26.19 4.81 85.87
N SER A 109 -27.37 4.30 85.61
CA SER A 109 -28.58 5.05 85.87
C SER A 109 -29.08 4.80 87.28
N LEU A 110 -29.11 3.54 87.71
CA LEU A 110 -29.63 3.17 89.02
C LEU A 110 -28.74 3.78 90.10
N SER A 111 -29.19 4.87 90.68
CA SER A 111 -28.43 5.59 91.66
C SER A 111 -29.35 6.36 92.62
N TYR A 112 -29.32 6.00 93.88
CA TYR A 112 -30.17 6.65 94.86
C TYR A 112 -29.41 6.99 96.13
N ILE A 113 -29.50 8.24 96.53
CA ILE A 113 -28.87 8.73 97.72
C ILE A 113 -29.43 10.12 98.09
N GLY A 1 5.93 4.36 11.75
CA GLY A 1 4.99 4.28 10.64
C GLY A 1 4.78 5.63 10.01
N SER A 2 3.53 5.92 9.67
CA SER A 2 3.10 7.16 9.03
C SER A 2 3.90 7.51 7.77
N MET A 3 3.62 6.81 6.69
CA MET A 3 4.22 7.11 5.40
C MET A 3 3.16 7.62 4.47
N THR A 4 3.51 8.57 3.65
CA THR A 4 2.61 9.01 2.64
C THR A 4 2.86 8.14 1.41
N VAL A 5 1.86 7.39 1.02
CA VAL A 5 2.01 6.47 -0.09
C VAL A 5 1.16 6.95 -1.26
N TYR A 6 1.74 6.95 -2.43
CA TYR A 6 1.05 7.33 -3.62
C TYR A 6 0.64 6.09 -4.42
N ILE A 7 -0.63 6.02 -4.78
CA ILE A 7 -1.18 4.90 -5.52
C ILE A 7 -1.57 5.35 -6.92
N CYS A 8 -1.02 4.74 -7.90
CA CYS A 8 -1.42 4.96 -9.24
C CYS A 8 -1.78 3.64 -9.89
N PRO A 9 -3.06 3.30 -9.96
CA PRO A 9 -3.51 2.07 -10.63
C PRO A 9 -3.54 2.24 -12.16
N GLU A 10 -2.93 3.31 -12.61
CA GLU A 10 -2.87 3.65 -14.01
C GLU A 10 -1.55 3.19 -14.57
N THR A 11 -0.48 3.79 -14.09
CA THR A 11 0.83 3.59 -14.63
C THR A 11 1.88 3.20 -13.58
N GLY A 12 1.47 2.89 -12.35
CA GLY A 12 2.45 2.49 -11.38
C GLY A 12 2.35 1.02 -11.18
N ASP A 13 3.09 0.50 -10.26
CA ASP A 13 3.07 -0.93 -10.02
C ASP A 13 3.06 -1.17 -8.54
N ASP A 14 2.45 -2.25 -8.11
CA ASP A 14 2.27 -2.53 -6.70
C ASP A 14 3.53 -3.10 -6.06
N GLY A 15 4.57 -3.28 -6.84
CA GLY A 15 5.80 -3.77 -6.30
C GLY A 15 6.80 -2.65 -6.06
N ASN A 16 6.35 -1.42 -6.20
CA ASN A 16 7.23 -0.25 -6.01
C ASN A 16 7.37 0.17 -4.56
N ASP A 17 8.08 1.26 -4.38
CA ASP A 17 8.32 1.90 -3.09
C ASP A 17 7.09 2.67 -2.62
N GLY A 18 6.25 3.06 -3.56
CA GLY A 18 5.05 3.80 -3.23
C GLY A 18 5.25 5.28 -3.11
N SER A 19 6.31 5.76 -3.72
CA SER A 19 6.59 7.17 -3.75
C SER A 19 5.77 7.78 -4.90
N GLU A 20 5.84 9.10 -5.08
CA GLU A 20 5.08 9.74 -6.13
C GLU A 20 5.65 9.33 -7.50
N LEU A 21 6.94 9.03 -7.51
CA LEU A 21 7.63 8.65 -8.73
C LEU A 21 7.50 7.15 -9.00
N LYS A 22 7.17 6.41 -7.96
CA LYS A 22 6.96 4.98 -8.08
C LYS A 22 5.70 4.65 -7.34
N PRO A 23 4.58 5.00 -7.90
CA PRO A 23 3.32 4.82 -7.25
C PRO A 23 2.87 3.39 -7.29
N LEU A 24 2.20 2.98 -6.26
CA LEU A 24 1.72 1.64 -6.16
C LEU A 24 0.49 1.49 -6.98
N ARG A 25 0.37 0.37 -7.57
CA ARG A 25 -0.77 0.08 -8.38
C ARG A 25 -1.94 -0.44 -7.50
N THR A 26 -1.64 -0.73 -6.24
CA THR A 26 -2.65 -1.18 -5.30
C THR A 26 -2.55 -0.39 -4.00
N LEU A 27 -3.68 -0.17 -3.37
CA LEU A 27 -3.77 0.47 -2.07
C LEU A 27 -3.39 -0.56 -1.00
N TYR A 28 -3.52 -1.79 -1.40
CA TYR A 28 -3.15 -2.96 -0.62
C TYR A 28 -1.67 -2.90 -0.24
N GLN A 29 -0.79 -2.65 -1.24
CA GLN A 29 0.64 -2.57 -0.98
C GLN A 29 0.95 -1.37 -0.10
N ALA A 30 0.19 -0.30 -0.27
CA ALA A 30 0.32 0.88 0.53
C ALA A 30 0.16 0.54 2.02
N MET A 31 -0.82 -0.30 2.33
CA MET A 31 -0.99 -0.77 3.67
C MET A 31 0.10 -1.74 4.11
N ILE A 32 0.60 -2.53 3.18
CA ILE A 32 1.68 -3.47 3.47
C ILE A 32 2.95 -2.71 3.87
N ILE A 33 3.25 -1.67 3.12
CA ILE A 33 4.42 -0.85 3.38
C ILE A 33 4.30 -0.08 4.68
N THR A 34 3.14 0.49 4.94
CA THR A 34 2.94 1.30 6.11
C THR A 34 2.85 0.46 7.37
N LYS A 35 2.33 -0.80 7.23
CA LYS A 35 2.18 -1.78 8.35
C LYS A 35 1.16 -1.29 9.38
N SER A 36 0.56 -0.16 9.12
CA SER A 36 -0.23 0.51 10.13
C SER A 36 -1.73 0.50 9.85
N SER A 37 -2.15 0.13 8.61
CA SER A 37 -3.59 0.23 8.20
C SER A 37 -4.10 1.67 8.36
N LYS A 38 -3.14 2.58 8.30
CA LYS A 38 -3.28 3.97 8.50
C LYS A 38 -2.10 4.57 7.83
N GLY A 39 -2.19 5.78 7.53
CA GLY A 39 -1.16 6.49 6.86
C GLY A 39 -1.79 7.44 5.92
N ASP A 40 -1.03 8.26 5.28
CA ASP A 40 -1.61 9.14 4.34
C ASP A 40 -1.50 8.51 2.98
N PHE A 41 -2.62 8.16 2.45
CA PHE A 41 -2.65 7.47 1.20
C PHE A 41 -3.26 8.36 0.16
N LEU A 42 -2.56 8.55 -0.92
CA LEU A 42 -3.03 9.40 -1.99
C LEU A 42 -3.05 8.60 -3.27
N ILE A 43 -4.19 8.55 -3.88
CA ILE A 43 -4.35 7.80 -5.09
C ILE A 43 -4.60 8.74 -6.23
N ARG A 44 -3.91 8.53 -7.33
CA ARG A 44 -4.07 9.32 -8.45
C ARG A 44 -5.36 8.97 -9.15
N THR A 45 -6.22 9.91 -9.14
CA THR A 45 -7.51 9.79 -9.66
C THR A 45 -7.65 10.76 -10.82
N LYS A 46 -8.55 10.49 -11.71
CA LYS A 46 -8.73 11.36 -12.83
C LYS A 46 -9.99 12.13 -12.60
N LYS A 47 -9.81 13.39 -12.32
CA LYS A 47 -10.90 14.26 -11.98
C LYS A 47 -11.01 15.32 -13.06
N ASP A 48 -12.08 15.24 -13.84
CA ASP A 48 -12.36 16.17 -14.95
C ASP A 48 -11.23 16.10 -16.00
N GLY A 49 -10.66 14.92 -16.12
CA GLY A 49 -9.62 14.68 -17.09
C GLY A 49 -8.25 15.02 -16.58
N LYS A 50 -8.11 15.22 -15.29
CA LYS A 50 -6.81 15.52 -14.74
C LYS A 50 -6.42 14.47 -13.72
N GLN A 51 -5.20 13.99 -13.81
CA GLN A 51 -4.67 13.05 -12.84
C GLN A 51 -4.21 13.85 -11.63
N VAL A 52 -4.80 13.57 -10.50
CA VAL A 52 -4.45 14.25 -9.27
C VAL A 52 -4.35 13.25 -8.15
N TRP A 53 -3.67 13.59 -7.09
CA TRP A 53 -3.57 12.71 -5.96
C TRP A 53 -4.66 13.07 -4.96
N GLU A 54 -5.56 12.15 -4.78
CA GLU A 54 -6.67 12.33 -3.88
C GLU A 54 -6.54 11.33 -2.75
N ALA A 55 -6.94 11.72 -1.58
CA ALA A 55 -6.86 10.85 -0.42
C ALA A 55 -7.71 9.61 -0.61
N ALA A 56 -7.17 8.48 -0.18
CA ALA A 56 -7.87 7.22 -0.20
C ALA A 56 -9.08 7.28 0.71
N SER A 57 -10.02 6.43 0.48
CA SER A 57 -11.24 6.44 1.21
C SER A 57 -11.09 5.54 2.38
N LYS A 58 -11.71 5.89 3.50
CA LYS A 58 -11.68 5.03 4.66
C LYS A 58 -12.27 3.68 4.33
N THR A 59 -13.31 3.70 3.51
CA THR A 59 -13.97 2.50 3.08
C THR A 59 -13.08 1.70 2.10
N ALA A 60 -12.42 2.40 1.17
CA ALA A 60 -11.53 1.72 0.20
C ALA A 60 -10.32 1.12 0.90
N LEU A 61 -9.88 1.81 1.93
CA LEU A 61 -8.79 1.34 2.76
C LEU A 61 -9.19 0.03 3.46
N LYS A 62 -10.46 -0.07 3.88
CA LYS A 62 -10.95 -1.28 4.56
C LYS A 62 -10.83 -2.51 3.65
N LYS A 63 -11.13 -2.34 2.35
CA LYS A 63 -11.00 -3.45 1.39
C LYS A 63 -9.55 -3.89 1.24
N SER A 64 -8.66 -2.94 1.32
CA SER A 64 -7.26 -3.20 1.17
C SER A 64 -6.73 -3.95 2.40
N TRP A 65 -7.21 -3.56 3.57
CA TRP A 65 -6.81 -4.19 4.79
C TRP A 65 -7.45 -5.55 4.95
N LYS A 66 -8.69 -5.69 4.51
CA LYS A 66 -9.37 -6.97 4.59
C LYS A 66 -8.64 -8.01 3.75
N ARG A 67 -8.15 -7.59 2.61
CA ARG A 67 -7.41 -8.48 1.76
C ARG A 67 -6.01 -8.76 2.36
N TYR A 68 -5.52 -7.80 3.11
CA TYR A 68 -4.26 -7.92 3.85
C TYR A 68 -4.43 -9.01 4.94
N GLU A 69 -5.57 -8.96 5.67
CA GLU A 69 -5.96 -9.99 6.67
C GLU A 69 -5.92 -11.35 6.00
N GLN A 70 -6.49 -11.37 4.82
CA GLN A 70 -6.64 -12.52 4.03
C GLN A 70 -5.30 -13.25 3.79
N GLU A 71 -4.24 -12.52 3.39
CA GLU A 71 -2.97 -13.20 3.17
C GLU A 71 -2.26 -13.56 4.48
N MET A 72 -2.27 -12.64 5.44
CA MET A 72 -1.52 -12.85 6.68
C MET A 72 -2.12 -13.93 7.56
N LEU A 73 -3.43 -14.06 7.52
CA LEU A 73 -4.14 -15.07 8.29
C LEU A 73 -3.94 -16.45 7.63
N LYS A 74 -3.66 -16.39 6.34
CA LYS A 74 -3.38 -17.57 5.55
C LYS A 74 -1.94 -18.04 5.88
N ASN A 75 -1.00 -17.11 5.86
CA ASN A 75 0.40 -17.43 6.15
C ASN A 75 0.68 -17.70 7.61
N GLU A 76 -0.18 -17.20 8.48
CA GLU A 76 -0.10 -17.52 9.91
C GLU A 76 -0.74 -18.89 10.14
N LYS A 77 -1.36 -19.34 9.07
CA LYS A 77 -2.01 -20.61 8.93
C LYS A 77 -3.14 -20.83 9.92
N VAL A 78 -4.16 -20.04 9.76
CA VAL A 78 -5.39 -20.25 10.49
C VAL A 78 -6.42 -20.73 9.50
N ALA A 79 -6.24 -20.26 8.29
CA ALA A 79 -7.04 -20.66 7.18
C ALA A 79 -6.15 -20.76 5.96
N ALA A 80 -5.63 -21.94 5.73
CA ALA A 80 -4.74 -22.19 4.63
C ALA A 80 -4.95 -23.59 4.07
N LYS A 81 -5.76 -23.66 3.04
CA LYS A 81 -6.06 -24.89 2.34
C LYS A 81 -5.89 -24.63 0.86
N MET A 82 -4.99 -25.34 0.25
CA MET A 82 -4.71 -25.13 -1.14
C MET A 82 -4.75 -26.44 -1.88
N LEU A 83 -5.76 -26.61 -2.72
CA LEU A 83 -5.90 -27.82 -3.49
C LEU A 83 -4.94 -27.81 -4.65
N GLU A 84 -3.81 -28.42 -4.45
CA GLU A 84 -2.78 -28.50 -5.45
C GLU A 84 -2.80 -29.90 -6.06
N LYS A 85 -2.45 -30.00 -7.32
CA LYS A 85 -2.49 -31.26 -8.01
C LYS A 85 -1.40 -31.34 -9.06
N ASP A 86 -0.26 -31.82 -8.68
CA ASP A 86 0.83 -32.07 -9.60
C ASP A 86 1.19 -33.51 -9.53
N ALA A 87 0.54 -34.30 -10.36
CA ALA A 87 0.78 -35.71 -10.40
C ALA A 87 0.41 -36.26 -11.76
N THR A 88 1.35 -36.21 -12.64
CA THR A 88 1.18 -36.72 -13.98
C THR A 88 2.56 -37.17 -14.51
N GLU A 89 3.45 -37.51 -13.57
CA GLU A 89 4.78 -37.95 -13.94
C GLU A 89 4.69 -39.37 -14.43
N VAL A 90 4.99 -39.56 -15.68
CA VAL A 90 4.95 -40.85 -16.30
C VAL A 90 6.31 -41.22 -16.86
N GLY A 91 7.05 -42.00 -16.10
CA GLY A 91 8.38 -42.44 -16.50
C GLY A 91 8.34 -43.60 -17.45
N VAL A 92 7.57 -43.45 -18.51
CA VAL A 92 7.42 -44.48 -19.48
C VAL A 92 8.46 -44.32 -20.60
N LYS A 93 9.57 -44.94 -20.38
CA LYS A 93 10.66 -44.93 -21.30
C LYS A 93 11.24 -46.31 -21.36
N ALA A 94 11.72 -46.70 -22.52
CA ALA A 94 12.31 -47.99 -22.71
C ALA A 94 13.59 -48.14 -21.91
N ALA A 95 13.55 -49.01 -20.94
CA ALA A 95 14.68 -49.29 -20.09
C ALA A 95 15.11 -50.72 -20.30
N LEU A 96 16.06 -50.91 -21.16
CA LEU A 96 16.52 -52.24 -21.47
C LEU A 96 18.01 -52.21 -21.67
N GLU A 97 18.63 -53.34 -21.54
CA GLU A 97 20.04 -53.45 -21.75
C GLU A 97 20.30 -54.39 -22.87
N GLU A 98 21.44 -54.27 -23.48
CA GLU A 98 21.80 -55.15 -24.55
C GLU A 98 22.39 -56.43 -23.97
N ALA A 99 22.07 -57.53 -24.57
CA ALA A 99 22.57 -58.79 -24.12
C ALA A 99 23.21 -59.52 -25.26
N LYS A 100 24.49 -59.38 -25.36
CA LYS A 100 25.25 -60.04 -26.39
C LYS A 100 26.42 -60.70 -25.70
N LYS A 101 26.28 -61.97 -25.44
CA LYS A 101 27.28 -62.71 -24.76
C LYS A 101 28.00 -63.60 -25.75
N VAL A 102 29.26 -63.87 -25.49
CA VAL A 102 30.03 -64.73 -26.33
C VAL A 102 30.15 -66.11 -25.69
N GLN A 103 30.83 -66.99 -26.35
CA GLN A 103 31.03 -68.32 -25.84
C GLN A 103 32.49 -68.67 -25.93
N ILE A 104 32.86 -69.75 -25.31
CA ILE A 104 34.21 -70.24 -25.39
C ILE A 104 34.21 -71.69 -25.82
N GLU A 105 35.15 -72.05 -26.63
CA GLU A 105 35.23 -73.40 -27.08
C GLU A 105 36.11 -74.22 -26.17
N LEU A 106 35.73 -75.43 -25.97
CA LEU A 106 36.48 -76.39 -25.24
C LEU A 106 36.29 -77.71 -25.92
N ASP A 107 37.12 -77.95 -26.88
CA ASP A 107 36.99 -79.11 -27.72
C ASP A 107 37.44 -80.34 -26.97
N THR A 108 38.68 -80.29 -26.48
CA THR A 108 39.32 -81.38 -25.76
C THR A 108 39.02 -82.77 -26.39
N SER A 109 39.70 -83.06 -27.47
CA SER A 109 39.41 -84.26 -28.22
C SER A 109 40.39 -85.37 -27.92
N LEU A 110 41.51 -85.00 -27.29
CA LEU A 110 42.58 -85.95 -26.94
C LEU A 110 43.20 -86.57 -28.20
N SER A 111 44.32 -86.04 -28.60
CA SER A 111 45.01 -86.56 -29.72
C SER A 111 45.71 -87.87 -29.35
N TYR A 112 45.03 -88.96 -29.62
CA TYR A 112 45.54 -90.26 -29.30
C TYR A 112 46.48 -90.76 -30.38
N ILE A 113 47.66 -91.11 -29.97
CA ILE A 113 48.71 -91.56 -30.83
C ILE A 113 49.45 -92.76 -30.25
N GLY A 1 5.70 7.74 12.43
CA GLY A 1 5.82 8.78 11.42
C GLY A 1 4.69 8.70 10.42
N SER A 2 4.31 9.81 9.86
CA SER A 2 3.27 9.83 8.88
C SER A 2 3.81 9.55 7.48
N MET A 3 3.75 8.29 7.09
CA MET A 3 4.20 7.87 5.79
C MET A 3 3.12 8.15 4.78
N THR A 4 3.50 8.68 3.66
CA THR A 4 2.58 8.98 2.61
C THR A 4 2.89 8.10 1.41
N VAL A 5 1.94 7.29 1.03
CA VAL A 5 2.11 6.39 -0.09
C VAL A 5 1.23 6.87 -1.23
N TYR A 6 1.73 6.82 -2.44
CA TYR A 6 0.98 7.23 -3.59
C TYR A 6 0.57 6.00 -4.40
N ILE A 7 -0.70 5.94 -4.74
CA ILE A 7 -1.26 4.82 -5.49
C ILE A 7 -1.76 5.30 -6.84
N CYS A 8 -1.20 4.79 -7.88
CA CYS A 8 -1.73 5.02 -9.18
C CYS A 8 -1.94 3.66 -9.83
N PRO A 9 -3.18 3.12 -9.76
CA PRO A 9 -3.50 1.80 -10.33
C PRO A 9 -3.28 1.74 -11.84
N GLU A 10 -3.20 2.89 -12.46
CA GLU A 10 -3.05 3.00 -13.84
C GLU A 10 -1.59 2.92 -14.27
N THR A 11 -0.81 3.91 -13.90
CA THR A 11 0.54 4.06 -14.41
C THR A 11 1.62 3.59 -13.45
N GLY A 12 1.24 3.24 -12.24
CA GLY A 12 2.22 2.76 -11.30
C GLY A 12 2.21 1.27 -11.24
N ASP A 13 2.74 0.71 -10.17
CA ASP A 13 2.83 -0.73 -10.05
C ASP A 13 2.95 -1.15 -8.60
N ASP A 14 2.44 -2.31 -8.31
CA ASP A 14 2.41 -2.91 -6.97
C ASP A 14 3.82 -3.06 -6.36
N GLY A 15 4.79 -3.40 -7.17
CA GLY A 15 6.13 -3.67 -6.65
C GLY A 15 7.05 -2.45 -6.58
N ASN A 16 6.46 -1.25 -6.56
CA ASN A 16 7.26 -0.03 -6.49
C ASN A 16 7.51 0.42 -5.05
N ASP A 17 8.24 1.54 -4.90
CA ASP A 17 8.55 2.13 -3.58
C ASP A 17 7.34 2.86 -3.03
N GLY A 18 6.36 3.10 -3.89
CA GLY A 18 5.14 3.77 -3.50
C GLY A 18 5.26 5.26 -3.31
N SER A 19 6.30 5.83 -3.85
CA SER A 19 6.47 7.27 -3.81
C SER A 19 5.66 7.91 -4.92
N GLU A 20 5.66 9.22 -5.01
CA GLU A 20 4.90 9.91 -6.03
C GLU A 20 5.48 9.57 -7.42
N LEU A 21 6.78 9.36 -7.47
CA LEU A 21 7.48 9.05 -8.70
C LEU A 21 7.25 7.59 -9.10
N LYS A 22 6.97 6.74 -8.13
CA LYS A 22 6.69 5.33 -8.39
C LYS A 22 5.49 4.94 -7.60
N PRO A 23 4.30 5.31 -8.05
CA PRO A 23 3.10 4.98 -7.33
C PRO A 23 2.81 3.48 -7.38
N LEU A 24 2.15 3.01 -6.37
CA LEU A 24 1.75 1.62 -6.30
C LEU A 24 0.51 1.46 -7.09
N ARG A 25 0.23 0.27 -7.53
CA ARG A 25 -0.97 0.09 -8.30
C ARG A 25 -2.09 -0.40 -7.40
N THR A 26 -1.74 -0.71 -6.16
CA THR A 26 -2.67 -1.21 -5.20
C THR A 26 -2.60 -0.40 -3.93
N LEU A 27 -3.73 -0.25 -3.28
CA LEU A 27 -3.79 0.39 -1.98
C LEU A 27 -3.36 -0.65 -0.93
N TYR A 28 -3.48 -1.90 -1.33
CA TYR A 28 -3.05 -3.04 -0.56
C TYR A 28 -1.55 -2.95 -0.25
N GLN A 29 -0.73 -2.71 -1.27
CA GLN A 29 0.71 -2.60 -1.08
C GLN A 29 1.05 -1.37 -0.22
N ALA A 30 0.25 -0.32 -0.35
CA ALA A 30 0.42 0.87 0.45
C ALA A 30 0.30 0.53 1.93
N MET A 31 -0.68 -0.29 2.26
CA MET A 31 -0.83 -0.75 3.59
C MET A 31 0.25 -1.75 3.99
N ILE A 32 0.73 -2.55 3.03
CA ILE A 32 1.82 -3.50 3.32
C ILE A 32 3.10 -2.76 3.69
N ILE A 33 3.40 -1.72 2.94
CA ILE A 33 4.59 -0.93 3.17
C ILE A 33 4.54 -0.23 4.52
N THR A 34 3.41 0.34 4.84
CA THR A 34 3.28 1.08 6.04
C THR A 34 3.05 0.18 7.26
N LYS A 35 2.25 -0.89 7.05
CA LYS A 35 1.85 -1.84 8.11
C LYS A 35 1.12 -1.17 9.24
N SER A 36 0.62 0.00 8.97
CA SER A 36 -0.08 0.75 9.97
C SER A 36 -1.58 0.68 9.73
N SER A 37 -1.98 0.30 8.49
CA SER A 37 -3.40 0.28 8.04
C SER A 37 -4.06 1.66 8.20
N LYS A 38 -3.20 2.66 8.29
CA LYS A 38 -3.49 4.03 8.53
C LYS A 38 -2.31 4.77 8.01
N GLY A 39 -2.49 5.99 7.76
CA GLY A 39 -1.42 6.82 7.27
C GLY A 39 -1.92 7.69 6.19
N ASP A 40 -1.05 8.23 5.39
CA ASP A 40 -1.47 9.06 4.30
C ASP A 40 -1.38 8.29 3.04
N PHE A 41 -2.50 8.03 2.45
CA PHE A 41 -2.54 7.29 1.24
C PHE A 41 -3.20 8.13 0.20
N LEU A 42 -2.48 8.46 -0.83
CA LEU A 42 -3.02 9.30 -1.86
C LEU A 42 -3.11 8.52 -3.14
N ILE A 43 -4.28 8.44 -3.69
CA ILE A 43 -4.49 7.69 -4.87
C ILE A 43 -4.80 8.62 -6.03
N ARG A 44 -4.18 8.35 -7.14
CA ARG A 44 -4.34 9.14 -8.33
C ARG A 44 -5.75 8.98 -8.87
N THR A 45 -6.37 10.07 -9.15
CA THR A 45 -7.71 10.07 -9.65
C THR A 45 -7.75 11.00 -10.86
N LYS A 46 -8.65 10.76 -11.77
CA LYS A 46 -8.72 11.54 -12.96
C LYS A 46 -9.95 12.41 -12.92
N LYS A 47 -9.70 13.68 -12.88
CA LYS A 47 -10.72 14.69 -12.76
C LYS A 47 -10.44 15.80 -13.78
N ASP A 48 -11.42 16.06 -14.64
CA ASP A 48 -11.33 17.09 -15.70
C ASP A 48 -10.24 16.75 -16.68
N GLY A 49 -10.01 15.47 -16.87
CA GLY A 49 -8.98 15.01 -17.77
C GLY A 49 -7.59 15.05 -17.16
N LYS A 50 -7.48 15.59 -15.96
CA LYS A 50 -6.21 15.70 -15.28
C LYS A 50 -6.18 14.71 -14.14
N GLN A 51 -5.03 14.20 -13.83
CA GLN A 51 -4.91 13.25 -12.78
C GLN A 51 -4.30 13.94 -11.57
N VAL A 52 -4.91 13.74 -10.44
CA VAL A 52 -4.50 14.39 -9.19
C VAL A 52 -4.45 13.35 -8.08
N TRP A 53 -3.96 13.73 -6.91
CA TRP A 53 -3.91 12.81 -5.80
C TRP A 53 -5.12 13.01 -4.91
N GLU A 54 -5.85 11.95 -4.70
CA GLU A 54 -7.02 11.94 -3.88
C GLU A 54 -6.80 11.04 -2.69
N ALA A 55 -7.02 11.57 -1.50
CA ALA A 55 -6.81 10.82 -0.28
C ALA A 55 -7.73 9.62 -0.23
N ALA A 56 -7.14 8.46 0.08
CA ALA A 56 -7.85 7.20 0.13
C ALA A 56 -9.02 7.25 1.10
N SER A 57 -10.02 6.47 0.81
CA SER A 57 -11.23 6.47 1.57
C SER A 57 -11.15 5.35 2.56
N LYS A 58 -11.75 5.54 3.72
CA LYS A 58 -11.72 4.53 4.75
C LYS A 58 -12.35 3.24 4.26
N THR A 59 -13.37 3.37 3.43
CA THR A 59 -14.05 2.22 2.86
C THR A 59 -13.07 1.39 1.99
N ALA A 60 -12.30 2.09 1.16
CA ALA A 60 -11.35 1.42 0.26
C ALA A 60 -10.15 0.92 1.04
N LEU A 61 -9.74 1.67 2.04
CA LEU A 61 -8.67 1.28 2.91
C LEU A 61 -9.02 -0.02 3.64
N LYS A 62 -10.25 -0.11 4.16
CA LYS A 62 -10.70 -1.32 4.85
C LYS A 62 -10.65 -2.53 3.94
N LYS A 63 -11.04 -2.35 2.69
CA LYS A 63 -11.04 -3.45 1.72
C LYS A 63 -9.62 -3.93 1.45
N SER A 64 -8.71 -3.00 1.42
CA SER A 64 -7.33 -3.29 1.16
C SER A 64 -6.72 -4.07 2.33
N TRP A 65 -7.06 -3.67 3.55
CA TRP A 65 -6.55 -4.34 4.71
C TRP A 65 -7.27 -5.68 4.90
N LYS A 66 -8.51 -5.76 4.45
CA LYS A 66 -9.27 -6.99 4.52
C LYS A 66 -8.56 -8.10 3.74
N ARG A 67 -7.96 -7.73 2.63
CA ARG A 67 -7.21 -8.66 1.82
C ARG A 67 -5.89 -9.05 2.53
N TYR A 68 -5.38 -8.12 3.32
CA TYR A 68 -4.16 -8.32 4.11
C TYR A 68 -4.45 -9.40 5.16
N GLU A 69 -5.65 -9.30 5.76
CA GLU A 69 -6.16 -10.31 6.70
C GLU A 69 -6.11 -11.66 6.06
N GLN A 70 -6.53 -11.70 4.82
CA GLN A 70 -6.58 -12.93 4.05
C GLN A 70 -5.23 -13.65 4.03
N GLU A 71 -4.13 -12.92 3.76
CA GLU A 71 -2.82 -13.57 3.74
C GLU A 71 -2.31 -13.86 5.14
N MET A 72 -2.50 -12.93 6.06
CA MET A 72 -2.02 -13.04 7.38
C MET A 72 -2.69 -14.18 8.14
N LEU A 73 -3.97 -14.36 7.91
CA LEU A 73 -4.72 -15.42 8.53
C LEU A 73 -4.42 -16.76 7.84
N LYS A 74 -3.96 -16.67 6.60
CA LYS A 74 -3.61 -17.82 5.78
C LYS A 74 -2.27 -18.40 6.25
N ASN A 75 -1.35 -17.54 6.59
CA ASN A 75 -0.04 -17.95 7.08
C ASN A 75 -0.12 -18.54 8.48
N GLU A 76 0.87 -19.37 8.80
CA GLU A 76 0.99 -20.05 10.10
C GLU A 76 0.08 -21.27 10.23
N LYS A 77 -0.52 -21.68 9.13
CA LYS A 77 -1.31 -22.91 9.12
C LYS A 77 -0.39 -24.10 8.93
N VAL A 78 -0.87 -25.28 9.29
CA VAL A 78 -0.07 -26.50 9.24
C VAL A 78 0.21 -26.91 7.79
N ALA A 79 -0.81 -26.96 7.00
CA ALA A 79 -0.69 -27.34 5.61
C ALA A 79 -1.61 -26.48 4.77
N ALA A 80 -2.93 -26.58 5.07
CA ALA A 80 -3.99 -25.83 4.38
C ALA A 80 -4.01 -26.12 2.88
N LYS A 81 -3.51 -27.29 2.53
CA LYS A 81 -3.38 -27.65 1.16
C LYS A 81 -4.06 -28.97 0.83
N MET A 82 -5.15 -28.86 0.13
CA MET A 82 -5.88 -29.97 -0.43
C MET A 82 -6.26 -29.51 -1.84
N LEU A 83 -5.26 -28.93 -2.48
CA LEU A 83 -5.40 -28.36 -3.78
C LEU A 83 -4.07 -28.51 -4.49
N GLU A 84 -4.01 -29.38 -5.48
CA GLU A 84 -2.80 -29.57 -6.24
C GLU A 84 -2.73 -28.48 -7.27
N LYS A 85 -1.53 -28.04 -7.63
CA LYS A 85 -1.36 -26.96 -8.60
C LYS A 85 -1.97 -27.29 -9.94
N ASP A 86 -1.92 -28.52 -10.32
CA ASP A 86 -2.52 -28.93 -11.56
C ASP A 86 -3.24 -30.25 -11.29
N ALA A 87 -3.98 -30.73 -12.25
CA ALA A 87 -4.73 -31.96 -12.07
C ALA A 87 -4.82 -32.72 -13.40
N THR A 88 -4.06 -32.28 -14.37
CA THR A 88 -4.06 -32.89 -15.67
C THR A 88 -2.63 -32.88 -16.26
N GLU A 89 -2.01 -31.71 -16.26
CA GLU A 89 -0.70 -31.47 -16.85
C GLU A 89 -0.70 -31.80 -18.36
N VAL A 90 -0.95 -30.80 -19.16
CA VAL A 90 -1.00 -31.00 -20.58
C VAL A 90 0.40 -30.95 -21.20
N GLY A 91 0.75 -32.00 -21.89
CA GLY A 91 2.02 -32.07 -22.55
C GLY A 91 1.85 -31.82 -24.01
N VAL A 92 2.51 -30.82 -24.51
CA VAL A 92 2.35 -30.49 -25.90
C VAL A 92 3.33 -31.26 -26.79
N LYS A 93 2.78 -31.98 -27.72
CA LYS A 93 3.57 -32.73 -28.68
C LYS A 93 3.70 -31.92 -29.93
N ALA A 94 4.84 -32.01 -30.57
CA ALA A 94 5.08 -31.29 -31.78
C ALA A 94 5.16 -32.27 -32.94
N ALA A 95 4.56 -31.91 -34.05
CA ALA A 95 4.54 -32.78 -35.20
C ALA A 95 5.84 -32.69 -35.98
N LEU A 96 6.22 -33.78 -36.60
CA LEU A 96 7.42 -33.84 -37.38
C LEU A 96 7.12 -33.74 -38.87
N GLU A 97 8.10 -33.38 -39.64
CA GLU A 97 7.94 -33.31 -41.08
C GLU A 97 8.64 -34.48 -41.71
N GLU A 98 8.19 -34.86 -42.88
CA GLU A 98 8.81 -35.95 -43.60
C GLU A 98 10.06 -35.43 -44.31
N ALA A 99 10.99 -36.31 -44.54
CA ALA A 99 12.21 -35.96 -45.22
C ALA A 99 12.11 -36.38 -46.67
N LYS A 100 12.22 -35.42 -47.56
CA LYS A 100 12.16 -35.70 -48.96
C LYS A 100 13.51 -36.21 -49.45
N LYS A 101 13.63 -37.50 -49.59
CA LYS A 101 14.86 -38.06 -50.09
C LYS A 101 14.89 -37.94 -51.59
N VAL A 102 15.61 -36.98 -52.08
CA VAL A 102 15.71 -36.76 -53.49
C VAL A 102 17.16 -36.56 -53.89
N GLN A 103 17.60 -37.35 -54.83
CA GLN A 103 18.92 -37.27 -55.36
C GLN A 103 18.89 -36.46 -56.64
N ILE A 104 19.88 -35.64 -56.86
CA ILE A 104 19.93 -34.85 -58.07
C ILE A 104 20.61 -35.60 -59.18
N GLU A 105 20.30 -35.25 -60.38
CA GLU A 105 20.90 -35.85 -61.53
C GLU A 105 22.11 -35.05 -61.93
N LEU A 106 23.26 -35.49 -61.50
CA LEU A 106 24.48 -34.83 -61.82
C LEU A 106 25.04 -35.46 -63.10
N ASP A 107 25.28 -34.62 -64.08
CA ASP A 107 25.67 -35.03 -65.43
C ASP A 107 26.99 -35.79 -65.48
N THR A 108 28.02 -35.20 -64.89
CA THR A 108 29.40 -35.74 -64.77
C THR A 108 30.08 -36.08 -66.13
N SER A 109 29.46 -35.77 -67.25
CA SER A 109 30.08 -36.05 -68.51
C SER A 109 31.18 -35.02 -68.78
N LEU A 110 30.87 -33.74 -68.50
CA LEU A 110 31.83 -32.62 -68.59
C LEU A 110 32.40 -32.46 -70.02
N SER A 111 33.42 -31.64 -70.14
CA SER A 111 34.11 -31.50 -71.39
C SER A 111 35.32 -32.43 -71.37
N TYR A 112 35.23 -33.47 -72.12
CA TYR A 112 36.27 -34.46 -72.18
C TYR A 112 36.61 -34.69 -73.64
N ILE A 113 37.85 -34.48 -73.99
CA ILE A 113 38.28 -34.71 -75.34
C ILE A 113 39.31 -35.84 -75.39
N GLY A 1 2.64 12.67 11.30
CA GLY A 1 3.88 12.34 10.59
C GLY A 1 3.89 10.88 10.17
N SER A 2 2.92 10.48 9.42
CA SER A 2 2.82 9.12 8.96
C SER A 2 3.38 8.99 7.55
N MET A 3 3.54 7.77 7.09
CA MET A 3 4.07 7.53 5.76
C MET A 3 3.04 7.89 4.72
N THR A 4 3.48 8.46 3.64
CA THR A 4 2.62 8.80 2.56
C THR A 4 2.92 7.93 1.37
N VAL A 5 1.96 7.14 0.97
CA VAL A 5 2.15 6.25 -0.15
C VAL A 5 1.28 6.75 -1.30
N TYR A 6 1.83 6.75 -2.50
CA TYR A 6 1.09 7.13 -3.67
C TYR A 6 0.67 5.90 -4.46
N ILE A 7 -0.59 5.84 -4.80
CA ILE A 7 -1.16 4.71 -5.52
C ILE A 7 -1.63 5.18 -6.89
N CYS A 8 -1.08 4.65 -7.91
CA CYS A 8 -1.60 4.85 -9.22
C CYS A 8 -1.81 3.48 -9.84
N PRO A 9 -3.04 2.96 -9.82
CA PRO A 9 -3.35 1.61 -10.33
C PRO A 9 -3.17 1.49 -11.84
N GLU A 10 -2.86 2.59 -12.49
CA GLU A 10 -2.74 2.62 -13.92
C GLU A 10 -1.28 2.59 -14.35
N THR A 11 -0.59 3.69 -14.09
CA THR A 11 0.76 3.88 -14.57
C THR A 11 1.82 3.44 -13.55
N GLY A 12 1.41 3.13 -12.35
CA GLY A 12 2.38 2.66 -11.37
C GLY A 12 2.39 1.16 -11.30
N ASP A 13 2.83 0.61 -10.19
CA ASP A 13 2.93 -0.82 -10.04
C ASP A 13 3.15 -1.20 -8.58
N ASP A 14 2.64 -2.35 -8.18
CA ASP A 14 2.73 -2.85 -6.79
C ASP A 14 4.15 -3.21 -6.40
N GLY A 15 5.01 -3.42 -7.37
CA GLY A 15 6.39 -3.76 -7.09
C GLY A 15 7.22 -2.54 -6.74
N ASN A 16 6.60 -1.38 -6.84
CA ASN A 16 7.27 -0.12 -6.57
C ASN A 16 7.41 0.17 -5.09
N ASP A 17 8.00 1.32 -4.80
CA ASP A 17 8.27 1.77 -3.45
C ASP A 17 7.10 2.61 -2.91
N GLY A 18 6.24 3.03 -3.82
CA GLY A 18 5.10 3.84 -3.44
C GLY A 18 5.39 5.32 -3.31
N SER A 19 6.36 5.78 -4.04
CA SER A 19 6.69 7.19 -4.09
C SER A 19 5.78 7.85 -5.12
N GLU A 20 5.81 9.16 -5.27
CA GLU A 20 5.00 9.80 -6.26
C GLU A 20 5.50 9.40 -7.66
N LEU A 21 6.80 9.19 -7.74
CA LEU A 21 7.44 8.80 -8.99
C LEU A 21 7.29 7.31 -9.24
N LYS A 22 7.03 6.56 -8.19
CA LYS A 22 6.85 5.11 -8.30
C LYS A 22 5.63 4.72 -7.53
N PRO A 23 4.47 5.05 -8.03
CA PRO A 23 3.24 4.75 -7.33
C PRO A 23 2.91 3.27 -7.38
N LEU A 24 2.22 2.82 -6.38
CA LEU A 24 1.80 1.45 -6.30
C LEU A 24 0.55 1.27 -7.12
N ARG A 25 0.27 0.08 -7.54
CA ARG A 25 -0.89 -0.12 -8.38
C ARG A 25 -2.08 -0.60 -7.57
N THR A 26 -1.86 -0.76 -6.28
CA THR A 26 -2.89 -1.18 -5.37
C THR A 26 -2.73 -0.45 -4.05
N LEU A 27 -3.84 -0.17 -3.42
CA LEU A 27 -3.85 0.43 -2.09
C LEU A 27 -3.44 -0.63 -1.07
N TYR A 28 -3.60 -1.86 -1.48
CA TYR A 28 -3.21 -3.04 -0.75
C TYR A 28 -1.72 -3.01 -0.47
N GLN A 29 -0.90 -2.75 -1.49
CA GLN A 29 0.55 -2.68 -1.32
C GLN A 29 0.93 -1.52 -0.40
N ALA A 30 0.16 -0.43 -0.47
CA ALA A 30 0.38 0.72 0.39
C ALA A 30 0.25 0.31 1.84
N MET A 31 -0.76 -0.48 2.14
CA MET A 31 -0.93 -1.00 3.46
C MET A 31 0.10 -2.06 3.81
N ILE A 32 0.54 -2.85 2.83
CA ILE A 32 1.57 -3.86 3.07
C ILE A 32 2.86 -3.21 3.58
N ILE A 33 3.24 -2.13 2.92
CA ILE A 33 4.45 -1.42 3.26
C ILE A 33 4.34 -0.69 4.60
N THR A 34 3.21 -0.02 4.82
CA THR A 34 3.06 0.82 5.99
C THR A 34 2.62 0.04 7.22
N LYS A 35 1.61 -0.84 7.03
CA LYS A 35 0.99 -1.62 8.13
C LYS A 35 0.30 -0.69 9.12
N SER A 36 0.07 0.52 8.68
CA SER A 36 -0.43 1.55 9.56
C SER A 36 -1.96 1.56 9.65
N SER A 37 -2.62 0.87 8.70
CA SER A 37 -4.12 0.74 8.65
C SER A 37 -4.82 2.10 8.32
N LYS A 38 -4.11 3.17 8.48
CA LYS A 38 -4.56 4.48 8.31
C LYS A 38 -3.31 5.32 8.21
N GLY A 39 -3.35 6.34 7.43
CA GLY A 39 -2.23 7.20 7.25
C GLY A 39 -2.41 7.97 6.00
N ASP A 40 -1.36 8.47 5.41
CA ASP A 40 -1.53 9.18 4.19
C ASP A 40 -1.37 8.26 3.03
N PHE A 41 -2.45 8.02 2.39
CA PHE A 41 -2.48 7.21 1.22
C PHE A 41 -3.11 8.02 0.15
N LEU A 42 -2.39 8.33 -0.88
CA LEU A 42 -2.92 9.16 -1.91
C LEU A 42 -2.99 8.40 -3.20
N ILE A 43 -4.15 8.35 -3.75
CA ILE A 43 -4.36 7.61 -4.95
C ILE A 43 -4.60 8.56 -6.11
N ARG A 44 -3.97 8.27 -7.22
CA ARG A 44 -4.09 9.08 -8.40
C ARG A 44 -5.44 8.82 -9.00
N THR A 45 -6.14 9.84 -9.21
CA THR A 45 -7.45 9.76 -9.73
C THR A 45 -7.56 10.74 -10.87
N LYS A 46 -8.43 10.48 -11.78
CA LYS A 46 -8.58 11.32 -12.92
C LYS A 46 -9.87 12.05 -12.72
N LYS A 47 -9.72 13.31 -12.46
CA LYS A 47 -10.80 14.18 -12.13
C LYS A 47 -10.64 15.48 -12.91
N ASP A 48 -11.69 15.91 -13.59
CA ASP A 48 -11.73 17.19 -14.34
C ASP A 48 -10.66 17.20 -15.46
N GLY A 49 -10.40 16.01 -15.98
CA GLY A 49 -9.40 15.86 -17.04
C GLY A 49 -7.97 15.91 -16.51
N LYS A 50 -7.83 15.90 -15.20
CA LYS A 50 -6.54 16.01 -14.56
C LYS A 50 -6.31 14.79 -13.70
N GLN A 51 -5.08 14.42 -13.51
CA GLN A 51 -4.72 13.36 -12.64
C GLN A 51 -4.23 13.98 -11.37
N VAL A 52 -4.87 13.66 -10.29
CA VAL A 52 -4.54 14.26 -9.01
C VAL A 52 -4.41 13.19 -7.95
N TRP A 53 -3.79 13.53 -6.85
CA TRP A 53 -3.67 12.64 -5.74
C TRP A 53 -4.78 12.93 -4.74
N GLU A 54 -5.63 11.98 -4.56
CA GLU A 54 -6.73 12.12 -3.64
C GLU A 54 -6.51 11.13 -2.51
N ALA A 55 -6.88 11.51 -1.32
CA ALA A 55 -6.74 10.65 -0.17
C ALA A 55 -7.58 9.41 -0.34
N ALA A 56 -7.03 8.28 0.05
CA ALA A 56 -7.73 7.04 -0.01
C ALA A 56 -8.95 7.08 0.88
N SER A 57 -9.91 6.29 0.57
CA SER A 57 -11.14 6.29 1.26
C SER A 57 -11.07 5.24 2.31
N LYS A 58 -11.69 5.49 3.46
CA LYS A 58 -11.70 4.54 4.56
C LYS A 58 -12.28 3.22 4.07
N THR A 59 -13.28 3.32 3.23
CA THR A 59 -13.94 2.19 2.65
C THR A 59 -12.96 1.34 1.82
N ALA A 60 -12.19 2.00 0.96
CA ALA A 60 -11.21 1.31 0.10
C ALA A 60 -10.06 0.79 0.95
N LEU A 61 -9.68 1.57 1.94
CA LEU A 61 -8.65 1.20 2.87
C LEU A 61 -9.04 -0.06 3.64
N LYS A 62 -10.30 -0.14 4.07
CA LYS A 62 -10.77 -1.33 4.79
C LYS A 62 -10.76 -2.57 3.91
N LYS A 63 -11.06 -2.40 2.62
CA LYS A 63 -10.97 -3.53 1.68
C LYS A 63 -9.53 -3.93 1.45
N SER A 64 -8.65 -2.95 1.43
CA SER A 64 -7.24 -3.19 1.25
C SER A 64 -6.66 -3.90 2.47
N TRP A 65 -7.10 -3.48 3.65
CA TRP A 65 -6.64 -4.08 4.87
C TRP A 65 -7.25 -5.45 5.06
N LYS A 66 -8.50 -5.62 4.65
CA LYS A 66 -9.15 -6.90 4.80
C LYS A 66 -8.47 -7.96 3.94
N ARG A 67 -8.02 -7.58 2.77
CA ARG A 67 -7.33 -8.51 1.89
C ARG A 67 -5.94 -8.81 2.51
N TYR A 68 -5.43 -7.84 3.25
CA TYR A 68 -4.14 -7.94 3.94
C TYR A 68 -4.29 -8.93 5.11
N GLU A 69 -5.44 -8.85 5.80
CA GLU A 69 -5.84 -9.81 6.84
C GLU A 69 -5.81 -11.18 6.26
N GLN A 70 -6.35 -11.28 5.06
CA GLN A 70 -6.42 -12.53 4.36
C GLN A 70 -5.05 -13.18 4.20
N GLU A 71 -4.03 -12.43 3.74
CA GLU A 71 -2.71 -13.06 3.57
C GLU A 71 -2.01 -13.30 4.92
N MET A 72 -2.21 -12.38 5.86
CA MET A 72 -1.63 -12.48 7.16
C MET A 72 -2.10 -13.74 7.87
N LEU A 73 -3.41 -13.91 7.89
CA LEU A 73 -4.02 -15.06 8.51
C LEU A 73 -3.75 -16.32 7.68
N LYS A 74 -3.63 -16.14 6.37
CA LYS A 74 -3.31 -17.21 5.43
C LYS A 74 -2.05 -17.92 5.85
N ASN A 75 -0.98 -17.17 6.05
CA ASN A 75 0.33 -17.72 6.40
C ASN A 75 0.33 -18.42 7.77
N GLU A 76 -0.47 -17.94 8.68
CA GLU A 76 -0.49 -18.47 10.04
C GLU A 76 -1.45 -19.67 10.16
N LYS A 77 -2.54 -19.62 9.41
CA LYS A 77 -3.58 -20.63 9.52
C LYS A 77 -3.43 -21.77 8.49
N VAL A 78 -3.26 -21.42 7.23
CA VAL A 78 -3.27 -22.45 6.17
C VAL A 78 -1.95 -22.54 5.42
N ALA A 79 -1.57 -21.44 4.79
CA ALA A 79 -0.41 -21.34 3.90
C ALA A 79 -0.57 -22.23 2.69
N ALA A 80 -1.27 -21.70 1.72
CA ALA A 80 -1.56 -22.35 0.45
C ALA A 80 -2.14 -21.31 -0.45
N LYS A 81 -2.01 -21.46 -1.73
CA LYS A 81 -2.45 -20.44 -2.65
C LYS A 81 -3.71 -20.90 -3.39
N MET A 82 -4.57 -19.95 -3.77
CA MET A 82 -5.85 -20.25 -4.43
C MET A 82 -5.69 -20.47 -5.93
N LEU A 83 -4.44 -20.26 -6.41
CA LEU A 83 -4.04 -20.45 -7.80
C LEU A 83 -4.51 -19.33 -8.74
N GLU A 84 -3.55 -18.69 -9.37
CA GLU A 84 -3.83 -17.63 -10.33
C GLU A 84 -4.11 -18.23 -11.68
N LYS A 85 -5.31 -18.11 -12.11
CA LYS A 85 -5.71 -18.64 -13.38
C LYS A 85 -6.57 -17.65 -14.15
N ASP A 86 -6.05 -17.18 -15.25
CA ASP A 86 -6.78 -16.25 -16.10
C ASP A 86 -6.93 -16.86 -17.46
N ALA A 87 -8.08 -16.70 -18.03
CA ALA A 87 -8.33 -17.24 -19.34
C ALA A 87 -7.85 -16.25 -20.39
N THR A 88 -6.78 -16.59 -21.06
CA THR A 88 -6.25 -15.76 -22.10
C THR A 88 -7.22 -15.73 -23.29
N GLU A 89 -7.88 -14.61 -23.45
CA GLU A 89 -8.85 -14.43 -24.50
C GLU A 89 -8.13 -14.02 -25.77
N VAL A 90 -8.03 -14.92 -26.70
CA VAL A 90 -7.35 -14.65 -27.94
C VAL A 90 -8.32 -14.49 -29.10
N GLY A 91 -8.10 -13.47 -29.88
CA GLY A 91 -8.89 -13.23 -31.04
C GLY A 91 -8.11 -13.53 -32.29
N VAL A 92 -8.57 -13.06 -33.41
CA VAL A 92 -7.87 -13.26 -34.66
C VAL A 92 -6.77 -12.21 -34.81
N LYS A 93 -5.67 -12.59 -35.41
CA LYS A 93 -4.54 -11.71 -35.56
C LYS A 93 -4.86 -10.69 -36.64
N ALA A 94 -4.95 -9.44 -36.24
CA ALA A 94 -5.26 -8.37 -37.15
C ALA A 94 -4.00 -7.83 -37.79
N ALA A 95 -3.95 -7.93 -39.09
CA ALA A 95 -2.83 -7.42 -39.83
C ALA A 95 -3.08 -5.97 -40.16
N LEU A 96 -2.04 -5.18 -40.17
CA LEU A 96 -2.19 -3.77 -40.45
C LEU A 96 -2.45 -3.53 -41.92
N GLU A 97 -3.03 -2.41 -42.22
CA GLU A 97 -3.31 -2.06 -43.58
C GLU A 97 -2.21 -1.17 -44.13
N GLU A 98 -1.72 -1.50 -45.28
CA GLU A 98 -0.69 -0.74 -45.90
C GLU A 98 -1.21 0.23 -46.95
N ALA A 99 -0.33 1.05 -47.47
CA ALA A 99 -0.66 2.03 -48.47
C ALA A 99 0.55 2.27 -49.33
N LYS A 100 0.34 2.72 -50.53
CA LYS A 100 1.43 2.99 -51.43
C LYS A 100 2.00 4.37 -51.16
N LYS A 101 3.27 4.52 -51.36
CA LYS A 101 3.92 5.78 -51.13
C LYS A 101 4.30 6.38 -52.47
N VAL A 102 3.64 7.43 -52.87
CA VAL A 102 3.97 8.08 -54.12
C VAL A 102 5.13 9.05 -53.93
N GLN A 103 6.31 8.53 -54.08
CA GLN A 103 7.50 9.30 -53.90
C GLN A 103 7.85 9.94 -55.23
N ILE A 104 7.52 11.19 -55.34
CA ILE A 104 7.79 11.95 -56.52
C ILE A 104 8.75 13.07 -56.21
N GLU A 105 9.86 13.07 -56.89
CA GLU A 105 10.89 14.05 -56.68
C GLU A 105 11.32 14.57 -58.04
N LEU A 106 12.05 15.65 -58.06
CA LEU A 106 12.54 16.19 -59.30
C LEU A 106 13.62 15.28 -59.87
N ASP A 107 13.44 14.81 -61.09
CA ASP A 107 14.43 13.95 -61.74
C ASP A 107 15.65 14.76 -62.08
N THR A 108 15.46 16.03 -62.23
CA THR A 108 16.51 16.96 -62.40
C THR A 108 16.14 18.21 -61.59
N SER A 109 16.82 18.41 -60.47
CA SER A 109 16.51 19.50 -59.57
C SER A 109 16.93 20.84 -60.18
N LEU A 110 17.99 20.80 -60.95
CA LEU A 110 18.48 21.99 -61.58
C LEU A 110 18.28 21.90 -63.06
N SER A 111 17.79 22.96 -63.64
CA SER A 111 17.65 23.06 -65.05
C SER A 111 18.97 23.54 -65.62
N TYR A 112 19.62 22.70 -66.38
CA TYR A 112 20.93 23.02 -66.91
C TYR A 112 20.80 23.84 -68.17
N ILE A 113 21.73 24.75 -68.35
CA ILE A 113 21.82 25.63 -69.51
C ILE A 113 20.65 26.61 -69.55
N GLY A 1 5.49 3.06 9.43
CA GLY A 1 5.95 4.43 9.63
C GLY A 1 5.11 5.40 8.85
N SER A 2 5.39 6.69 9.01
CA SER A 2 4.59 7.68 8.33
C SER A 2 5.13 7.97 6.95
N MET A 3 4.74 7.15 6.03
CA MET A 3 5.03 7.37 4.66
C MET A 3 3.76 7.67 3.94
N THR A 4 3.76 8.72 3.19
CA THR A 4 2.64 9.06 2.39
C THR A 4 2.79 8.24 1.13
N VAL A 5 1.86 7.37 0.88
CA VAL A 5 2.00 6.49 -0.22
C VAL A 5 1.08 6.91 -1.33
N TYR A 6 1.59 6.91 -2.53
CA TYR A 6 0.82 7.27 -3.67
C TYR A 6 0.48 6.01 -4.46
N ILE A 7 -0.76 5.90 -4.86
CA ILE A 7 -1.25 4.72 -5.58
C ILE A 7 -1.71 5.15 -6.97
N CYS A 8 -1.17 4.55 -7.96
CA CYS A 8 -1.67 4.72 -9.28
C CYS A 8 -1.95 3.36 -9.85
N PRO A 9 -3.22 2.93 -9.84
CA PRO A 9 -3.59 1.63 -10.38
C PRO A 9 -3.48 1.58 -11.91
N GLU A 10 -3.15 2.71 -12.50
CA GLU A 10 -3.05 2.81 -13.93
C GLU A 10 -1.64 2.56 -14.39
N THR A 11 -0.79 3.53 -14.17
CA THR A 11 0.54 3.54 -14.70
C THR A 11 1.59 3.10 -13.68
N GLY A 12 1.18 2.98 -12.44
CA GLY A 12 2.12 2.54 -11.44
C GLY A 12 2.09 1.04 -11.33
N ASP A 13 2.69 0.53 -10.29
CA ASP A 13 2.86 -0.88 -10.10
C ASP A 13 3.30 -1.09 -8.68
N ASP A 14 2.86 -2.15 -8.05
CA ASP A 14 3.21 -2.36 -6.64
C ASP A 14 4.63 -2.84 -6.44
N GLY A 15 5.32 -3.11 -7.54
CA GLY A 15 6.73 -3.47 -7.47
C GLY A 15 7.60 -2.24 -7.37
N ASN A 16 6.97 -1.07 -7.43
CA ASN A 16 7.64 0.21 -7.30
C ASN A 16 8.00 0.51 -5.87
N ASP A 17 8.52 1.69 -5.65
CA ASP A 17 8.96 2.14 -4.32
C ASP A 17 7.80 2.75 -3.53
N GLY A 18 6.74 3.11 -4.25
CA GLY A 18 5.66 3.81 -3.65
C GLY A 18 5.95 5.25 -3.36
N SER A 19 6.22 5.99 -4.38
CA SER A 19 6.46 7.39 -4.28
C SER A 19 5.49 8.10 -5.20
N GLU A 20 5.61 9.41 -5.32
CA GLU A 20 4.73 10.14 -6.18
C GLU A 20 5.08 9.82 -7.64
N LEU A 21 6.35 9.55 -7.90
CA LEU A 21 6.80 9.20 -9.23
C LEU A 21 6.71 7.71 -9.49
N LYS A 22 6.77 6.91 -8.45
CA LYS A 22 6.63 5.47 -8.61
C LYS A 22 5.54 4.97 -7.69
N PRO A 23 4.30 5.23 -8.02
CA PRO A 23 3.18 4.82 -7.20
C PRO A 23 2.89 3.33 -7.39
N LEU A 24 2.34 2.71 -6.38
CA LEU A 24 1.99 1.32 -6.47
C LEU A 24 0.68 1.19 -7.21
N ARG A 25 0.34 -0.01 -7.58
CA ARG A 25 -0.87 -0.23 -8.34
C ARG A 25 -2.01 -0.70 -7.45
N THR A 26 -1.71 -0.88 -6.17
CA THR A 26 -2.69 -1.33 -5.22
C THR A 26 -2.58 -0.56 -3.92
N LEU A 27 -3.70 -0.36 -3.28
CA LEU A 27 -3.77 0.28 -1.99
C LEU A 27 -3.28 -0.71 -0.93
N TYR A 28 -3.36 -1.99 -1.29
CA TYR A 28 -2.86 -3.09 -0.50
C TYR A 28 -1.35 -2.91 -0.23
N GLN A 29 -0.57 -2.62 -1.28
CA GLN A 29 0.88 -2.44 -1.12
C GLN A 29 1.18 -1.24 -0.22
N ALA A 30 0.38 -0.20 -0.36
CA ALA A 30 0.51 1.00 0.44
C ALA A 30 0.41 0.67 1.93
N MET A 31 -0.48 -0.23 2.27
CA MET A 31 -0.64 -0.69 3.62
C MET A 31 0.52 -1.56 4.08
N ILE A 32 1.11 -2.31 3.16
CA ILE A 32 2.24 -3.17 3.49
C ILE A 32 3.46 -2.32 3.87
N ILE A 33 3.68 -1.30 3.07
CA ILE A 33 4.82 -0.41 3.23
C ILE A 33 4.76 0.36 4.57
N THR A 34 3.56 0.74 4.95
CA THR A 34 3.38 1.59 6.12
C THR A 34 2.95 0.80 7.38
N LYS A 35 2.03 -0.15 7.17
CA LYS A 35 1.38 -0.96 8.21
C LYS A 35 0.53 -0.05 9.14
N SER A 36 0.26 1.16 8.68
CA SER A 36 -0.48 2.13 9.46
C SER A 36 -1.99 1.97 9.26
N SER A 37 -2.38 1.31 8.15
CA SER A 37 -3.82 1.09 7.77
C SER A 37 -4.57 2.42 7.45
N LYS A 38 -4.55 3.33 8.38
CA LYS A 38 -5.26 4.59 8.30
C LYS A 38 -4.29 5.75 8.06
N GLY A 39 -3.13 5.43 7.53
CA GLY A 39 -2.13 6.45 7.21
C GLY A 39 -2.57 7.29 6.02
N ASP A 40 -1.73 8.19 5.58
CA ASP A 40 -2.11 9.02 4.46
C ASP A 40 -1.76 8.32 3.16
N PHE A 41 -2.77 7.94 2.44
CA PHE A 41 -2.64 7.25 1.20
C PHE A 41 -3.36 8.03 0.14
N LEU A 42 -2.68 8.34 -0.91
CA LEU A 42 -3.25 9.15 -1.95
C LEU A 42 -3.25 8.39 -3.25
N ILE A 43 -4.41 8.26 -3.85
CA ILE A 43 -4.55 7.51 -5.06
C ILE A 43 -4.88 8.44 -6.21
N ARG A 44 -4.18 8.29 -7.31
CA ARG A 44 -4.33 9.14 -8.43
C ARG A 44 -5.66 8.93 -9.12
N THR A 45 -6.29 10.01 -9.43
CA THR A 45 -7.54 10.03 -10.10
C THR A 45 -7.43 11.07 -11.20
N LYS A 46 -8.21 10.94 -12.25
CA LYS A 46 -8.17 11.93 -13.28
C LYS A 46 -9.41 12.75 -13.13
N LYS A 47 -9.24 13.97 -12.73
CA LYS A 47 -10.33 14.81 -12.38
C LYS A 47 -10.16 16.15 -13.09
N ASP A 48 -11.18 16.52 -13.86
CA ASP A 48 -11.20 17.77 -14.64
C ASP A 48 -10.04 17.85 -15.62
N GLY A 49 -9.62 16.71 -16.11
CA GLY A 49 -8.58 16.67 -17.10
C GLY A 49 -7.19 16.63 -16.52
N LYS A 50 -7.08 16.54 -15.22
CA LYS A 50 -5.78 16.51 -14.57
C LYS A 50 -5.70 15.32 -13.63
N GLN A 51 -4.54 14.71 -13.54
CA GLN A 51 -4.35 13.63 -12.62
C GLN A 51 -4.01 14.21 -11.29
N VAL A 52 -4.80 13.92 -10.31
CA VAL A 52 -4.59 14.44 -8.99
C VAL A 52 -4.56 13.30 -8.01
N TRP A 53 -3.99 13.54 -6.87
CA TRP A 53 -3.94 12.57 -5.85
C TRP A 53 -5.11 12.80 -4.91
N GLU A 54 -5.94 11.79 -4.78
CA GLU A 54 -7.12 11.87 -3.96
C GLU A 54 -6.97 10.90 -2.80
N ALA A 55 -7.43 11.30 -1.65
CA ALA A 55 -7.28 10.48 -0.47
C ALA A 55 -8.11 9.22 -0.53
N ALA A 56 -7.54 8.15 -0.05
CA ALA A 56 -8.23 6.88 0.06
C ALA A 56 -9.29 6.96 1.16
N SER A 57 -10.25 6.09 1.10
CA SER A 57 -11.32 6.08 2.04
C SER A 57 -11.14 4.90 2.93
N LYS A 58 -11.64 4.99 4.15
CA LYS A 58 -11.53 3.90 5.10
C LYS A 58 -12.27 2.66 4.56
N THR A 59 -13.26 2.91 3.71
CA THR A 59 -14.00 1.85 3.07
C THR A 59 -13.05 1.01 2.17
N ALA A 60 -12.32 1.69 1.27
CA ALA A 60 -11.39 1.02 0.37
C ALA A 60 -10.19 0.50 1.13
N LEU A 61 -9.76 1.27 2.13
CA LEU A 61 -8.67 0.87 2.98
C LEU A 61 -9.01 -0.45 3.68
N LYS A 62 -10.22 -0.54 4.22
CA LYS A 62 -10.64 -1.74 4.93
C LYS A 62 -10.64 -2.95 4.00
N LYS A 63 -11.04 -2.75 2.76
CA LYS A 63 -11.04 -3.83 1.76
C LYS A 63 -9.60 -4.27 1.45
N SER A 64 -8.70 -3.31 1.41
CA SER A 64 -7.30 -3.56 1.17
C SER A 64 -6.69 -4.33 2.35
N TRP A 65 -7.03 -3.90 3.56
CA TRP A 65 -6.50 -4.49 4.75
C TRP A 65 -7.12 -5.86 5.00
N LYS A 66 -8.34 -6.06 4.54
CA LYS A 66 -9.00 -7.34 4.66
C LYS A 66 -8.18 -8.42 3.95
N ARG A 67 -7.57 -8.04 2.84
CA ARG A 67 -6.74 -8.94 2.06
C ARG A 67 -5.41 -9.20 2.80
N TYR A 68 -5.02 -8.22 3.61
CA TYR A 68 -3.82 -8.32 4.43
C TYR A 68 -4.11 -9.34 5.54
N GLU A 69 -5.30 -9.22 6.14
CA GLU A 69 -5.80 -10.13 7.18
C GLU A 69 -5.91 -11.51 6.67
N GLN A 70 -6.58 -11.65 5.55
CA GLN A 70 -6.88 -12.95 4.98
C GLN A 70 -5.63 -13.80 4.81
N GLU A 71 -4.56 -13.21 4.28
CA GLU A 71 -3.34 -13.94 4.02
C GLU A 71 -2.68 -14.42 5.31
N MET A 72 -2.69 -13.56 6.32
CA MET A 72 -2.09 -13.92 7.60
C MET A 72 -2.99 -14.90 8.33
N LEU A 73 -4.29 -14.71 8.19
CA LEU A 73 -5.29 -15.55 8.82
C LEU A 73 -5.27 -16.98 8.27
N LYS A 74 -4.91 -17.11 6.99
CA LYS A 74 -4.74 -18.43 6.36
C LYS A 74 -3.66 -19.22 7.10
N ASN A 75 -2.74 -18.50 7.72
CA ASN A 75 -1.75 -19.13 8.58
C ASN A 75 -2.33 -19.19 9.98
N GLU A 76 -2.48 -18.00 10.63
CA GLU A 76 -3.06 -17.91 11.99
C GLU A 76 -3.02 -16.47 12.54
N LYS A 77 -2.16 -15.63 11.94
CA LYS A 77 -1.83 -14.30 12.50
C LYS A 77 -1.08 -14.51 13.81
N VAL A 78 -1.79 -14.42 14.91
CA VAL A 78 -1.28 -14.73 16.25
C VAL A 78 -2.49 -15.08 17.10
N ALA A 79 -2.95 -16.31 16.96
CA ALA A 79 -4.13 -16.81 17.68
C ALA A 79 -4.44 -18.27 17.34
N ALA A 80 -3.57 -18.92 16.54
CA ALA A 80 -3.79 -20.29 16.02
C ALA A 80 -4.95 -20.30 15.01
N LYS A 81 -6.14 -20.01 15.47
CA LYS A 81 -7.32 -19.91 14.63
C LYS A 81 -8.12 -18.70 15.05
N MET A 82 -8.65 -17.96 14.10
CA MET A 82 -9.47 -16.80 14.38
C MET A 82 -10.75 -16.88 13.56
N LEU A 83 -11.38 -18.03 13.64
CA LEU A 83 -12.64 -18.27 13.00
C LEU A 83 -13.68 -18.46 14.07
N GLU A 84 -14.47 -17.43 14.31
CA GLU A 84 -15.50 -17.41 15.37
C GLU A 84 -16.32 -18.68 15.35
N LYS A 85 -17.03 -18.90 14.26
CA LYS A 85 -17.83 -20.10 14.10
C LYS A 85 -17.90 -20.45 12.60
N ASP A 86 -17.01 -19.79 11.82
CA ASP A 86 -16.91 -19.97 10.36
C ASP A 86 -18.18 -19.55 9.65
N ALA A 87 -19.09 -20.48 9.58
CA ALA A 87 -20.35 -20.36 8.92
C ALA A 87 -21.12 -21.63 9.23
N THR A 88 -22.34 -21.69 8.82
CA THR A 88 -23.10 -22.88 8.97
C THR A 88 -23.66 -23.29 7.60
N GLU A 89 -22.89 -24.09 6.91
CA GLU A 89 -23.22 -24.50 5.57
C GLU A 89 -22.48 -25.79 5.26
N VAL A 90 -23.22 -26.79 4.89
CA VAL A 90 -22.62 -28.04 4.55
C VAL A 90 -22.86 -28.36 3.07
N GLY A 91 -21.79 -28.66 2.38
CA GLY A 91 -21.84 -28.91 0.96
C GLY A 91 -22.31 -30.30 0.61
N VAL A 92 -23.45 -30.66 1.10
CA VAL A 92 -24.05 -31.90 0.77
C VAL A 92 -25.39 -31.68 0.09
N LYS A 93 -25.40 -31.79 -1.20
CA LYS A 93 -26.60 -31.66 -1.97
C LYS A 93 -26.89 -32.90 -2.75
N ALA A 94 -27.73 -33.71 -2.19
CA ALA A 94 -28.16 -34.92 -2.82
C ALA A 94 -29.67 -34.90 -2.88
N ALA A 95 -30.20 -34.56 -4.03
CA ALA A 95 -31.63 -34.49 -4.21
C ALA A 95 -32.13 -35.75 -4.88
N LEU A 96 -31.29 -36.30 -5.78
CA LEU A 96 -31.61 -37.50 -6.54
C LEU A 96 -32.85 -37.30 -7.41
N GLU A 97 -33.09 -36.05 -7.82
CA GLU A 97 -34.20 -35.75 -8.70
C GLU A 97 -33.87 -36.32 -10.06
N GLU A 98 -34.48 -37.41 -10.36
CA GLU A 98 -34.14 -38.19 -11.50
C GLU A 98 -35.27 -38.28 -12.48
N ALA A 99 -34.91 -38.38 -13.72
CA ALA A 99 -35.85 -38.56 -14.78
C ALA A 99 -35.46 -39.83 -15.50
N LYS A 100 -36.24 -40.21 -16.50
CA LYS A 100 -35.98 -41.39 -17.33
C LYS A 100 -36.20 -42.68 -16.50
N LYS A 101 -36.81 -42.53 -15.36
CA LYS A 101 -37.13 -43.65 -14.52
C LYS A 101 -38.47 -43.44 -13.87
N VAL A 102 -39.48 -43.98 -14.50
CA VAL A 102 -40.82 -43.91 -14.03
C VAL A 102 -41.65 -44.95 -14.77
N GLN A 103 -42.24 -45.85 -14.05
CA GLN A 103 -42.95 -46.92 -14.70
C GLN A 103 -44.40 -46.56 -14.92
N ILE A 104 -44.62 -45.86 -15.98
CA ILE A 104 -45.93 -45.45 -16.40
C ILE A 104 -46.11 -45.78 -17.88
N GLU A 105 -46.72 -46.89 -18.12
CA GLU A 105 -46.93 -47.33 -19.48
C GLU A 105 -48.36 -47.06 -19.89
N LEU A 106 -49.24 -47.06 -18.90
CA LEU A 106 -50.67 -46.90 -19.07
C LEU A 106 -51.24 -48.00 -19.95
N ASP A 107 -51.30 -49.19 -19.37
CA ASP A 107 -51.81 -50.36 -20.06
C ASP A 107 -53.28 -50.55 -19.74
N THR A 108 -53.71 -49.86 -18.72
CA THR A 108 -55.08 -49.90 -18.30
C THR A 108 -55.90 -48.92 -19.12
N SER A 109 -56.93 -49.41 -19.77
CA SER A 109 -57.80 -48.57 -20.57
C SER A 109 -58.65 -47.72 -19.64
N LEU A 110 -58.95 -48.27 -18.49
CA LEU A 110 -59.71 -47.60 -17.47
C LEU A 110 -59.15 -47.97 -16.11
N SER A 111 -59.79 -47.56 -15.05
CA SER A 111 -59.34 -47.89 -13.73
C SER A 111 -59.69 -49.34 -13.43
N TYR A 112 -58.75 -50.21 -13.72
CA TYR A 112 -58.91 -51.63 -13.51
C TYR A 112 -58.56 -51.91 -12.06
N ILE A 113 -59.58 -52.19 -11.27
CA ILE A 113 -59.45 -52.41 -9.84
C ILE A 113 -59.13 -51.09 -9.13
N GLY A 1 4.05 4.73 11.36
CA GLY A 1 3.29 5.58 10.44
C GLY A 1 4.19 6.63 9.80
N SER A 2 3.65 7.84 9.62
CA SER A 2 4.39 9.00 9.07
C SER A 2 4.83 8.76 7.62
N MET A 3 4.23 7.76 7.00
CA MET A 3 4.57 7.38 5.66
C MET A 3 3.43 7.70 4.73
N THR A 4 3.74 8.33 3.63
CA THR A 4 2.75 8.69 2.65
C THR A 4 3.01 7.88 1.38
N VAL A 5 2.04 7.06 1.01
CA VAL A 5 2.19 6.20 -0.15
C VAL A 5 1.27 6.66 -1.27
N TYR A 6 1.79 6.66 -2.49
CA TYR A 6 1.03 7.04 -3.66
C TYR A 6 0.63 5.80 -4.48
N ILE A 7 -0.61 5.76 -4.91
CA ILE A 7 -1.15 4.63 -5.66
C ILE A 7 -1.63 5.12 -7.03
N CYS A 8 -1.06 4.63 -8.06
CA CYS A 8 -1.57 4.87 -9.38
C CYS A 8 -1.76 3.52 -10.06
N PRO A 9 -2.97 2.94 -10.00
CA PRO A 9 -3.24 1.62 -10.62
C PRO A 9 -3.12 1.65 -12.16
N GLU A 10 -2.97 2.85 -12.71
CA GLU A 10 -2.87 3.04 -14.12
C GLU A 10 -1.45 2.85 -14.60
N THR A 11 -0.60 3.77 -14.24
CA THR A 11 0.76 3.82 -14.72
C THR A 11 1.76 3.25 -13.71
N GLY A 12 1.33 3.11 -12.46
CA GLY A 12 2.26 2.62 -11.46
C GLY A 12 2.15 1.12 -11.29
N ASP A 13 2.85 0.59 -10.33
CA ASP A 13 2.93 -0.83 -10.13
C ASP A 13 3.11 -1.13 -8.65
N ASP A 14 2.55 -2.23 -8.22
CA ASP A 14 2.58 -2.63 -6.79
C ASP A 14 3.97 -3.09 -6.32
N GLY A 15 4.87 -3.32 -7.24
CA GLY A 15 6.21 -3.76 -6.85
C GLY A 15 7.16 -2.60 -6.70
N ASN A 16 6.61 -1.41 -6.63
CA ASN A 16 7.40 -0.21 -6.49
C ASN A 16 7.54 0.20 -5.04
N ASP A 17 8.20 1.33 -4.82
CA ASP A 17 8.42 1.87 -3.50
C ASP A 17 7.15 2.54 -2.97
N GLY A 18 6.32 2.99 -3.89
CA GLY A 18 5.09 3.64 -3.52
C GLY A 18 5.21 5.14 -3.30
N SER A 19 6.24 5.73 -3.83
CA SER A 19 6.38 7.16 -3.74
C SER A 19 5.66 7.82 -4.93
N GLU A 20 5.68 9.14 -5.01
CA GLU A 20 4.94 9.84 -6.05
C GLU A 20 5.44 9.45 -7.47
N LEU A 21 6.75 9.25 -7.60
CA LEU A 21 7.34 8.90 -8.89
C LEU A 21 7.25 7.42 -9.18
N LYS A 22 6.94 6.62 -8.17
CA LYS A 22 6.76 5.18 -8.33
C LYS A 22 5.55 4.76 -7.57
N PRO A 23 4.39 5.07 -8.07
CA PRO A 23 3.18 4.76 -7.39
C PRO A 23 2.86 3.28 -7.47
N LEU A 24 2.18 2.80 -6.47
CA LEU A 24 1.78 1.42 -6.40
C LEU A 24 0.55 1.23 -7.23
N ARG A 25 0.25 0.02 -7.60
CA ARG A 25 -0.92 -0.16 -8.43
C ARG A 25 -2.08 -0.71 -7.60
N THR A 26 -1.78 -0.97 -6.34
CA THR A 26 -2.77 -1.47 -5.40
C THR A 26 -2.62 -0.74 -4.06
N LEU A 27 -3.74 -0.52 -3.39
CA LEU A 27 -3.76 0.11 -2.08
C LEU A 27 -3.30 -0.91 -1.03
N TYR A 28 -3.42 -2.18 -1.41
CA TYR A 28 -2.97 -3.32 -0.64
C TYR A 28 -1.46 -3.19 -0.33
N GLN A 29 -0.64 -2.90 -1.35
CA GLN A 29 0.82 -2.76 -1.15
C GLN A 29 1.12 -1.56 -0.25
N ALA A 30 0.34 -0.48 -0.41
CA ALA A 30 0.47 0.71 0.38
C ALA A 30 0.31 0.39 1.87
N MET A 31 -0.64 -0.45 2.18
CA MET A 31 -0.83 -0.89 3.53
C MET A 31 0.24 -1.85 4.01
N ILE A 32 0.78 -2.66 3.11
CA ILE A 32 1.86 -3.58 3.49
C ILE A 32 3.07 -2.79 3.98
N ILE A 33 3.43 -1.80 3.21
CA ILE A 33 4.58 -0.99 3.50
C ILE A 33 4.39 -0.21 4.81
N THR A 34 3.20 0.28 5.04
CA THR A 34 2.94 1.13 6.17
C THR A 34 2.64 0.31 7.43
N LYS A 35 1.74 -0.69 7.30
CA LYS A 35 1.28 -1.53 8.43
C LYS A 35 0.59 -0.70 9.51
N SER A 36 0.21 0.51 9.15
CA SER A 36 -0.42 1.43 10.09
C SER A 36 -1.96 1.32 10.05
N SER A 37 -2.49 0.55 9.08
CA SER A 37 -3.95 0.34 8.86
C SER A 37 -4.66 1.59 8.32
N LYS A 38 -3.99 2.71 8.41
CA LYS A 38 -4.44 3.98 7.99
C LYS A 38 -3.20 4.75 7.66
N GLY A 39 -3.36 5.98 7.40
CA GLY A 39 -2.26 6.81 7.04
C GLY A 39 -2.64 7.61 5.84
N ASP A 40 -1.76 8.45 5.38
CA ASP A 40 -2.09 9.24 4.22
C ASP A 40 -1.72 8.46 2.98
N PHE A 41 -2.72 8.08 2.25
CA PHE A 41 -2.56 7.34 1.03
C PHE A 41 -3.17 8.11 -0.05
N LEU A 42 -2.44 8.36 -1.09
CA LEU A 42 -2.94 9.18 -2.16
C LEU A 42 -2.99 8.40 -3.43
N ILE A 43 -4.14 8.33 -4.00
CA ILE A 43 -4.34 7.59 -5.19
C ILE A 43 -4.60 8.53 -6.35
N ARG A 44 -3.93 8.29 -7.46
CA ARG A 44 -4.06 9.09 -8.63
C ARG A 44 -5.45 8.91 -9.20
N THR A 45 -6.11 9.98 -9.40
CA THR A 45 -7.43 9.98 -9.93
C THR A 45 -7.51 11.01 -11.03
N LYS A 46 -8.38 10.81 -11.97
CA LYS A 46 -8.52 11.68 -13.10
C LYS A 46 -9.80 12.46 -12.98
N LYS A 47 -9.67 13.75 -12.82
CA LYS A 47 -10.80 14.61 -12.57
C LYS A 47 -10.80 15.79 -13.52
N ASP A 48 -11.77 15.78 -14.45
CA ASP A 48 -12.02 16.89 -15.41
C ASP A 48 -10.77 17.19 -16.26
N GLY A 49 -10.01 16.16 -16.56
CA GLY A 49 -8.81 16.32 -17.37
C GLY A 49 -7.58 16.64 -16.55
N LYS A 50 -7.65 16.39 -15.26
CA LYS A 50 -6.52 16.57 -14.38
C LYS A 50 -6.21 15.29 -13.65
N GLN A 51 -4.95 14.93 -13.59
CA GLN A 51 -4.55 13.80 -12.81
C GLN A 51 -4.18 14.34 -11.46
N VAL A 52 -4.85 13.90 -10.43
CA VAL A 52 -4.58 14.44 -9.11
C VAL A 52 -4.43 13.33 -8.10
N TRP A 53 -3.87 13.65 -6.98
CA TRP A 53 -3.74 12.71 -5.91
C TRP A 53 -4.88 12.93 -4.94
N GLU A 54 -5.69 11.92 -4.77
CA GLU A 54 -6.81 11.98 -3.87
C GLU A 54 -6.60 10.99 -2.76
N ALA A 55 -6.99 11.37 -1.56
CA ALA A 55 -6.84 10.51 -0.40
C ALA A 55 -7.75 9.31 -0.50
N ALA A 56 -7.25 8.18 -0.04
CA ALA A 56 -8.01 6.95 -0.01
C ALA A 56 -9.22 7.08 0.93
N SER A 57 -10.13 6.16 0.84
CA SER A 57 -11.32 6.23 1.62
C SER A 57 -11.28 5.18 2.70
N LYS A 58 -11.92 5.46 3.84
CA LYS A 58 -11.90 4.58 5.00
C LYS A 58 -12.34 3.15 4.66
N THR A 59 -13.43 3.03 3.93
CA THR A 59 -13.95 1.74 3.56
C THR A 59 -13.03 1.03 2.54
N ALA A 60 -12.47 1.80 1.62
CA ALA A 60 -11.54 1.26 0.62
C ALA A 60 -10.23 0.82 1.26
N LEU A 61 -9.78 1.59 2.24
CA LEU A 61 -8.63 1.23 3.04
C LEU A 61 -8.91 -0.08 3.76
N LYS A 62 -10.05 -0.14 4.44
CA LYS A 62 -10.44 -1.36 5.14
C LYS A 62 -10.61 -2.53 4.18
N LYS A 63 -10.98 -2.24 2.96
CA LYS A 63 -11.10 -3.23 1.89
C LYS A 63 -9.72 -3.81 1.54
N SER A 64 -8.73 -2.93 1.45
CA SER A 64 -7.36 -3.32 1.14
C SER A 64 -6.74 -4.06 2.34
N TRP A 65 -7.06 -3.59 3.54
CA TRP A 65 -6.59 -4.17 4.78
C TRP A 65 -7.29 -5.52 5.03
N LYS A 66 -8.49 -5.65 4.52
CA LYS A 66 -9.26 -6.88 4.64
C LYS A 66 -8.53 -7.99 3.93
N ARG A 67 -7.98 -7.67 2.76
CA ARG A 67 -7.17 -8.61 1.99
C ARG A 67 -5.91 -8.94 2.77
N TYR A 68 -5.30 -7.88 3.32
CA TYR A 68 -4.07 -7.97 4.08
C TYR A 68 -4.21 -9.00 5.19
N GLU A 69 -5.24 -8.84 6.01
CA GLU A 69 -5.53 -9.78 7.11
C GLU A 69 -5.72 -11.17 6.60
N GLN A 70 -6.52 -11.29 5.58
CA GLN A 70 -6.79 -12.58 4.95
C GLN A 70 -5.51 -13.30 4.50
N GLU A 71 -4.63 -12.58 3.86
CA GLU A 71 -3.38 -13.15 3.38
C GLU A 71 -2.42 -13.42 4.53
N MET A 72 -2.32 -12.48 5.46
CA MET A 72 -1.43 -12.62 6.61
C MET A 72 -1.87 -13.78 7.48
N LEU A 73 -3.16 -13.95 7.62
CA LEU A 73 -3.74 -15.04 8.40
C LEU A 73 -3.67 -16.37 7.63
N LYS A 74 -3.64 -16.28 6.31
CA LYS A 74 -3.55 -17.46 5.46
C LYS A 74 -2.15 -18.05 5.53
N ASN A 75 -1.17 -17.19 5.59
CA ASN A 75 0.22 -17.62 5.61
C ASN A 75 0.74 -17.73 7.03
N GLU A 76 0.26 -16.84 7.88
CA GLU A 76 0.61 -16.77 9.30
C GLU A 76 2.04 -16.34 9.56
N LYS A 77 2.96 -17.28 9.61
CA LYS A 77 4.30 -16.93 9.93
C LYS A 77 5.09 -16.69 8.66
N VAL A 78 5.32 -15.43 8.40
CA VAL A 78 6.16 -14.97 7.31
C VAL A 78 6.93 -13.79 7.86
N ALA A 79 6.19 -12.76 8.19
CA ALA A 79 6.68 -11.57 8.81
C ALA A 79 5.51 -10.73 9.24
N ALA A 80 5.05 -10.98 10.42
CA ALA A 80 3.91 -10.27 10.95
C ALA A 80 4.38 -9.18 11.86
N LYS A 81 4.27 -7.97 11.40
CA LYS A 81 4.67 -6.83 12.17
C LYS A 81 3.44 -6.02 12.53
N MET A 82 3.01 -6.16 13.75
CA MET A 82 1.81 -5.51 14.22
C MET A 82 1.96 -5.22 15.70
N LEU A 83 2.00 -3.95 16.04
CA LEU A 83 2.07 -3.54 17.43
C LEU A 83 0.68 -3.49 18.00
N GLU A 84 0.50 -4.07 19.16
CA GLU A 84 -0.80 -4.22 19.75
C GLU A 84 -1.40 -2.90 20.22
N LYS A 85 -2.32 -2.41 19.43
CA LYS A 85 -3.13 -1.28 19.75
C LYS A 85 -4.56 -1.60 19.44
N ASP A 86 -5.21 -2.22 20.39
CA ASP A 86 -6.58 -2.62 20.23
C ASP A 86 -7.46 -1.74 21.08
N ALA A 87 -8.59 -1.39 20.58
CA ALA A 87 -9.53 -0.57 21.29
C ALA A 87 -10.88 -1.23 21.22
N THR A 88 -11.56 -1.32 22.33
CA THR A 88 -12.87 -1.92 22.35
C THR A 88 -13.88 -0.94 21.76
N GLU A 89 -13.63 0.36 22.01
CA GLU A 89 -14.42 1.47 21.49
C GLU A 89 -15.87 1.42 22.05
N VAL A 90 -16.01 0.73 23.15
CA VAL A 90 -17.28 0.60 23.82
C VAL A 90 -17.28 1.48 25.05
N GLY A 91 -18.09 2.51 25.03
CA GLY A 91 -18.17 3.42 26.15
C GLY A 91 -19.37 4.31 26.02
N VAL A 92 -20.53 3.72 26.09
CA VAL A 92 -21.78 4.42 25.96
C VAL A 92 -22.53 4.45 27.28
N LYS A 93 -23.69 5.12 27.29
CA LYS A 93 -24.56 5.24 28.46
C LYS A 93 -23.93 6.08 29.56
N ALA A 94 -24.33 7.33 29.64
CA ALA A 94 -23.83 8.24 30.63
C ALA A 94 -24.65 8.14 31.90
N ALA A 95 -24.24 8.83 32.92
CA ALA A 95 -24.93 8.83 34.20
C ALA A 95 -26.29 9.50 34.09
N LEU A 96 -27.25 8.99 34.84
CA LEU A 96 -28.60 9.53 34.85
C LEU A 96 -28.63 10.83 35.61
N GLU A 97 -29.13 11.87 34.97
CA GLU A 97 -29.20 13.16 35.60
C GLU A 97 -30.36 13.25 36.57
N GLU A 98 -30.31 14.24 37.40
CA GLU A 98 -31.30 14.48 38.41
C GLU A 98 -32.02 15.78 38.11
N ALA A 99 -33.12 16.02 38.78
CA ALA A 99 -33.85 17.24 38.65
C ALA A 99 -33.50 18.16 39.82
N LYS A 100 -33.13 19.38 39.53
CA LYS A 100 -32.78 20.35 40.55
C LYS A 100 -33.96 21.22 40.90
N LYS A 101 -34.03 21.60 42.16
CA LYS A 101 -35.01 22.55 42.58
C LYS A 101 -34.45 23.92 42.23
N VAL A 102 -35.01 24.54 41.24
CA VAL A 102 -34.51 25.81 40.80
C VAL A 102 -35.18 26.95 41.53
N GLN A 103 -34.40 27.91 41.94
CA GLN A 103 -34.94 29.06 42.61
C GLN A 103 -35.47 30.02 41.58
N ILE A 104 -36.72 30.38 41.71
CA ILE A 104 -37.33 31.29 40.77
C ILE A 104 -36.89 32.72 41.02
N GLU A 105 -35.92 33.15 40.27
CA GLU A 105 -35.41 34.48 40.37
C GLU A 105 -36.20 35.39 39.46
N LEU A 106 -37.18 36.03 40.04
CA LEU A 106 -38.06 36.90 39.31
C LEU A 106 -38.42 38.06 40.19
N ASP A 107 -37.69 39.13 40.06
CA ASP A 107 -37.99 40.36 40.77
C ASP A 107 -38.94 41.13 39.91
N THR A 108 -38.80 40.89 38.64
CA THR A 108 -39.58 41.46 37.62
C THR A 108 -39.55 40.48 36.45
N SER A 109 -40.48 40.61 35.55
CA SER A 109 -40.55 39.77 34.37
C SER A 109 -39.67 40.36 33.27
N LEU A 110 -39.24 41.60 33.52
CA LEU A 110 -38.43 42.39 32.62
C LEU A 110 -39.22 42.84 31.43
N SER A 111 -39.85 43.98 31.56
CA SER A 111 -40.58 44.54 30.46
C SER A 111 -39.61 45.38 29.65
N TYR A 112 -38.89 44.71 28.80
CA TYR A 112 -37.85 45.31 28.04
C TYR A 112 -38.39 45.67 26.66
N ILE A 113 -38.77 46.89 26.53
CA ILE A 113 -39.33 47.40 25.31
C ILE A 113 -38.40 48.35 24.57
N GLY A 1 6.31 3.66 9.29
CA GLY A 1 5.58 4.58 10.16
C GLY A 1 4.54 5.35 9.39
N SER A 2 4.40 6.63 9.67
CA SER A 2 3.43 7.43 8.99
C SER A 2 3.97 7.92 7.65
N MET A 3 3.75 7.13 6.63
CA MET A 3 4.22 7.45 5.30
C MET A 3 3.06 7.77 4.37
N THR A 4 3.26 8.72 3.50
CA THR A 4 2.29 9.04 2.49
C THR A 4 2.61 8.19 1.27
N VAL A 5 1.70 7.33 0.90
CA VAL A 5 1.93 6.45 -0.23
C VAL A 5 1.07 6.90 -1.40
N TYR A 6 1.62 6.87 -2.60
CA TYR A 6 0.87 7.25 -3.78
C TYR A 6 0.47 5.99 -4.56
N ILE A 7 -0.80 5.92 -4.93
CA ILE A 7 -1.35 4.76 -5.64
C ILE A 7 -1.81 5.17 -7.04
N CYS A 8 -1.30 4.54 -8.03
CA CYS A 8 -1.86 4.65 -9.34
C CYS A 8 -2.12 3.24 -9.82
N PRO A 9 -3.39 2.79 -9.76
CA PRO A 9 -3.76 1.41 -10.10
C PRO A 9 -3.52 1.07 -11.59
N GLU A 10 -3.14 2.06 -12.36
CA GLU A 10 -2.97 1.87 -13.77
C GLU A 10 -1.52 1.92 -14.17
N THR A 11 -0.96 3.10 -14.10
CA THR A 11 0.34 3.35 -14.62
C THR A 11 1.43 3.20 -13.57
N GLY A 12 1.10 2.68 -12.41
CA GLY A 12 2.11 2.39 -11.46
C GLY A 12 2.14 0.92 -11.25
N ASP A 13 2.99 0.44 -10.41
CA ASP A 13 3.09 -0.99 -10.18
C ASP A 13 3.14 -1.23 -8.69
N ASP A 14 2.66 -2.37 -8.26
CA ASP A 14 2.54 -2.65 -6.84
C ASP A 14 3.87 -3.12 -6.24
N GLY A 15 4.88 -3.28 -7.07
CA GLY A 15 6.18 -3.69 -6.57
C GLY A 15 7.06 -2.51 -6.28
N ASN A 16 6.57 -1.32 -6.59
CA ASN A 16 7.31 -0.09 -6.34
C ASN A 16 7.29 0.27 -4.87
N ASP A 17 7.94 1.37 -4.53
CA ASP A 17 7.97 1.84 -3.15
C ASP A 17 6.85 2.81 -2.87
N GLY A 18 6.07 3.11 -3.88
CA GLY A 18 4.92 3.97 -3.72
C GLY A 18 5.23 5.44 -3.65
N SER A 19 6.25 5.84 -4.34
CA SER A 19 6.61 7.24 -4.41
C SER A 19 5.64 7.91 -5.40
N GLU A 20 5.66 9.22 -5.48
CA GLU A 20 4.80 9.90 -6.42
C GLU A 20 5.20 9.51 -7.86
N LEU A 21 6.50 9.37 -8.06
CA LEU A 21 7.05 9.00 -9.34
C LEU A 21 6.98 7.50 -9.57
N LYS A 22 6.67 6.76 -8.52
CA LYS A 22 6.57 5.30 -8.57
C LYS A 22 5.35 4.87 -7.80
N PRO A 23 4.16 5.19 -8.29
CA PRO A 23 2.96 4.91 -7.57
C PRO A 23 2.65 3.43 -7.55
N LEU A 24 1.98 3.00 -6.53
CA LEU A 24 1.62 1.63 -6.40
C LEU A 24 0.39 1.34 -7.15
N ARG A 25 0.36 0.22 -7.76
CA ARG A 25 -0.76 -0.19 -8.54
C ARG A 25 -1.90 -0.74 -7.66
N THR A 26 -1.60 -1.01 -6.41
CA THR A 26 -2.59 -1.50 -5.49
C THR A 26 -2.57 -0.68 -4.21
N LEU A 27 -3.73 -0.49 -3.61
CA LEU A 27 -3.84 0.20 -2.34
C LEU A 27 -3.38 -0.75 -1.23
N TYR A 28 -3.48 -2.03 -1.54
CA TYR A 28 -3.04 -3.10 -0.69
C TYR A 28 -1.55 -2.96 -0.36
N GLN A 29 -0.71 -2.76 -1.37
CA GLN A 29 0.72 -2.64 -1.15
C GLN A 29 1.03 -1.44 -0.28
N ALA A 30 0.31 -0.34 -0.51
CA ALA A 30 0.46 0.89 0.25
C ALA A 30 0.24 0.62 1.72
N MET A 31 -0.81 -0.12 2.00
CA MET A 31 -1.14 -0.46 3.34
C MET A 31 -0.17 -1.47 3.94
N ILE A 32 0.41 -2.34 3.10
CA ILE A 32 1.46 -3.28 3.57
C ILE A 32 2.67 -2.49 4.06
N ILE A 33 3.19 -1.65 3.16
CA ILE A 33 4.40 -0.87 3.40
C ILE A 33 4.26 -0.02 4.66
N THR A 34 3.10 0.53 4.86
CA THR A 34 2.88 1.36 6.00
C THR A 34 2.58 0.50 7.22
N LYS A 35 1.74 -0.54 7.03
CA LYS A 35 1.31 -1.47 8.06
C LYS A 35 0.54 -0.73 9.18
N SER A 36 0.18 0.50 8.89
CA SER A 36 -0.43 1.34 9.89
C SER A 36 -1.95 1.25 9.83
N SER A 37 -2.49 0.57 8.80
CA SER A 37 -3.97 0.42 8.57
C SER A 37 -4.69 1.79 8.50
N LYS A 38 -3.90 2.84 8.32
CA LYS A 38 -4.31 4.17 8.33
C LYS A 38 -3.11 4.99 7.93
N GLY A 39 -3.34 6.12 7.42
CA GLY A 39 -2.28 7.01 7.03
C GLY A 39 -2.66 7.76 5.82
N ASP A 40 -1.72 8.39 5.18
CA ASP A 40 -2.03 9.10 3.97
C ASP A 40 -1.82 8.22 2.78
N PHE A 41 -2.89 7.88 2.16
CA PHE A 41 -2.88 7.06 1.00
C PHE A 41 -3.54 7.83 -0.09
N LEU A 42 -2.77 8.26 -1.04
CA LEU A 42 -3.30 9.11 -2.07
C LEU A 42 -3.32 8.36 -3.38
N ILE A 43 -4.48 8.29 -3.97
CA ILE A 43 -4.64 7.56 -5.18
C ILE A 43 -4.85 8.52 -6.34
N ARG A 44 -4.16 8.25 -7.43
CA ARG A 44 -4.20 9.08 -8.61
C ARG A 44 -5.55 8.97 -9.26
N THR A 45 -6.11 10.07 -9.51
CA THR A 45 -7.38 10.17 -10.13
C THR A 45 -7.28 11.24 -11.20
N LYS A 46 -8.06 11.13 -12.22
CA LYS A 46 -8.04 12.14 -13.22
C LYS A 46 -9.30 12.93 -13.14
N LYS A 47 -9.12 14.12 -12.69
CA LYS A 47 -10.18 15.02 -12.38
C LYS A 47 -9.85 16.35 -13.01
N ASP A 48 -10.83 17.00 -13.63
CA ASP A 48 -10.65 18.32 -14.26
C ASP A 48 -9.57 18.23 -15.37
N GLY A 49 -9.50 17.04 -15.98
CA GLY A 49 -8.55 16.79 -17.04
C GLY A 49 -7.12 16.61 -16.55
N LYS A 50 -6.94 16.60 -15.26
CA LYS A 50 -5.62 16.51 -14.66
C LYS A 50 -5.54 15.30 -13.76
N GLN A 51 -4.38 14.71 -13.68
CA GLN A 51 -4.18 13.60 -12.82
C GLN A 51 -3.73 14.14 -11.49
N VAL A 52 -4.47 13.85 -10.47
CA VAL A 52 -4.21 14.38 -9.16
C VAL A 52 -4.26 13.26 -8.14
N TRP A 53 -3.88 13.57 -6.94
CA TRP A 53 -3.88 12.60 -5.86
C TRP A 53 -5.11 12.81 -4.97
N GLU A 54 -5.91 11.79 -4.82
CA GLU A 54 -7.10 11.86 -4.00
C GLU A 54 -6.93 10.90 -2.83
N ALA A 55 -7.30 11.34 -1.65
CA ALA A 55 -7.15 10.53 -0.45
C ALA A 55 -8.09 9.34 -0.47
N ALA A 56 -7.55 8.19 -0.11
CA ALA A 56 -8.33 6.98 -0.01
C ALA A 56 -9.27 7.06 1.18
N SER A 57 -10.29 6.26 1.17
CA SER A 57 -11.30 6.31 2.18
C SER A 57 -11.18 5.07 3.03
N LYS A 58 -11.60 5.14 4.29
CA LYS A 58 -11.49 4.02 5.21
C LYS A 58 -12.16 2.76 4.67
N THR A 59 -13.23 2.94 3.93
CA THR A 59 -13.91 1.83 3.31
C THR A 59 -13.03 1.12 2.26
N ALA A 60 -12.34 1.90 1.45
CA ALA A 60 -11.44 1.35 0.44
C ALA A 60 -10.18 0.79 1.09
N LEU A 61 -9.77 1.46 2.16
CA LEU A 61 -8.64 1.03 2.94
C LEU A 61 -8.95 -0.29 3.65
N LYS A 62 -10.16 -0.42 4.17
CA LYS A 62 -10.58 -1.64 4.85
C LYS A 62 -10.57 -2.81 3.86
N LYS A 63 -10.91 -2.51 2.61
CA LYS A 63 -10.90 -3.48 1.54
C LYS A 63 -9.48 -4.02 1.32
N SER A 64 -8.52 -3.12 1.38
CA SER A 64 -7.15 -3.45 1.15
C SER A 64 -6.55 -4.15 2.39
N TRP A 65 -6.93 -3.68 3.56
CA TRP A 65 -6.46 -4.24 4.81
C TRP A 65 -7.08 -5.63 5.04
N LYS A 66 -8.28 -5.83 4.52
CA LYS A 66 -8.98 -7.11 4.64
C LYS A 66 -8.20 -8.22 3.92
N ARG A 67 -7.52 -7.84 2.85
CA ARG A 67 -6.69 -8.77 2.11
C ARG A 67 -5.45 -9.08 2.93
N TYR A 68 -4.94 -8.05 3.59
CA TYR A 68 -3.75 -8.12 4.43
C TYR A 68 -3.98 -9.14 5.56
N GLU A 69 -5.17 -9.08 6.15
CA GLU A 69 -5.64 -10.01 7.18
C GLU A 69 -5.58 -11.41 6.66
N GLN A 70 -6.18 -11.59 5.50
CA GLN A 70 -6.28 -12.83 4.85
C GLN A 70 -4.90 -13.45 4.58
N GLU A 71 -3.96 -12.64 4.20
CA GLU A 71 -2.63 -13.10 3.89
C GLU A 71 -1.86 -13.50 5.16
N MET A 72 -2.10 -12.80 6.24
CA MET A 72 -1.50 -13.17 7.52
C MET A 72 -2.19 -14.39 8.11
N LEU A 73 -3.50 -14.41 7.98
CA LEU A 73 -4.36 -15.48 8.43
C LEU A 73 -4.10 -16.78 7.65
N LYS A 74 -3.55 -16.61 6.45
CA LYS A 74 -3.14 -17.70 5.58
C LYS A 74 -2.13 -18.60 6.29
N ASN A 75 -1.25 -17.98 7.06
CA ASN A 75 -0.18 -18.66 7.74
C ASN A 75 -0.73 -19.63 8.80
N GLU A 76 0.04 -20.65 9.11
CA GLU A 76 -0.31 -21.72 10.02
C GLU A 76 -1.30 -22.68 9.35
N LYS A 77 -0.76 -23.46 8.43
CA LYS A 77 -1.46 -24.49 7.67
C LYS A 77 -2.68 -23.95 6.91
N VAL A 78 -2.49 -23.63 5.66
CA VAL A 78 -3.61 -23.25 4.83
C VAL A 78 -3.82 -24.33 3.76
N ALA A 79 -2.70 -24.91 3.30
CA ALA A 79 -2.66 -26.01 2.34
C ALA A 79 -3.10 -25.62 0.91
N ALA A 80 -4.32 -25.15 0.76
CA ALA A 80 -4.87 -24.88 -0.56
C ALA A 80 -4.75 -23.41 -0.99
N LYS A 81 -5.31 -22.51 -0.19
CA LYS A 81 -5.29 -21.09 -0.56
C LYS A 81 -3.94 -20.46 -0.21
N MET A 82 -3.02 -20.53 -1.14
CA MET A 82 -1.65 -20.09 -0.92
C MET A 82 -1.39 -18.72 -1.54
N LEU A 83 -1.88 -18.50 -2.76
CA LEU A 83 -1.61 -17.26 -3.52
C LEU A 83 -0.12 -17.07 -3.76
N GLU A 84 0.33 -17.59 -4.88
CA GLU A 84 1.72 -17.57 -5.25
C GLU A 84 2.08 -16.25 -5.88
N LYS A 85 3.04 -15.58 -5.31
CA LYS A 85 3.51 -14.31 -5.80
C LYS A 85 4.70 -14.58 -6.72
N ASP A 86 4.67 -13.99 -7.90
CA ASP A 86 5.73 -14.21 -8.91
C ASP A 86 7.01 -13.50 -8.54
N ALA A 87 8.06 -14.26 -8.38
CA ALA A 87 9.36 -13.70 -8.13
C ALA A 87 9.99 -13.37 -9.47
N THR A 88 10.35 -12.13 -9.67
CA THR A 88 10.95 -11.72 -10.91
C THR A 88 11.95 -10.60 -10.68
N GLU A 89 13.22 -10.91 -10.86
CA GLU A 89 14.28 -9.93 -10.71
C GLU A 89 15.26 -10.09 -11.87
N VAL A 90 15.81 -9.00 -12.32
CA VAL A 90 16.71 -9.00 -13.46
C VAL A 90 18.16 -9.04 -13.01
N GLY A 91 19.05 -9.21 -13.95
CA GLY A 91 20.45 -9.25 -13.65
C GLY A 91 21.02 -7.86 -13.49
N VAL A 92 22.20 -7.77 -12.93
CA VAL A 92 22.83 -6.49 -12.73
C VAL A 92 23.79 -6.20 -13.86
N LYS A 93 24.01 -4.94 -14.13
CA LYS A 93 24.91 -4.56 -15.17
C LYS A 93 26.34 -4.79 -14.70
N ALA A 94 27.02 -5.67 -15.36
CA ALA A 94 28.38 -5.99 -15.02
C ALA A 94 29.29 -5.16 -15.90
N ALA A 95 30.29 -4.59 -15.31
CA ALA A 95 31.20 -3.77 -16.03
C ALA A 95 32.55 -4.43 -16.16
N LEU A 96 33.14 -4.28 -17.31
CA LEU A 96 34.45 -4.84 -17.56
C LEU A 96 35.51 -3.88 -17.06
N GLU A 97 36.65 -4.38 -16.70
CA GLU A 97 37.69 -3.56 -16.18
C GLU A 97 39.02 -3.88 -16.84
N GLU A 98 39.53 -2.91 -17.55
CA GLU A 98 40.81 -3.03 -18.20
C GLU A 98 41.92 -2.98 -17.16
N ALA A 99 42.87 -3.84 -17.30
CA ALA A 99 44.00 -3.88 -16.43
C ALA A 99 45.22 -4.32 -17.19
N LYS A 100 46.10 -3.39 -17.46
CA LYS A 100 47.30 -3.70 -18.17
C LYS A 100 48.21 -4.51 -17.27
N LYS A 101 48.75 -3.84 -16.27
CA LYS A 101 49.63 -4.43 -15.26
C LYS A 101 50.72 -5.33 -15.80
N VAL A 102 51.74 -4.69 -16.29
CA VAL A 102 52.90 -5.37 -16.78
C VAL A 102 54.06 -4.98 -15.88
N GLN A 103 54.97 -5.88 -15.67
CA GLN A 103 56.10 -5.57 -14.85
C GLN A 103 57.39 -5.75 -15.61
N ILE A 104 58.16 -4.71 -15.65
CA ILE A 104 59.45 -4.71 -16.28
C ILE A 104 60.49 -4.27 -15.27
N GLU A 105 61.25 -5.23 -14.81
CA GLU A 105 62.26 -4.99 -13.81
C GLU A 105 63.64 -4.92 -14.44
N LEU A 106 64.62 -4.64 -13.63
CA LEU A 106 65.99 -4.58 -14.07
C LEU A 106 66.56 -5.97 -14.08
N ASP A 107 67.58 -6.19 -14.88
CA ASP A 107 68.21 -7.52 -15.03
C ASP A 107 68.76 -8.01 -13.72
N THR A 108 69.49 -7.13 -13.06
CA THR A 108 70.20 -7.41 -11.82
C THR A 108 71.12 -8.62 -11.94
N SER A 109 72.17 -8.44 -12.69
CA SER A 109 73.13 -9.49 -12.93
C SER A 109 74.39 -9.25 -12.14
N LEU A 110 74.60 -7.99 -11.74
CA LEU A 110 75.81 -7.53 -11.08
C LEU A 110 77.00 -7.54 -12.02
N SER A 111 77.82 -6.54 -11.94
CA SER A 111 79.01 -6.50 -12.72
C SER A 111 80.08 -7.30 -12.01
N TYR A 112 80.15 -8.58 -12.31
CA TYR A 112 81.07 -9.45 -11.64
C TYR A 112 82.44 -9.37 -12.28
N ILE A 113 83.32 -8.68 -11.62
CA ILE A 113 84.67 -8.50 -12.07
C ILE A 113 85.64 -8.57 -10.89
N GLY A 1 1.44 5.72 12.07
CA GLY A 1 2.57 5.75 11.13
C GLY A 1 2.30 6.68 9.97
N SER A 2 2.79 7.89 10.06
CA SER A 2 2.56 8.88 9.04
C SER A 2 3.53 8.75 7.87
N MET A 3 3.27 7.79 7.03
CA MET A 3 4.01 7.61 5.78
C MET A 3 3.08 7.90 4.64
N THR A 4 3.57 8.59 3.64
CA THR A 4 2.76 8.92 2.50
C THR A 4 3.08 7.98 1.34
N VAL A 5 2.09 7.22 0.91
CA VAL A 5 2.24 6.31 -0.20
C VAL A 5 1.36 6.81 -1.33
N TYR A 6 1.87 6.76 -2.55
CA TYR A 6 1.11 7.19 -3.70
C TYR A 6 0.66 5.95 -4.50
N ILE A 7 -0.62 5.91 -4.86
CA ILE A 7 -1.20 4.76 -5.57
C ILE A 7 -1.75 5.14 -6.93
N CYS A 8 -1.19 4.58 -7.95
CA CYS A 8 -1.71 4.71 -9.28
C CYS A 8 -1.88 3.31 -9.87
N PRO A 9 -3.09 2.73 -9.82
CA PRO A 9 -3.35 1.38 -10.37
C PRO A 9 -3.19 1.32 -11.89
N GLU A 10 -3.07 2.47 -12.50
CA GLU A 10 -3.03 2.58 -13.93
C GLU A 10 -1.61 2.46 -14.45
N THR A 11 -0.83 3.48 -14.23
CA THR A 11 0.47 3.57 -14.79
C THR A 11 1.58 3.20 -13.80
N GLY A 12 1.19 2.92 -12.57
CA GLY A 12 2.17 2.48 -11.60
C GLY A 12 2.07 0.98 -11.37
N ASP A 13 2.70 0.50 -10.35
CA ASP A 13 2.78 -0.92 -10.06
C ASP A 13 3.10 -1.09 -8.60
N ASP A 14 2.61 -2.15 -7.99
CA ASP A 14 2.82 -2.32 -6.54
C ASP A 14 4.21 -2.84 -6.20
N GLY A 15 5.00 -3.14 -7.21
CA GLY A 15 6.37 -3.56 -6.99
C GLY A 15 7.28 -2.37 -6.79
N ASN A 16 6.69 -1.19 -6.87
CA ASN A 16 7.40 0.07 -6.68
C ASN A 16 7.56 0.40 -5.21
N ASP A 17 8.15 1.56 -4.93
CA ASP A 17 8.40 1.99 -3.54
C ASP A 17 7.23 2.82 -3.02
N GLY A 18 6.24 3.01 -3.88
CA GLY A 18 5.12 3.85 -3.53
C GLY A 18 5.44 5.32 -3.48
N SER A 19 6.45 5.71 -4.23
CA SER A 19 6.86 7.08 -4.35
C SER A 19 5.84 7.82 -5.25
N GLU A 20 5.90 9.14 -5.31
CA GLU A 20 5.01 9.88 -6.16
C GLU A 20 5.35 9.54 -7.62
N LEU A 21 6.64 9.30 -7.85
CA LEU A 21 7.14 8.95 -9.16
C LEU A 21 6.97 7.47 -9.42
N LYS A 22 6.80 6.71 -8.36
CA LYS A 22 6.66 5.26 -8.47
C LYS A 22 5.48 4.82 -7.67
N PRO A 23 4.29 5.10 -8.14
CA PRO A 23 3.11 4.79 -7.41
C PRO A 23 2.81 3.31 -7.43
N LEU A 24 2.20 2.85 -6.37
CA LEU A 24 1.81 1.47 -6.26
C LEU A 24 0.55 1.28 -7.02
N ARG A 25 0.28 0.08 -7.45
CA ARG A 25 -0.92 -0.13 -8.21
C ARG A 25 -2.06 -0.55 -7.31
N THR A 26 -1.73 -0.90 -6.09
CA THR A 26 -2.72 -1.31 -5.15
C THR A 26 -2.57 -0.54 -3.87
N LEU A 27 -3.68 -0.26 -3.26
CA LEU A 27 -3.75 0.38 -1.99
C LEU A 27 -3.41 -0.65 -0.93
N TYR A 28 -3.57 -1.91 -1.31
CA TYR A 28 -3.19 -3.05 -0.51
C TYR A 28 -1.69 -3.01 -0.17
N GLN A 29 -0.85 -2.80 -1.19
CA GLN A 29 0.59 -2.75 -0.97
C GLN A 29 0.95 -1.55 -0.08
N ALA A 30 0.23 -0.45 -0.26
CA ALA A 30 0.43 0.75 0.52
C ALA A 30 0.27 0.46 2.02
N MET A 31 -0.74 -0.33 2.35
CA MET A 31 -0.96 -0.72 3.70
C MET A 31 0.09 -1.70 4.20
N ILE A 32 0.59 -2.54 3.31
CA ILE A 32 1.64 -3.50 3.69
C ILE A 32 2.92 -2.79 4.09
N ILE A 33 3.27 -1.79 3.33
CA ILE A 33 4.48 -1.04 3.56
C ILE A 33 4.38 -0.19 4.84
N THR A 34 3.23 0.42 5.06
CA THR A 34 3.07 1.33 6.17
C THR A 34 2.66 0.62 7.46
N LYS A 35 1.75 -0.36 7.32
CA LYS A 35 1.22 -1.16 8.45
C LYS A 35 0.38 -0.32 9.40
N SER A 36 0.14 0.93 9.06
CA SER A 36 -0.54 1.80 9.99
C SER A 36 -2.06 1.83 9.73
N SER A 37 -2.48 1.41 8.52
CA SER A 37 -3.92 1.35 8.13
C SER A 37 -4.63 2.73 8.14
N LYS A 38 -3.90 3.80 8.42
CA LYS A 38 -4.47 5.13 8.51
C LYS A 38 -3.44 6.19 8.19
N GLY A 39 -2.41 5.76 7.48
CA GLY A 39 -1.35 6.67 7.09
C GLY A 39 -1.77 7.49 5.90
N ASP A 40 -0.86 8.16 5.29
CA ASP A 40 -1.21 8.96 4.16
C ASP A 40 -1.14 8.14 2.91
N PHE A 41 -2.27 7.92 2.34
CA PHE A 41 -2.36 7.16 1.14
C PHE A 41 -3.00 8.02 0.12
N LEU A 42 -2.30 8.31 -0.92
CA LEU A 42 -2.82 9.19 -1.93
C LEU A 42 -2.97 8.44 -3.22
N ILE A 43 -4.15 8.43 -3.75
CA ILE A 43 -4.39 7.68 -4.95
C ILE A 43 -4.44 8.65 -6.11
N ARG A 44 -3.85 8.27 -7.22
CA ARG A 44 -3.92 9.04 -8.41
C ARG A 44 -5.25 8.78 -9.02
N THR A 45 -5.97 9.79 -9.19
CA THR A 45 -7.28 9.70 -9.67
C THR A 45 -7.44 10.65 -10.83
N LYS A 46 -8.36 10.36 -11.67
CA LYS A 46 -8.61 11.16 -12.81
C LYS A 46 -9.86 11.91 -12.52
N LYS A 47 -9.73 13.19 -12.34
CA LYS A 47 -10.83 13.99 -11.93
C LYS A 47 -10.93 15.23 -12.78
N ASP A 48 -11.96 15.27 -13.62
CA ASP A 48 -12.27 16.41 -14.50
C ASP A 48 -11.10 16.73 -15.44
N GLY A 49 -10.39 15.70 -15.84
CA GLY A 49 -9.30 15.87 -16.76
C GLY A 49 -7.98 16.19 -16.10
N LYS A 50 -7.93 16.11 -14.79
CA LYS A 50 -6.67 16.29 -14.10
C LYS A 50 -6.32 15.04 -13.34
N GLN A 51 -5.06 14.68 -13.36
CA GLN A 51 -4.59 13.54 -12.62
C GLN A 51 -4.15 14.08 -11.29
N VAL A 52 -4.75 13.64 -10.24
CA VAL A 52 -4.45 14.20 -8.94
C VAL A 52 -4.31 13.12 -7.91
N TRP A 53 -3.67 13.45 -6.81
CA TRP A 53 -3.51 12.56 -5.71
C TRP A 53 -4.53 12.93 -4.64
N GLU A 54 -5.45 12.04 -4.35
CA GLU A 54 -6.42 12.27 -3.30
C GLU A 54 -6.23 11.28 -2.20
N ALA A 55 -6.50 11.71 -0.99
CA ALA A 55 -6.40 10.85 0.16
C ALA A 55 -7.37 9.68 0.03
N ALA A 56 -6.83 8.48 0.17
CA ALA A 56 -7.59 7.26 0.05
C ALA A 56 -8.76 7.26 1.02
N SER A 57 -9.81 6.60 0.63
CA SER A 57 -11.01 6.60 1.37
C SER A 57 -11.06 5.40 2.27
N LYS A 58 -11.67 5.56 3.43
CA LYS A 58 -11.77 4.50 4.43
C LYS A 58 -12.47 3.28 3.88
N THR A 59 -13.35 3.48 2.93
CA THR A 59 -14.02 2.41 2.26
C THR A 59 -13.02 1.55 1.47
N ALA A 60 -12.26 2.20 0.61
CA ALA A 60 -11.28 1.53 -0.23
C ALA A 60 -10.15 0.97 0.62
N LEU A 61 -9.73 1.74 1.61
CA LEU A 61 -8.72 1.32 2.54
C LEU A 61 -9.16 0.03 3.24
N LYS A 62 -10.41 -0.02 3.67
CA LYS A 62 -10.94 -1.17 4.36
C LYS A 62 -10.92 -2.42 3.47
N LYS A 63 -11.31 -2.26 2.21
CA LYS A 63 -11.30 -3.37 1.27
C LYS A 63 -9.88 -3.83 0.97
N SER A 64 -8.95 -2.92 1.01
CA SER A 64 -7.57 -3.22 0.74
C SER A 64 -6.96 -4.01 1.92
N TRP A 65 -7.35 -3.63 3.12
CA TRP A 65 -6.85 -4.27 4.31
C TRP A 65 -7.45 -5.67 4.47
N LYS A 66 -8.65 -5.86 3.93
CA LYS A 66 -9.30 -7.16 3.99
C LYS A 66 -8.41 -8.23 3.33
N ARG A 67 -7.67 -7.83 2.28
CA ARG A 67 -6.72 -8.72 1.58
C ARG A 67 -5.67 -9.16 2.59
N TYR A 68 -5.18 -8.18 3.35
CA TYR A 68 -4.09 -8.34 4.28
C TYR A 68 -4.40 -9.45 5.25
N GLU A 69 -5.57 -9.34 5.88
CA GLU A 69 -6.06 -10.32 6.84
C GLU A 69 -6.16 -11.67 6.20
N GLN A 70 -6.80 -11.70 5.04
CA GLN A 70 -6.96 -12.92 4.29
C GLN A 70 -5.65 -13.62 3.96
N GLU A 71 -4.65 -12.86 3.59
CA GLU A 71 -3.36 -13.40 3.25
C GLU A 71 -2.57 -13.86 4.49
N MET A 72 -2.41 -12.97 5.44
CA MET A 72 -1.56 -13.22 6.62
C MET A 72 -2.19 -14.17 7.63
N LEU A 73 -3.50 -14.30 7.62
CA LEU A 73 -4.16 -15.16 8.56
C LEU A 73 -3.79 -16.65 8.32
N LYS A 74 -3.38 -16.97 7.08
CA LYS A 74 -2.92 -18.35 6.76
C LYS A 74 -1.54 -18.63 7.31
N ASN A 75 -0.76 -17.59 7.58
CA ASN A 75 0.60 -17.82 8.05
C ASN A 75 0.70 -17.74 9.57
N GLU A 76 1.19 -18.81 10.17
CA GLU A 76 1.33 -18.83 11.62
C GLU A 76 2.59 -18.13 12.10
N LYS A 77 2.63 -16.84 11.87
CA LYS A 77 3.68 -15.98 12.31
C LYS A 77 3.19 -14.55 12.41
N VAL A 78 2.96 -14.14 13.63
CA VAL A 78 2.45 -12.83 13.88
C VAL A 78 3.58 -11.85 13.90
N ALA A 79 3.85 -11.36 12.73
CA ALA A 79 4.85 -10.34 12.51
C ALA A 79 4.49 -9.06 13.23
N ALA A 80 3.27 -8.60 13.00
CA ALA A 80 2.78 -7.38 13.62
C ALA A 80 1.28 -7.43 13.76
N LYS A 81 0.76 -6.60 14.64
CA LYS A 81 -0.66 -6.42 14.84
C LYS A 81 -0.94 -4.93 15.00
N MET A 82 -1.23 -4.29 13.90
CA MET A 82 -1.48 -2.86 13.86
C MET A 82 -2.76 -2.63 13.11
N LEU A 83 -3.67 -1.88 13.70
CA LEU A 83 -4.97 -1.64 13.13
C LEU A 83 -5.40 -0.21 13.37
N GLU A 84 -6.49 0.18 12.74
CA GLU A 84 -7.09 1.46 12.98
C GLU A 84 -8.10 1.22 14.11
N LYS A 85 -7.65 1.44 15.31
CA LYS A 85 -8.41 1.09 16.49
C LYS A 85 -9.40 2.16 16.88
N ASP A 86 -8.93 3.38 17.06
CA ASP A 86 -9.78 4.47 17.53
C ASP A 86 -9.27 5.82 17.07
N ALA A 87 -10.21 6.67 16.72
CA ALA A 87 -9.96 8.04 16.34
C ALA A 87 -11.18 8.88 16.73
N THR A 88 -11.83 8.48 17.81
CA THR A 88 -13.09 9.08 18.24
C THR A 88 -12.96 10.52 18.75
N GLU A 89 -14.07 11.24 18.71
CA GLU A 89 -14.14 12.62 19.13
C GLU A 89 -14.57 12.71 20.60
N VAL A 90 -15.62 11.96 20.93
CA VAL A 90 -16.21 11.95 22.27
C VAL A 90 -16.84 13.30 22.61
N GLY A 91 -18.11 13.44 22.32
CA GLY A 91 -18.79 14.67 22.61
C GLY A 91 -20.12 14.77 21.89
N VAL A 92 -20.91 15.76 22.28
CA VAL A 92 -22.22 16.05 21.71
C VAL A 92 -22.75 17.31 22.43
N LYS A 93 -23.86 17.90 21.98
CA LYS A 93 -24.36 19.10 22.66
C LYS A 93 -25.26 18.74 23.82
N ALA A 94 -24.66 18.27 24.88
CA ALA A 94 -25.38 17.91 26.07
C ALA A 94 -25.26 19.03 27.07
N ALA A 95 -26.36 19.68 27.36
CA ALA A 95 -26.35 20.79 28.29
C ALA A 95 -27.68 20.89 28.99
N LEU A 96 -27.68 20.73 30.29
CA LEU A 96 -28.90 20.87 31.06
C LEU A 96 -29.10 22.34 31.44
N GLU A 97 -29.67 23.06 30.53
CA GLU A 97 -29.93 24.46 30.70
C GLU A 97 -31.30 24.66 31.29
N GLU A 98 -31.33 25.04 32.53
CA GLU A 98 -32.55 25.24 33.21
C GLU A 98 -32.85 26.73 33.27
N ALA A 99 -34.10 27.10 33.20
CA ALA A 99 -34.48 28.48 33.22
C ALA A 99 -35.56 28.72 34.26
N LYS A 100 -35.26 29.53 35.24
CA LYS A 100 -36.22 29.86 36.27
C LYS A 100 -36.94 31.14 35.92
N LYS A 101 -38.16 31.25 36.34
CA LYS A 101 -38.95 32.42 36.08
C LYS A 101 -39.02 33.24 37.37
N VAL A 102 -39.06 34.53 37.24
CA VAL A 102 -39.12 35.38 38.42
C VAL A 102 -40.55 35.61 38.84
N GLN A 103 -40.75 35.81 40.11
CA GLN A 103 -42.06 36.06 40.67
C GLN A 103 -42.06 37.36 41.41
N ILE A 104 -43.16 38.03 41.39
CA ILE A 104 -43.29 39.29 42.07
C ILE A 104 -43.81 39.11 43.48
N GLU A 105 -42.92 39.16 44.42
CA GLU A 105 -43.27 39.01 45.81
C GLU A 105 -43.51 40.38 46.38
N LEU A 106 -43.91 40.43 47.61
CA LEU A 106 -44.06 41.68 48.28
C LEU A 106 -42.77 41.95 49.03
N ASP A 107 -41.83 42.59 48.33
CA ASP A 107 -40.51 42.89 48.90
C ASP A 107 -40.63 43.90 49.99
N THR A 108 -41.45 44.90 49.77
CA THR A 108 -41.73 45.86 50.78
C THR A 108 -42.98 45.42 51.54
N SER A 109 -42.80 44.58 52.52
CA SER A 109 -43.91 44.04 53.25
C SER A 109 -44.11 44.72 54.58
N LEU A 110 -43.04 45.01 55.29
CA LEU A 110 -43.15 45.62 56.58
C LEU A 110 -43.11 47.15 56.56
N SER A 111 -44.11 47.74 57.14
CA SER A 111 -44.19 49.18 57.25
C SER A 111 -43.77 49.58 58.67
N TYR A 112 -44.15 48.74 59.60
CA TYR A 112 -43.82 48.93 60.98
C TYR A 112 -42.56 48.14 61.30
N ILE A 113 -41.51 48.84 61.58
CA ILE A 113 -40.25 48.24 61.89
C ILE A 113 -39.47 49.13 62.88
N GLY A 1 5.33 12.63 10.93
CA GLY A 1 3.90 12.63 10.69
C GLY A 1 3.38 11.25 10.36
N SER A 2 3.17 10.99 9.10
CA SER A 2 2.73 9.72 8.64
C SER A 2 3.36 9.42 7.30
N MET A 3 3.38 8.19 6.89
CA MET A 3 3.96 7.81 5.64
C MET A 3 2.94 7.87 4.52
N THR A 4 3.14 8.81 3.63
CA THR A 4 2.26 9.01 2.52
C THR A 4 2.65 8.09 1.37
N VAL A 5 1.75 7.22 0.98
CA VAL A 5 2.03 6.32 -0.12
C VAL A 5 1.17 6.74 -1.31
N TYR A 6 1.74 6.73 -2.48
CA TYR A 6 1.01 7.08 -3.68
C TYR A 6 0.64 5.83 -4.45
N ILE A 7 -0.62 5.73 -4.81
CA ILE A 7 -1.14 4.59 -5.55
C ILE A 7 -1.62 5.10 -6.90
N CYS A 8 -1.03 4.64 -7.93
CA CYS A 8 -1.55 4.91 -9.23
C CYS A 8 -1.73 3.61 -9.95
N PRO A 9 -2.95 3.05 -9.95
CA PRO A 9 -3.24 1.77 -10.64
C PRO A 9 -2.96 1.84 -12.14
N GLU A 10 -2.84 3.06 -12.63
CA GLU A 10 -2.70 3.32 -14.03
C GLU A 10 -1.22 3.33 -14.44
N THR A 11 -0.46 4.21 -13.84
CA THR A 11 0.92 4.40 -14.26
C THR A 11 1.91 3.69 -13.33
N GLY A 12 1.45 3.29 -12.16
CA GLY A 12 2.33 2.65 -11.22
C GLY A 12 2.14 1.16 -11.19
N ASP A 13 2.79 0.52 -10.26
CA ASP A 13 2.81 -0.91 -10.13
C ASP A 13 3.25 -1.24 -8.73
N ASP A 14 2.75 -2.32 -8.17
CA ASP A 14 3.11 -2.71 -6.79
C ASP A 14 4.54 -3.20 -6.66
N GLY A 15 5.25 -3.31 -7.78
CA GLY A 15 6.65 -3.69 -7.75
C GLY A 15 7.54 -2.51 -7.36
N ASN A 16 6.91 -1.37 -7.18
CA ASN A 16 7.58 -0.13 -6.79
C ASN A 16 7.68 -0.05 -5.27
N ASP A 17 8.36 0.97 -4.78
CA ASP A 17 8.52 1.18 -3.33
C ASP A 17 7.50 2.19 -2.84
N GLY A 18 6.63 2.62 -3.76
CA GLY A 18 5.59 3.54 -3.43
C GLY A 18 6.06 4.94 -3.10
N SER A 19 6.30 5.70 -4.11
CA SER A 19 6.68 7.07 -4.00
C SER A 19 5.79 7.82 -4.99
N GLU A 20 5.92 9.12 -5.09
CA GLU A 20 5.12 9.86 -6.03
C GLU A 20 5.60 9.53 -7.46
N LEU A 21 6.92 9.29 -7.58
CA LEU A 21 7.54 8.95 -8.86
C LEU A 21 7.39 7.47 -9.18
N LYS A 22 7.10 6.68 -8.17
CA LYS A 22 6.89 5.25 -8.34
C LYS A 22 5.72 4.83 -7.52
N PRO A 23 4.54 5.13 -7.98
CA PRO A 23 3.36 4.78 -7.25
C PRO A 23 3.05 3.31 -7.34
N LEU A 24 2.34 2.81 -6.37
CA LEU A 24 1.92 1.45 -6.35
C LEU A 24 0.70 1.33 -7.23
N ARG A 25 0.12 0.18 -7.34
CA ARG A 25 -1.02 0.05 -8.21
C ARG A 25 -2.21 -0.44 -7.42
N THR A 26 -1.96 -0.84 -6.21
CA THR A 26 -2.97 -1.35 -5.37
C THR A 26 -2.81 -0.70 -3.98
N LEU A 27 -3.93 -0.45 -3.31
CA LEU A 27 -3.93 0.20 -2.00
C LEU A 27 -3.48 -0.79 -0.92
N TYR A 28 -3.58 -2.06 -1.27
CA TYR A 28 -3.13 -3.17 -0.46
C TYR A 28 -1.62 -3.03 -0.14
N GLN A 29 -0.80 -2.78 -1.16
CA GLN A 29 0.64 -2.68 -0.94
C GLN A 29 1.00 -1.42 -0.14
N ALA A 30 0.21 -0.35 -0.31
CA ALA A 30 0.40 0.88 0.43
C ALA A 30 0.28 0.61 1.94
N MET A 31 -0.64 -0.25 2.28
CA MET A 31 -0.81 -0.66 3.63
C MET A 31 0.32 -1.55 4.11
N ILE A 32 0.92 -2.34 3.23
CA ILE A 32 2.04 -3.20 3.63
C ILE A 32 3.30 -2.36 3.84
N ILE A 33 3.46 -1.33 3.02
CA ILE A 33 4.58 -0.41 3.12
C ILE A 33 4.59 0.26 4.51
N THR A 34 3.42 0.66 4.93
CA THR A 34 3.28 1.43 6.13
C THR A 34 3.01 0.56 7.38
N LYS A 35 2.17 -0.48 7.22
CA LYS A 35 1.72 -1.39 8.30
C LYS A 35 0.90 -0.63 9.35
N SER A 36 0.50 0.56 9.00
CA SER A 36 -0.26 1.38 9.90
C SER A 36 -1.75 1.27 9.62
N SER A 37 -2.08 0.74 8.43
CA SER A 37 -3.48 0.56 7.94
C SER A 37 -4.28 1.87 7.84
N LYS A 38 -3.65 2.97 8.19
CA LYS A 38 -4.23 4.27 8.21
C LYS A 38 -3.07 5.22 8.05
N GLY A 39 -3.34 6.33 7.54
CA GLY A 39 -2.36 7.34 7.32
C GLY A 39 -2.76 8.13 6.15
N ASP A 40 -1.84 8.69 5.43
CA ASP A 40 -2.23 9.41 4.26
C ASP A 40 -1.82 8.63 3.06
N PHE A 41 -2.79 8.15 2.36
CA PHE A 41 -2.57 7.40 1.17
C PHE A 41 -3.20 8.17 0.04
N LEU A 42 -2.47 8.39 -1.02
CA LEU A 42 -2.99 9.17 -2.11
C LEU A 42 -3.04 8.35 -3.36
N ILE A 43 -4.20 8.26 -3.92
CA ILE A 43 -4.40 7.47 -5.10
C ILE A 43 -4.67 8.40 -6.27
N ARG A 44 -4.04 8.11 -7.39
CA ARG A 44 -4.19 8.90 -8.58
C ARG A 44 -5.61 8.74 -9.10
N THR A 45 -6.22 9.82 -9.35
CA THR A 45 -7.56 9.86 -9.81
C THR A 45 -7.60 10.86 -10.94
N LYS A 46 -8.53 10.73 -11.83
CA LYS A 46 -8.67 11.73 -12.83
C LYS A 46 -9.88 12.55 -12.56
N LYS A 47 -9.61 13.77 -12.17
CA LYS A 47 -10.58 14.74 -11.77
C LYS A 47 -10.37 15.97 -12.60
N ASP A 48 -11.46 16.51 -13.16
CA ASP A 48 -11.41 17.68 -14.08
C ASP A 48 -10.60 17.28 -15.33
N GLY A 49 -10.69 15.99 -15.66
CA GLY A 49 -10.01 15.42 -16.83
C GLY A 49 -8.49 15.39 -16.68
N LYS A 50 -8.02 15.52 -15.46
CA LYS A 50 -6.59 15.56 -15.17
C LYS A 50 -6.30 14.58 -14.05
N GLN A 51 -5.14 13.96 -14.06
CA GLN A 51 -4.81 13.02 -13.05
C GLN A 51 -4.17 13.72 -11.87
N VAL A 52 -4.74 13.51 -10.73
CA VAL A 52 -4.31 14.12 -9.50
C VAL A 52 -4.29 13.08 -8.42
N TRP A 53 -3.77 13.42 -7.28
CA TRP A 53 -3.74 12.52 -6.17
C TRP A 53 -4.93 12.81 -5.26
N GLU A 54 -5.71 11.80 -4.99
CA GLU A 54 -6.84 11.90 -4.10
C GLU A 54 -6.61 11.03 -2.90
N ALA A 55 -7.08 11.47 -1.76
CA ALA A 55 -6.93 10.72 -0.55
C ALA A 55 -7.74 9.43 -0.62
N ALA A 56 -7.11 8.35 -0.22
CA ALA A 56 -7.79 7.07 -0.16
C ALA A 56 -8.94 7.16 0.83
N SER A 57 -9.89 6.33 0.67
CA SER A 57 -11.05 6.40 1.48
C SER A 57 -10.95 5.30 2.48
N LYS A 58 -11.42 5.55 3.66
CA LYS A 58 -11.36 4.57 4.72
C LYS A 58 -12.16 3.34 4.38
N THR A 59 -13.19 3.51 3.61
CA THR A 59 -13.97 2.40 3.10
C THR A 59 -13.08 1.47 2.26
N ALA A 60 -12.39 2.04 1.28
CA ALA A 60 -11.49 1.30 0.41
C ALA A 60 -10.30 0.76 1.18
N LEU A 61 -9.86 1.52 2.16
CA LEU A 61 -8.81 1.11 3.03
C LEU A 61 -9.22 -0.17 3.81
N LYS A 62 -10.47 -0.22 4.33
CA LYS A 62 -10.96 -1.44 5.01
C LYS A 62 -10.86 -2.68 4.11
N LYS A 63 -11.23 -2.54 2.84
CA LYS A 63 -11.17 -3.67 1.89
C LYS A 63 -9.73 -4.08 1.58
N SER A 64 -8.86 -3.11 1.53
CA SER A 64 -7.46 -3.37 1.27
C SER A 64 -6.83 -4.11 2.44
N TRP A 65 -7.17 -3.70 3.66
CA TRP A 65 -6.63 -4.31 4.83
C TRP A 65 -7.28 -5.66 5.08
N LYS A 66 -8.52 -5.83 4.65
CA LYS A 66 -9.20 -7.10 4.81
C LYS A 66 -8.48 -8.16 3.96
N ARG A 67 -8.00 -7.73 2.82
CA ARG A 67 -7.26 -8.57 1.90
C ARG A 67 -5.92 -8.96 2.55
N TYR A 68 -5.37 -8.03 3.31
CA TYR A 68 -4.13 -8.20 4.06
C TYR A 68 -4.34 -9.31 5.10
N GLU A 69 -5.43 -9.20 5.84
CA GLU A 69 -5.81 -10.18 6.88
C GLU A 69 -6.01 -11.52 6.31
N GLN A 70 -6.60 -11.56 5.16
CA GLN A 70 -6.83 -12.75 4.46
C GLN A 70 -5.49 -13.50 4.21
N GLU A 71 -4.45 -12.77 3.84
CA GLU A 71 -3.12 -13.36 3.65
C GLU A 71 -2.46 -13.70 5.01
N MET A 72 -2.66 -12.83 5.98
CA MET A 72 -2.15 -13.05 7.34
C MET A 72 -2.73 -14.33 7.93
N LEU A 73 -4.01 -14.49 7.71
CA LEU A 73 -4.76 -15.63 8.15
C LEU A 73 -4.40 -16.86 7.33
N LYS A 74 -3.96 -16.63 6.08
CA LYS A 74 -3.46 -17.71 5.22
C LYS A 74 -2.22 -18.33 5.83
N ASN A 75 -1.43 -17.51 6.48
CA ASN A 75 -0.25 -17.98 7.14
C ASN A 75 -0.59 -18.52 8.52
N GLU A 76 -0.76 -19.83 8.56
CA GLU A 76 -1.12 -20.57 9.74
C GLU A 76 0.08 -20.64 10.69
N LYS A 77 -0.08 -20.03 11.84
CA LYS A 77 0.98 -19.94 12.83
C LYS A 77 0.38 -19.83 14.24
N VAL A 78 -0.68 -19.03 14.37
CA VAL A 78 -1.34 -18.84 15.66
C VAL A 78 -2.27 -20.00 15.93
N ALA A 79 -3.05 -20.34 14.94
CA ALA A 79 -4.01 -21.41 15.04
C ALA A 79 -4.03 -22.13 13.70
N ALA A 80 -5.13 -22.86 13.43
CA ALA A 80 -5.35 -23.55 12.15
C ALA A 80 -4.56 -24.85 12.05
N LYS A 81 -4.46 -25.41 10.86
CA LYS A 81 -3.94 -26.74 10.69
C LYS A 81 -2.45 -26.77 10.39
N MET A 82 -2.04 -26.20 9.27
CA MET A 82 -0.63 -26.31 8.86
C MET A 82 0.24 -25.22 9.43
N LEU A 83 0.72 -25.43 10.64
CA LEU A 83 1.69 -24.53 11.23
C LEU A 83 2.99 -24.75 10.47
N GLU A 84 3.14 -25.99 10.05
CA GLU A 84 4.18 -26.48 9.18
C GLU A 84 5.60 -26.29 9.67
N LYS A 85 6.14 -27.36 10.16
CA LYS A 85 7.55 -27.44 10.44
C LYS A 85 8.15 -28.24 9.31
N ASP A 86 8.59 -27.57 8.30
CA ASP A 86 9.06 -28.22 7.09
C ASP A 86 10.55 -28.45 7.12
N ALA A 87 11.29 -27.37 7.10
CA ALA A 87 12.71 -27.43 7.07
C ALA A 87 13.27 -27.76 8.43
N THR A 88 14.30 -28.53 8.45
CA THR A 88 14.96 -28.90 9.66
C THR A 88 15.97 -27.82 10.02
N GLU A 89 16.27 -27.69 11.28
CA GLU A 89 17.23 -26.73 11.70
C GLU A 89 18.60 -27.37 11.60
N VAL A 90 19.28 -27.12 10.51
CA VAL A 90 20.58 -27.69 10.27
C VAL A 90 21.64 -26.67 10.59
N GLY A 91 22.47 -26.99 11.53
CA GLY A 91 23.52 -26.09 11.92
C GLY A 91 23.90 -26.31 13.35
N VAL A 92 24.34 -27.51 13.66
CA VAL A 92 24.79 -27.82 15.00
C VAL A 92 26.19 -27.24 15.19
N LYS A 93 26.36 -26.50 16.26
CA LYS A 93 27.57 -25.79 16.58
C LYS A 93 27.89 -24.74 15.52
N ALA A 94 27.45 -23.55 15.77
CA ALA A 94 27.75 -22.45 14.90
C ALA A 94 28.70 -21.54 15.60
N ALA A 95 29.98 -21.88 15.50
CA ALA A 95 31.08 -21.20 16.18
C ALA A 95 30.94 -21.40 17.70
N LEU A 96 31.84 -20.87 18.46
CA LEU A 96 31.73 -20.96 19.89
C LEU A 96 31.88 -19.61 20.53
N GLU A 97 30.84 -18.84 20.45
CA GLU A 97 30.81 -17.52 21.00
C GLU A 97 29.91 -17.52 22.20
N GLU A 98 30.49 -17.68 23.35
CA GLU A 98 29.75 -17.74 24.56
C GLU A 98 29.66 -16.38 25.25
N ALA A 99 28.62 -15.65 24.93
CA ALA A 99 28.41 -14.38 25.55
C ALA A 99 27.68 -14.57 26.86
N LYS A 100 28.44 -14.80 27.90
CA LYS A 100 27.90 -15.00 29.20
C LYS A 100 28.37 -13.89 30.09
N LYS A 101 27.49 -13.02 30.43
CA LYS A 101 27.82 -11.90 31.25
C LYS A 101 27.66 -12.24 32.70
N VAL A 102 28.77 -12.21 33.42
CA VAL A 102 28.76 -12.46 34.84
C VAL A 102 28.11 -11.30 35.54
N GLN A 103 26.86 -11.43 35.83
CA GLN A 103 26.11 -10.38 36.43
C GLN A 103 25.41 -10.90 37.65
N ILE A 104 25.48 -10.17 38.71
CA ILE A 104 24.83 -10.54 39.93
C ILE A 104 23.56 -9.74 40.09
N GLU A 105 22.47 -10.40 40.34
CA GLU A 105 21.23 -9.71 40.55
C GLU A 105 20.91 -9.61 42.02
N LEU A 106 21.33 -8.52 42.61
CA LEU A 106 21.08 -8.29 44.00
C LEU A 106 19.83 -7.48 44.16
N ASP A 107 18.74 -8.17 44.39
CA ASP A 107 17.46 -7.50 44.63
C ASP A 107 17.44 -7.09 46.08
N THR A 108 18.26 -7.77 46.84
CA THR A 108 18.50 -7.51 48.21
C THR A 108 19.92 -7.93 48.52
N SER A 109 20.53 -7.35 49.53
CA SER A 109 21.87 -7.71 49.93
C SER A 109 21.87 -9.08 50.62
N LEU A 110 20.68 -9.47 51.08
CA LEU A 110 20.42 -10.73 51.77
C LEU A 110 21.24 -10.72 53.08
N SER A 111 20.91 -9.78 53.92
CA SER A 111 21.54 -9.66 55.21
C SER A 111 20.49 -9.51 56.30
N TYR A 112 19.25 -9.65 55.90
CA TYR A 112 18.14 -9.51 56.80
C TYR A 112 17.88 -10.81 57.54
N ILE A 113 18.03 -10.76 58.83
CA ILE A 113 17.80 -11.91 59.66
C ILE A 113 17.28 -11.46 61.01
N GLY A 1 9.49 10.77 8.69
CA GLY A 1 8.37 10.07 9.31
C GLY A 1 7.10 10.31 8.56
N SER A 2 6.07 9.52 8.85
CA SER A 2 4.77 9.59 8.20
C SER A 2 4.85 9.15 6.74
N MET A 3 4.41 7.95 6.48
CA MET A 3 4.47 7.36 5.17
C MET A 3 3.30 7.77 4.31
N THR A 4 3.57 8.58 3.33
CA THR A 4 2.58 8.95 2.38
C THR A 4 2.77 8.06 1.16
N VAL A 5 1.79 7.24 0.86
CA VAL A 5 1.92 6.33 -0.25
C VAL A 5 1.06 6.80 -1.40
N TYR A 6 1.57 6.69 -2.59
CA TYR A 6 0.85 7.07 -3.77
C TYR A 6 0.46 5.82 -4.58
N ILE A 7 -0.78 5.77 -5.03
CA ILE A 7 -1.30 4.61 -5.76
C ILE A 7 -1.73 5.05 -7.16
N CYS A 8 -1.23 4.40 -8.15
CA CYS A 8 -1.72 4.57 -9.48
C CYS A 8 -2.05 3.21 -10.06
N PRO A 9 -3.32 2.81 -10.04
CA PRO A 9 -3.76 1.52 -10.61
C PRO A 9 -3.54 1.39 -12.14
N GLU A 10 -2.96 2.41 -12.76
CA GLU A 10 -2.72 2.36 -14.19
C GLU A 10 -1.25 2.17 -14.49
N THR A 11 -0.49 3.20 -14.24
CA THR A 11 0.90 3.22 -14.60
C THR A 11 1.82 2.98 -13.40
N GLY A 12 1.24 2.67 -12.26
CA GLY A 12 2.08 2.31 -11.14
C GLY A 12 2.14 0.80 -10.98
N ASP A 13 2.86 0.34 -10.00
CA ASP A 13 3.16 -1.07 -9.86
C ASP A 13 3.29 -1.39 -8.38
N ASP A 14 2.80 -2.54 -7.97
CA ASP A 14 2.82 -2.94 -6.53
C ASP A 14 4.23 -3.32 -6.05
N GLY A 15 5.17 -3.44 -6.95
CA GLY A 15 6.52 -3.77 -6.58
C GLY A 15 7.37 -2.53 -6.40
N ASN A 16 6.73 -1.38 -6.47
CA ASN A 16 7.41 -0.11 -6.29
C ASN A 16 7.52 0.27 -4.82
N ASP A 17 8.19 1.39 -4.58
CA ASP A 17 8.37 1.97 -3.24
C ASP A 17 7.08 2.64 -2.78
N GLY A 18 6.24 2.95 -3.74
CA GLY A 18 5.01 3.63 -3.46
C GLY A 18 5.19 5.11 -3.26
N SER A 19 6.10 5.67 -3.99
CA SER A 19 6.36 7.07 -3.96
C SER A 19 5.48 7.75 -5.00
N GLU A 20 5.61 9.06 -5.13
CA GLU A 20 4.85 9.75 -6.14
C GLU A 20 5.37 9.36 -7.53
N LEU A 21 6.67 9.14 -7.61
CA LEU A 21 7.33 8.78 -8.85
C LEU A 21 7.11 7.32 -9.19
N LYS A 22 6.88 6.52 -8.16
CA LYS A 22 6.62 5.09 -8.33
C LYS A 22 5.41 4.71 -7.55
N PRO A 23 4.24 5.05 -8.04
CA PRO A 23 3.03 4.75 -7.35
C PRO A 23 2.76 3.24 -7.38
N LEU A 24 2.08 2.78 -6.40
CA LEU A 24 1.73 1.40 -6.30
C LEU A 24 0.53 1.13 -7.13
N ARG A 25 0.33 -0.08 -7.54
CA ARG A 25 -0.81 -0.36 -8.36
C ARG A 25 -1.99 -0.82 -7.50
N THR A 26 -1.71 -1.06 -6.22
CA THR A 26 -2.72 -1.51 -5.31
C THR A 26 -2.70 -0.69 -4.03
N LEU A 27 -3.87 -0.49 -3.47
CA LEU A 27 -4.02 0.20 -2.21
C LEU A 27 -3.61 -0.76 -1.10
N TYR A 28 -3.73 -2.04 -1.42
CA TYR A 28 -3.29 -3.11 -0.55
C TYR A 28 -1.78 -2.98 -0.26
N GLN A 29 -0.98 -2.76 -1.30
CA GLN A 29 0.46 -2.62 -1.12
C GLN A 29 0.80 -1.36 -0.32
N ALA A 30 -0.03 -0.33 -0.43
CA ALA A 30 0.14 0.89 0.32
C ALA A 30 0.05 0.61 1.81
N MET A 31 -0.86 -0.27 2.17
CA MET A 31 -0.97 -0.70 3.52
C MET A 31 0.17 -1.59 3.93
N ILE A 32 0.71 -2.36 3.01
CA ILE A 32 1.86 -3.21 3.30
C ILE A 32 3.12 -2.36 3.55
N ILE A 33 3.23 -1.26 2.82
CA ILE A 33 4.34 -0.34 3.00
C ILE A 33 4.29 0.29 4.42
N THR A 34 3.10 0.67 4.82
CA THR A 34 2.92 1.40 6.05
C THR A 34 2.72 0.46 7.27
N LYS A 35 1.84 -0.53 7.11
CA LYS A 35 1.43 -1.51 8.14
C LYS A 35 0.61 -0.83 9.23
N SER A 36 0.29 0.42 9.00
CA SER A 36 -0.43 1.21 9.98
C SER A 36 -1.95 1.12 9.77
N SER A 37 -2.37 0.50 8.66
CA SER A 37 -3.81 0.31 8.33
C SER A 37 -4.53 1.68 8.06
N LYS A 38 -3.75 2.73 8.06
CA LYS A 38 -4.20 4.05 7.86
C LYS A 38 -2.98 4.91 7.75
N GLY A 39 -3.08 5.94 7.02
CA GLY A 39 -2.02 6.85 6.79
C GLY A 39 -2.43 7.71 5.67
N ASP A 40 -1.53 8.38 5.04
CA ASP A 40 -1.94 9.14 3.89
C ASP A 40 -1.72 8.33 2.66
N PHE A 41 -2.80 7.96 2.05
CA PHE A 41 -2.78 7.17 0.87
C PHE A 41 -3.42 7.96 -0.22
N LEU A 42 -2.64 8.36 -1.17
CA LEU A 42 -3.14 9.19 -2.22
C LEU A 42 -3.12 8.45 -3.52
N ILE A 43 -4.25 8.38 -4.14
CA ILE A 43 -4.39 7.67 -5.36
C ILE A 43 -4.59 8.65 -6.50
N ARG A 44 -3.89 8.43 -7.61
CA ARG A 44 -3.99 9.26 -8.74
C ARG A 44 -5.38 9.11 -9.35
N THR A 45 -6.03 10.20 -9.53
CA THR A 45 -7.31 10.23 -10.11
C THR A 45 -7.32 11.34 -11.14
N LYS A 46 -8.15 11.24 -12.13
CA LYS A 46 -8.22 12.27 -13.12
C LYS A 46 -9.51 13.00 -12.93
N LYS A 47 -9.38 14.22 -12.51
CA LYS A 47 -10.48 15.04 -12.16
C LYS A 47 -10.28 16.39 -12.79
N ASP A 48 -11.31 16.89 -13.49
CA ASP A 48 -11.26 18.19 -14.20
C ASP A 48 -10.16 18.13 -15.30
N GLY A 49 -9.99 16.93 -15.83
CA GLY A 49 -9.02 16.66 -16.89
C GLY A 49 -7.59 16.72 -16.41
N LYS A 50 -7.40 16.65 -15.12
CA LYS A 50 -6.09 16.73 -14.53
C LYS A 50 -5.89 15.57 -13.59
N GLN A 51 -4.73 14.95 -13.63
CA GLN A 51 -4.46 13.87 -12.72
C GLN A 51 -3.94 14.40 -11.40
N VAL A 52 -4.65 14.10 -10.37
CA VAL A 52 -4.36 14.61 -9.05
C VAL A 52 -4.29 13.47 -8.08
N TRP A 53 -3.88 13.76 -6.89
CA TRP A 53 -3.82 12.79 -5.85
C TRP A 53 -5.03 12.95 -4.95
N GLU A 54 -5.80 11.91 -4.85
CA GLU A 54 -7.00 11.91 -4.06
C GLU A 54 -6.82 10.94 -2.92
N ALA A 55 -7.33 11.27 -1.77
CA ALA A 55 -7.17 10.42 -0.62
C ALA A 55 -8.06 9.19 -0.71
N ALA A 56 -7.50 8.06 -0.34
CA ALA A 56 -8.22 6.81 -0.30
C ALA A 56 -9.31 6.87 0.75
N SER A 57 -10.33 6.07 0.60
CA SER A 57 -11.43 6.12 1.49
C SER A 57 -11.24 5.07 2.54
N LYS A 58 -11.66 5.35 3.74
CA LYS A 58 -11.53 4.43 4.86
C LYS A 58 -12.29 3.14 4.58
N THR A 59 -13.35 3.24 3.80
CA THR A 59 -14.12 2.08 3.40
C THR A 59 -13.28 1.16 2.49
N ALA A 60 -12.65 1.76 1.47
CA ALA A 60 -11.82 1.04 0.51
C ALA A 60 -10.55 0.55 1.19
N LEU A 61 -10.06 1.33 2.12
CA LEU A 61 -8.91 0.98 2.91
C LEU A 61 -9.20 -0.29 3.72
N LYS A 62 -10.40 -0.42 4.27
CA LYS A 62 -10.77 -1.61 5.02
C LYS A 62 -10.77 -2.86 4.13
N LYS A 63 -11.11 -2.71 2.86
CA LYS A 63 -11.06 -3.84 1.92
C LYS A 63 -9.64 -4.16 1.54
N SER A 64 -8.80 -3.17 1.57
CA SER A 64 -7.41 -3.34 1.27
C SER A 64 -6.73 -4.06 2.45
N TRP A 65 -7.09 -3.67 3.67
CA TRP A 65 -6.55 -4.28 4.85
C TRP A 65 -7.15 -5.67 5.03
N LYS A 66 -8.37 -5.85 4.53
CA LYS A 66 -9.03 -7.14 4.54
C LYS A 66 -8.16 -8.21 3.86
N ARG A 67 -7.43 -7.78 2.83
CA ARG A 67 -6.53 -8.67 2.10
C ARG A 67 -5.39 -9.06 3.03
N TYR A 68 -4.91 -8.06 3.77
CA TYR A 68 -3.80 -8.19 4.70
C TYR A 68 -4.18 -9.21 5.76
N GLU A 69 -5.43 -9.16 6.19
CA GLU A 69 -5.97 -10.11 7.14
C GLU A 69 -5.97 -11.49 6.54
N GLN A 70 -6.54 -11.58 5.37
CA GLN A 70 -6.66 -12.85 4.67
C GLN A 70 -5.33 -13.51 4.34
N GLU A 71 -4.42 -12.76 3.75
CA GLU A 71 -3.15 -13.31 3.36
C GLU A 71 -2.21 -13.54 4.53
N MET A 72 -2.16 -12.62 5.48
CA MET A 72 -1.26 -12.76 6.62
C MET A 72 -1.72 -13.78 7.64
N LEU A 73 -3.02 -13.90 7.84
CA LEU A 73 -3.53 -14.83 8.81
C LEU A 73 -3.43 -16.27 8.26
N LYS A 74 -3.51 -16.38 6.95
CA LYS A 74 -3.28 -17.64 6.27
C LYS A 74 -1.77 -17.90 6.21
N ASN A 75 -1.04 -16.87 5.75
CA ASN A 75 0.44 -16.83 5.62
C ASN A 75 0.96 -17.99 4.76
N GLU A 76 0.10 -18.49 3.88
CA GLU A 76 0.48 -19.54 3.01
C GLU A 76 1.24 -18.96 1.83
N LYS A 77 2.46 -18.68 2.10
CA LYS A 77 3.43 -18.17 1.15
C LYS A 77 4.67 -18.97 1.41
N VAL A 78 5.05 -18.99 2.68
CA VAL A 78 6.14 -19.79 3.16
C VAL A 78 5.57 -21.15 3.60
N ALA A 79 4.44 -21.07 4.33
CA ALA A 79 3.64 -22.23 4.78
C ALA A 79 4.38 -23.11 5.79
N ALA A 80 5.42 -22.57 6.38
CA ALA A 80 6.22 -23.30 7.35
C ALA A 80 5.48 -23.40 8.67
N LYS A 81 5.31 -22.28 9.36
CA LYS A 81 4.62 -22.26 10.64
C LYS A 81 3.58 -21.15 10.74
N MET A 82 2.34 -21.56 10.59
CA MET A 82 1.18 -20.69 10.73
C MET A 82 -0.07 -21.54 10.52
N LEU A 83 -0.20 -22.06 9.31
CA LEU A 83 -1.28 -22.95 8.95
C LEU A 83 -0.76 -23.99 8.01
N GLU A 84 -1.52 -25.03 7.86
CA GLU A 84 -1.21 -26.10 6.97
C GLU A 84 -2.48 -26.84 6.67
N LYS A 85 -2.48 -27.61 5.60
CA LYS A 85 -3.62 -28.44 5.20
C LYS A 85 -4.87 -27.62 4.94
N ASP A 86 -4.70 -26.34 4.66
CA ASP A 86 -5.83 -25.48 4.32
C ASP A 86 -6.24 -25.81 2.90
N ALA A 87 -5.25 -26.13 2.10
CA ALA A 87 -5.47 -26.60 0.76
C ALA A 87 -5.40 -28.12 0.78
N THR A 88 -6.53 -28.76 0.82
CA THR A 88 -6.59 -30.21 0.92
C THR A 88 -6.71 -30.86 -0.43
N GLU A 89 -6.17 -32.05 -0.55
CA GLU A 89 -6.24 -32.82 -1.78
C GLU A 89 -7.60 -33.51 -1.81
N VAL A 90 -8.46 -33.02 -2.67
CA VAL A 90 -9.79 -33.57 -2.85
C VAL A 90 -10.03 -33.80 -4.34
N GLY A 91 -10.40 -35.01 -4.69
CA GLY A 91 -10.64 -35.33 -6.07
C GLY A 91 -10.62 -36.83 -6.29
N VAL A 92 -10.72 -37.25 -7.53
CA VAL A 92 -10.73 -38.65 -7.86
C VAL A 92 -10.36 -38.87 -9.34
N LYS A 93 -9.62 -39.91 -9.58
CA LYS A 93 -9.21 -40.31 -10.89
C LYS A 93 -10.12 -41.44 -11.37
N ALA A 94 -10.58 -41.37 -12.61
CA ALA A 94 -11.42 -42.41 -13.18
C ALA A 94 -10.66 -43.72 -13.22
N ALA A 95 -11.27 -44.76 -12.70
CA ALA A 95 -10.64 -46.04 -12.64
C ALA A 95 -10.73 -46.78 -13.95
N LEU A 96 -9.75 -46.56 -14.79
CA LEU A 96 -9.64 -47.26 -16.04
C LEU A 96 -8.80 -48.50 -15.83
N GLU A 97 -9.13 -49.56 -16.50
CA GLU A 97 -8.44 -50.82 -16.32
C GLU A 97 -7.84 -51.30 -17.61
N GLU A 98 -6.66 -51.88 -17.51
CA GLU A 98 -5.96 -52.40 -18.66
C GLU A 98 -6.40 -53.84 -18.87
N ALA A 99 -6.95 -54.14 -20.02
CA ALA A 99 -7.40 -55.47 -20.33
C ALA A 99 -7.12 -55.83 -21.76
N LYS A 100 -5.97 -56.46 -21.96
CA LYS A 100 -5.51 -56.94 -23.25
C LYS A 100 -4.28 -57.80 -23.04
N LYS A 101 -4.31 -59.02 -23.49
CA LYS A 101 -3.19 -59.92 -23.32
C LYS A 101 -2.36 -59.95 -24.59
N VAL A 102 -1.10 -60.26 -24.46
CA VAL A 102 -0.26 -60.46 -25.61
C VAL A 102 -0.14 -61.96 -25.89
N GLN A 103 -1.02 -62.45 -26.73
CA GLN A 103 -1.06 -63.85 -27.02
C GLN A 103 -0.36 -64.14 -28.33
N ILE A 104 0.88 -64.51 -28.23
CA ILE A 104 1.66 -64.86 -29.38
C ILE A 104 1.95 -66.36 -29.32
N GLU A 105 1.31 -67.09 -30.17
CA GLU A 105 1.48 -68.52 -30.22
C GLU A 105 2.41 -68.86 -31.34
N LEU A 106 3.07 -69.98 -31.25
CA LEU A 106 3.99 -70.36 -32.25
C LEU A 106 4.10 -71.87 -32.30
N ASP A 107 3.42 -72.47 -33.25
CA ASP A 107 3.50 -73.90 -33.45
C ASP A 107 4.70 -74.22 -34.28
N THR A 108 4.96 -73.32 -35.24
CA THR A 108 6.06 -73.39 -36.20
C THR A 108 6.22 -74.79 -36.85
N SER A 109 5.50 -75.00 -37.94
CA SER A 109 5.46 -76.30 -38.58
C SER A 109 6.52 -76.44 -39.69
N LEU A 110 6.59 -75.43 -40.57
CA LEU A 110 7.50 -75.43 -41.75
C LEU A 110 7.26 -76.64 -42.68
N SER A 111 8.07 -76.72 -43.69
CA SER A 111 8.06 -77.82 -44.62
C SER A 111 9.45 -77.98 -45.19
N TYR A 112 9.97 -79.19 -45.21
CA TYR A 112 11.29 -79.39 -45.71
C TYR A 112 11.32 -79.53 -47.23
N ILE A 113 11.53 -78.41 -47.86
CA ILE A 113 11.62 -78.32 -49.28
C ILE A 113 13.03 -78.60 -49.74
N GLY A 1 6.15 2.21 9.30
CA GLY A 1 5.49 2.50 8.03
C GLY A 1 4.71 3.79 8.07
N SER A 2 5.42 4.89 8.08
CA SER A 2 4.82 6.20 8.14
C SER A 2 4.99 6.91 6.79
N MET A 3 5.29 6.12 5.78
CA MET A 3 5.50 6.60 4.42
C MET A 3 4.18 7.02 3.79
N THR A 4 4.22 8.07 3.02
CA THR A 4 3.08 8.50 2.27
C THR A 4 3.06 7.69 0.99
N VAL A 5 2.01 6.99 0.76
CA VAL A 5 1.98 6.09 -0.36
C VAL A 5 1.10 6.62 -1.49
N TYR A 6 1.67 6.71 -2.68
CA TYR A 6 0.95 7.11 -3.86
C TYR A 6 0.58 5.88 -4.69
N ILE A 7 -0.66 5.80 -5.12
CA ILE A 7 -1.16 4.66 -5.89
C ILE A 7 -1.61 5.14 -7.28
N CYS A 8 -0.97 4.65 -8.29
CA CYS A 8 -1.41 4.84 -9.63
C CYS A 8 -1.54 3.49 -10.28
N PRO A 9 -2.74 2.89 -10.26
CA PRO A 9 -2.97 1.56 -10.85
C PRO A 9 -2.70 1.56 -12.35
N GLU A 10 -2.80 2.75 -12.93
CA GLU A 10 -2.65 2.98 -14.36
C GLU A 10 -1.26 2.61 -14.84
N THR A 11 -0.28 3.38 -14.42
CA THR A 11 1.05 3.27 -14.92
C THR A 11 2.09 3.01 -13.83
N GLY A 12 1.63 2.82 -12.60
CA GLY A 12 2.57 2.42 -11.57
C GLY A 12 2.45 0.93 -11.35
N ASP A 13 3.08 0.44 -10.33
CA ASP A 13 3.13 -0.98 -10.06
C ASP A 13 3.34 -1.20 -8.59
N ASP A 14 2.77 -2.26 -8.08
CA ASP A 14 2.84 -2.61 -6.65
C ASP A 14 4.25 -3.03 -6.22
N GLY A 15 5.12 -3.28 -7.18
CA GLY A 15 6.48 -3.64 -6.87
C GLY A 15 7.33 -2.40 -6.61
N ASN A 16 6.73 -1.24 -6.82
CA ASN A 16 7.40 0.04 -6.59
C ASN A 16 7.53 0.37 -5.12
N ASP A 17 8.12 1.52 -4.85
CA ASP A 17 8.35 2.01 -3.48
C ASP A 17 7.14 2.80 -2.96
N GLY A 18 6.26 3.17 -3.88
CA GLY A 18 5.09 3.95 -3.53
C GLY A 18 5.36 5.44 -3.50
N SER A 19 6.45 5.83 -4.10
CA SER A 19 6.81 7.23 -4.25
C SER A 19 5.87 7.85 -5.29
N GLU A 20 5.89 9.16 -5.42
CA GLU A 20 5.05 9.79 -6.40
C GLU A 20 5.56 9.45 -7.81
N LEU A 21 6.87 9.25 -7.91
CA LEU A 21 7.50 8.88 -9.14
C LEU A 21 7.39 7.39 -9.39
N LYS A 22 7.12 6.64 -8.33
CA LYS A 22 6.95 5.19 -8.40
C LYS A 22 5.71 4.79 -7.67
N PRO A 23 4.55 5.10 -8.20
CA PRO A 23 3.31 4.82 -7.53
C PRO A 23 2.99 3.33 -7.55
N LEU A 24 2.33 2.88 -6.52
CA LEU A 24 1.93 1.50 -6.44
C LEU A 24 0.73 1.29 -7.30
N ARG A 25 0.38 0.08 -7.56
CA ARG A 25 -0.76 -0.16 -8.39
C ARG A 25 -1.92 -0.77 -7.59
N THR A 26 -1.64 -1.11 -6.34
CA THR A 26 -2.64 -1.64 -5.44
C THR A 26 -2.59 -0.89 -4.12
N LEU A 27 -3.75 -0.72 -3.51
CA LEU A 27 -3.83 -0.10 -2.20
C LEU A 27 -3.37 -1.11 -1.14
N TYR A 28 -3.41 -2.38 -1.52
CA TYR A 28 -2.93 -3.47 -0.69
C TYR A 28 -1.45 -3.29 -0.34
N GLN A 29 -0.60 -3.02 -1.35
CA GLN A 29 0.83 -2.83 -1.11
C GLN A 29 1.04 -1.60 -0.21
N ALA A 30 0.20 -0.59 -0.38
CA ALA A 30 0.24 0.59 0.44
C ALA A 30 0.02 0.23 1.91
N MET A 31 -0.90 -0.69 2.14
CA MET A 31 -1.18 -1.22 3.45
C MET A 31 -0.02 -2.02 4.00
N ILE A 32 0.73 -2.68 3.16
CA ILE A 32 1.89 -3.46 3.63
C ILE A 32 3.00 -2.52 4.09
N ILE A 33 3.21 -1.48 3.33
CA ILE A 33 4.25 -0.55 3.62
C ILE A 33 3.93 0.26 4.87
N THR A 34 2.70 0.70 5.00
CA THR A 34 2.32 1.52 6.12
C THR A 34 1.97 0.66 7.33
N LYS A 35 1.25 -0.44 7.06
CA LYS A 35 0.79 -1.42 8.04
C LYS A 35 -0.16 -0.76 9.07
N SER A 36 -0.64 0.43 8.75
CA SER A 36 -1.34 1.17 9.78
C SER A 36 -2.79 1.48 9.42
N SER A 37 -3.12 1.42 8.13
CA SER A 37 -4.49 1.68 7.62
C SER A 37 -5.01 3.12 7.95
N LYS A 38 -4.15 3.93 8.54
CA LYS A 38 -4.47 5.28 8.96
C LYS A 38 -3.44 6.27 8.46
N GLY A 39 -2.61 5.82 7.56
CA GLY A 39 -1.61 6.67 6.98
C GLY A 39 -2.20 7.49 5.86
N ASP A 40 -1.39 8.22 5.18
CA ASP A 40 -1.87 9.01 4.08
C ASP A 40 -1.67 8.23 2.79
N PHE A 41 -2.76 7.83 2.21
CA PHE A 41 -2.76 7.04 1.02
C PHE A 41 -3.36 7.86 -0.07
N LEU A 42 -2.60 8.13 -1.08
CA LEU A 42 -3.07 8.96 -2.14
C LEU A 42 -3.11 8.22 -3.45
N ILE A 43 -4.27 8.18 -4.03
CA ILE A 43 -4.48 7.49 -5.27
C ILE A 43 -4.83 8.51 -6.32
N ARG A 44 -4.19 8.43 -7.47
CA ARG A 44 -4.40 9.39 -8.50
C ARG A 44 -5.81 9.33 -9.07
N THR A 45 -6.45 10.46 -9.04
CA THR A 45 -7.78 10.63 -9.48
C THR A 45 -7.78 11.67 -10.59
N LYS A 46 -8.72 11.62 -11.48
CA LYS A 46 -8.80 12.60 -12.51
C LYS A 46 -9.96 13.49 -12.24
N LYS A 47 -9.67 14.74 -12.08
CA LYS A 47 -10.66 15.75 -11.85
C LYS A 47 -10.59 16.74 -12.97
N ASP A 48 -11.60 16.72 -13.83
CA ASP A 48 -11.71 17.62 -14.99
C ASP A 48 -10.55 17.45 -15.96
N GLY A 49 -10.06 16.23 -16.07
CA GLY A 49 -8.99 15.93 -16.98
C GLY A 49 -7.63 16.15 -16.37
N LYS A 50 -7.61 16.52 -15.11
CA LYS A 50 -6.36 16.71 -14.41
C LYS A 50 -6.14 15.56 -13.46
N GLN A 51 -4.96 15.02 -13.46
CA GLN A 51 -4.66 14.00 -12.52
C GLN A 51 -4.07 14.55 -11.24
N VAL A 52 -4.73 14.29 -10.16
CA VAL A 52 -4.31 14.75 -8.87
C VAL A 52 -4.36 13.59 -7.91
N TRP A 53 -3.86 13.79 -6.73
CA TRP A 53 -3.85 12.74 -5.76
C TRP A 53 -5.05 12.87 -4.84
N GLU A 54 -5.78 11.78 -4.74
CA GLU A 54 -6.99 11.71 -3.95
C GLU A 54 -6.75 10.74 -2.82
N ALA A 55 -7.10 11.13 -1.64
CA ALA A 55 -6.93 10.28 -0.50
C ALA A 55 -7.88 9.10 -0.58
N ALA A 56 -7.45 7.98 -0.05
CA ALA A 56 -8.26 6.79 -0.02
C ALA A 56 -9.47 6.98 0.91
N SER A 57 -10.29 5.97 1.00
CA SER A 57 -11.49 6.07 1.77
C SER A 57 -11.50 4.94 2.76
N LYS A 58 -12.25 5.10 3.83
CA LYS A 58 -12.34 4.11 4.90
C LYS A 58 -12.69 2.73 4.34
N THR A 59 -13.67 2.69 3.45
CA THR A 59 -14.15 1.47 2.85
C THR A 59 -13.03 0.80 2.03
N ALA A 60 -12.30 1.62 1.28
CA ALA A 60 -11.22 1.14 0.43
C ALA A 60 -10.06 0.64 1.27
N LEU A 61 -9.81 1.31 2.36
CA LEU A 61 -8.76 0.94 3.26
C LEU A 61 -9.13 -0.35 3.98
N LYS A 62 -10.39 -0.51 4.31
CA LYS A 62 -10.86 -1.73 4.96
C LYS A 62 -10.75 -2.90 3.99
N LYS A 63 -11.02 -2.63 2.71
CA LYS A 63 -10.94 -3.64 1.67
C LYS A 63 -9.49 -4.09 1.47
N SER A 64 -8.59 -3.14 1.37
CA SER A 64 -7.19 -3.43 1.17
C SER A 64 -6.57 -4.13 2.39
N TRP A 65 -6.96 -3.69 3.58
CA TRP A 65 -6.45 -4.29 4.78
C TRP A 65 -7.11 -5.65 5.05
N LYS A 66 -8.34 -5.82 4.60
CA LYS A 66 -9.03 -7.10 4.75
C LYS A 66 -8.26 -8.20 4.03
N ARG A 67 -7.71 -7.84 2.87
CA ARG A 67 -6.88 -8.74 2.07
C ARG A 67 -5.65 -9.11 2.90
N TYR A 68 -5.11 -8.12 3.61
CA TYR A 68 -3.94 -8.27 4.47
C TYR A 68 -4.26 -9.26 5.58
N GLU A 69 -5.40 -9.06 6.26
CA GLU A 69 -5.90 -9.97 7.32
C GLU A 69 -5.97 -11.37 6.80
N GLN A 70 -6.60 -11.51 5.66
CA GLN A 70 -6.75 -12.80 5.00
C GLN A 70 -5.39 -13.45 4.74
N GLU A 71 -4.47 -12.68 4.19
CA GLU A 71 -3.12 -13.15 3.91
C GLU A 71 -2.35 -13.50 5.16
N MET A 72 -2.28 -12.57 6.10
CA MET A 72 -1.47 -12.78 7.30
C MET A 72 -2.01 -13.89 8.17
N LEU A 73 -3.33 -14.06 8.20
CA LEU A 73 -3.93 -15.10 8.97
C LEU A 73 -3.72 -16.48 8.32
N LYS A 74 -3.70 -16.48 7.00
CA LYS A 74 -3.44 -17.69 6.24
C LYS A 74 -1.96 -18.06 6.32
N ASN A 75 -1.12 -17.06 6.53
CA ASN A 75 0.33 -17.25 6.64
C ASN A 75 0.76 -17.10 8.08
N GLU A 76 -0.19 -17.20 8.99
CA GLU A 76 0.07 -17.02 10.40
C GLU A 76 0.71 -18.24 11.03
N LYS A 77 1.99 -18.29 10.96
CA LYS A 77 2.76 -19.24 11.69
C LYS A 77 3.54 -18.46 12.71
N VAL A 78 4.23 -17.46 12.24
CA VAL A 78 4.90 -16.54 13.11
C VAL A 78 4.82 -15.12 12.58
N ALA A 79 3.69 -14.55 12.78
CA ALA A 79 3.44 -13.18 12.46
C ALA A 79 3.06 -12.48 13.74
N ALA A 80 1.99 -12.99 14.37
CA ALA A 80 1.50 -12.53 15.69
C ALA A 80 1.17 -11.04 15.72
N LYS A 81 0.93 -10.48 14.52
CA LYS A 81 0.69 -9.06 14.34
C LYS A 81 1.90 -8.24 14.74
N MET A 82 2.72 -7.92 13.79
CA MET A 82 3.96 -7.23 14.08
C MET A 82 3.73 -5.72 14.05
N LEU A 83 2.90 -5.28 14.97
CA LEU A 83 2.51 -3.89 15.23
C LEU A 83 1.34 -3.95 16.20
N GLU A 84 1.20 -2.96 17.01
CA GLU A 84 0.11 -2.91 17.95
C GLU A 84 -0.69 -1.63 17.78
N LYS A 85 -1.98 -1.76 17.84
CA LYS A 85 -2.86 -0.64 17.72
C LYS A 85 -3.56 -0.37 19.04
N ASP A 86 -3.33 0.81 19.57
CA ASP A 86 -3.98 1.22 20.81
C ASP A 86 -5.40 1.58 20.49
N ALA A 87 -6.32 1.05 21.24
CA ALA A 87 -7.71 1.29 20.99
C ALA A 87 -8.19 2.53 21.69
N THR A 88 -8.71 3.47 20.93
CA THR A 88 -9.28 4.68 21.48
C THR A 88 -10.62 4.35 22.14
N GLU A 89 -10.65 4.37 23.44
CA GLU A 89 -11.85 4.01 24.16
C GLU A 89 -12.00 4.86 25.41
N VAL A 90 -13.15 5.45 25.56
CA VAL A 90 -13.47 6.19 26.76
C VAL A 90 -14.46 5.37 27.59
N GLY A 91 -14.16 5.19 28.84
CA GLY A 91 -15.00 4.37 29.69
C GLY A 91 -16.14 5.12 30.29
N VAL A 92 -15.95 6.38 30.53
CA VAL A 92 -16.97 7.19 31.10
C VAL A 92 -16.95 8.61 30.56
N LYS A 93 -17.93 8.92 29.77
CA LYS A 93 -18.09 10.24 29.25
C LYS A 93 -19.53 10.66 29.50
N ALA A 94 -20.46 9.80 29.11
CA ALA A 94 -21.85 10.06 29.31
C ALA A 94 -22.25 9.72 30.74
N ALA A 95 -22.07 10.69 31.63
CA ALA A 95 -22.40 10.56 33.03
C ALA A 95 -22.40 11.93 33.66
N LEU A 96 -23.53 12.36 34.17
CA LEU A 96 -23.62 13.67 34.76
C LEU A 96 -24.36 13.65 36.09
N GLU A 97 -23.98 14.54 36.95
CA GLU A 97 -24.56 14.65 38.26
C GLU A 97 -25.40 15.91 38.28
N GLU A 98 -26.70 15.77 38.24
CA GLU A 98 -27.54 16.94 38.23
C GLU A 98 -27.77 17.52 39.62
N ALA A 99 -27.06 18.56 39.93
CA ALA A 99 -27.22 19.23 41.18
C ALA A 99 -28.11 20.43 40.96
N LYS A 100 -29.38 20.25 41.17
CA LYS A 100 -30.32 21.30 40.92
C LYS A 100 -30.74 21.99 42.19
N LYS A 101 -30.52 23.27 42.18
CA LYS A 101 -30.85 24.16 43.26
C LYS A 101 -31.23 25.48 42.61
N VAL A 102 -31.93 26.34 43.32
CA VAL A 102 -32.19 27.65 42.80
C VAL A 102 -30.87 28.41 42.63
N GLN A 103 -30.68 28.98 41.47
CA GLN A 103 -29.45 29.68 41.17
C GLN A 103 -29.59 31.15 41.59
N ILE A 104 -30.68 31.44 42.24
CA ILE A 104 -30.95 32.74 42.75
C ILE A 104 -31.10 32.70 44.26
N GLU A 105 -30.05 33.03 44.94
CA GLU A 105 -30.03 33.10 46.37
C GLU A 105 -29.73 34.52 46.78
N LEU A 106 -30.06 34.86 48.01
CA LEU A 106 -29.80 36.16 48.53
C LEU A 106 -28.34 36.20 48.98
N ASP A 107 -27.50 36.81 48.16
CA ASP A 107 -26.05 36.85 48.41
C ASP A 107 -25.68 37.59 49.66
N THR A 108 -26.22 38.79 49.80
CA THR A 108 -25.95 39.77 50.89
C THR A 108 -24.43 40.08 51.03
N SER A 109 -23.66 39.70 50.01
CA SER A 109 -22.23 39.93 49.97
C SER A 109 -21.99 41.43 49.74
N LEU A 110 -22.82 42.01 48.90
CA LEU A 110 -22.78 43.41 48.65
C LEU A 110 -24.16 44.04 48.77
N SER A 111 -24.57 44.19 49.99
CA SER A 111 -25.85 44.76 50.30
C SER A 111 -25.68 46.03 51.09
N TYR A 112 -25.17 45.91 52.29
CA TYR A 112 -24.89 47.05 53.09
C TYR A 112 -23.61 46.80 53.86
N ILE A 113 -22.52 47.27 53.33
CA ILE A 113 -21.25 47.09 53.96
C ILE A 113 -20.90 48.26 54.86
N GLY A 1 3.42 9.52 12.42
CA GLY A 1 2.33 10.35 11.93
C GLY A 1 1.60 9.66 10.81
N SER A 2 1.36 10.38 9.75
CA SER A 2 0.71 9.83 8.60
C SER A 2 1.74 9.42 7.56
N MET A 3 1.92 8.12 7.40
CA MET A 3 2.89 7.60 6.43
C MET A 3 2.29 7.71 5.05
N THR A 4 2.94 8.45 4.19
CA THR A 4 2.40 8.73 2.88
C THR A 4 2.91 7.74 1.82
N VAL A 5 1.98 7.12 1.11
CA VAL A 5 2.29 6.22 0.01
C VAL A 5 1.49 6.70 -1.22
N TYR A 6 2.07 6.64 -2.41
CA TYR A 6 1.37 7.04 -3.61
C TYR A 6 0.94 5.82 -4.42
N ILE A 7 -0.31 5.79 -4.81
CA ILE A 7 -0.88 4.69 -5.57
C ILE A 7 -1.33 5.20 -6.92
N CYS A 8 -0.78 4.70 -7.96
CA CYS A 8 -1.29 4.97 -9.26
C CYS A 8 -1.53 3.65 -9.97
N PRO A 9 -2.79 3.15 -9.96
CA PRO A 9 -3.14 1.87 -10.64
C PRO A 9 -3.00 1.97 -12.15
N GLU A 10 -2.85 3.18 -12.62
CA GLU A 10 -2.79 3.49 -14.01
C GLU A 10 -1.39 3.33 -14.54
N THR A 11 -0.47 4.11 -14.00
CA THR A 11 0.87 4.15 -14.51
C THR A 11 1.90 3.52 -13.56
N GLY A 12 1.50 3.16 -12.35
CA GLY A 12 2.48 2.58 -11.43
C GLY A 12 2.36 1.07 -11.35
N ASP A 13 2.82 0.51 -10.25
CA ASP A 13 2.82 -0.93 -10.04
C ASP A 13 3.11 -1.23 -8.58
N ASP A 14 2.55 -2.29 -8.07
CA ASP A 14 2.68 -2.69 -6.67
C ASP A 14 4.10 -3.18 -6.32
N GLY A 15 4.90 -3.48 -7.32
CA GLY A 15 6.26 -3.93 -7.08
C GLY A 15 7.20 -2.77 -6.79
N ASN A 16 6.66 -1.58 -6.82
CA ASN A 16 7.41 -0.36 -6.57
C ASN A 16 7.57 -0.06 -5.09
N ASP A 17 8.23 1.05 -4.78
CA ASP A 17 8.50 1.49 -3.40
C ASP A 17 7.36 2.36 -2.89
N GLY A 18 6.44 2.69 -3.78
CA GLY A 18 5.32 3.51 -3.42
C GLY A 18 5.64 4.99 -3.26
N SER A 19 6.60 5.46 -4.01
CA SER A 19 6.92 6.86 -4.00
C SER A 19 6.05 7.55 -5.04
N GLU A 20 6.20 8.85 -5.21
CA GLU A 20 5.41 9.55 -6.18
C GLU A 20 5.85 9.14 -7.61
N LEU A 21 7.16 8.91 -7.77
CA LEU A 21 7.72 8.49 -9.04
C LEU A 21 7.52 7.00 -9.28
N LYS A 22 7.40 6.24 -8.21
CA LYS A 22 7.17 4.80 -8.31
C LYS A 22 5.92 4.46 -7.52
N PRO A 23 4.74 4.85 -8.02
CA PRO A 23 3.52 4.62 -7.31
C PRO A 23 3.10 3.16 -7.38
N LEU A 24 2.40 2.74 -6.37
CA LEU A 24 1.90 1.37 -6.30
C LEU A 24 0.66 1.27 -7.14
N ARG A 25 0.26 0.10 -7.50
CA ARG A 25 -0.92 -0.01 -8.34
C ARG A 25 -2.16 -0.36 -7.54
N THR A 26 -2.00 -0.47 -6.25
CA THR A 26 -3.10 -0.80 -5.38
C THR A 26 -2.87 -0.22 -4.01
N LEU A 27 -3.97 0.06 -3.36
CA LEU A 27 -4.01 0.56 -2.02
C LEU A 27 -3.61 -0.57 -1.07
N TYR A 28 -3.76 -1.80 -1.56
CA TYR A 28 -3.41 -3.00 -0.85
C TYR A 28 -1.93 -2.98 -0.46
N GLN A 29 -1.08 -2.67 -1.43
CA GLN A 29 0.36 -2.66 -1.21
C GLN A 29 0.77 -1.51 -0.27
N ALA A 30 0.05 -0.38 -0.34
CA ALA A 30 0.28 0.76 0.52
C ALA A 30 0.11 0.37 1.98
N MET A 31 -0.92 -0.42 2.25
CA MET A 31 -1.15 -0.95 3.55
C MET A 31 -0.14 -2.01 3.96
N ILE A 32 0.33 -2.78 3.00
CA ILE A 32 1.35 -3.81 3.28
C ILE A 32 2.64 -3.18 3.80
N ILE A 33 3.09 -2.19 3.07
CA ILE A 33 4.33 -1.50 3.36
C ILE A 33 4.28 -0.75 4.71
N THR A 34 3.15 -0.15 5.01
CA THR A 34 3.06 0.69 6.18
C THR A 34 2.43 0.00 7.39
N LYS A 35 1.33 -0.75 7.14
CA LYS A 35 0.49 -1.39 8.18
C LYS A 35 -0.17 -0.35 9.09
N SER A 36 -0.06 0.92 8.73
CA SER A 36 -0.51 1.96 9.60
C SER A 36 -2.00 2.31 9.41
N SER A 37 -2.56 1.95 8.24
CA SER A 37 -4.02 2.16 7.90
C SER A 37 -4.54 3.64 7.96
N LYS A 38 -3.77 4.54 8.55
CA LYS A 38 -4.22 5.92 8.76
C LYS A 38 -3.36 6.93 8.03
N GLY A 39 -2.33 6.47 7.36
CA GLY A 39 -1.42 7.37 6.70
C GLY A 39 -2.02 8.00 5.47
N ASP A 40 -1.29 8.86 4.83
CA ASP A 40 -1.79 9.44 3.63
C ASP A 40 -1.52 8.49 2.53
N PHE A 41 -2.54 7.94 2.04
CA PHE A 41 -2.44 7.07 0.94
C PHE A 41 -3.06 7.78 -0.19
N LEU A 42 -2.24 8.27 -1.07
CA LEU A 42 -2.74 9.11 -2.10
C LEU A 42 -2.77 8.37 -3.38
N ILE A 43 -3.92 8.30 -3.95
CA ILE A 43 -4.11 7.56 -5.14
C ILE A 43 -4.32 8.50 -6.29
N ARG A 44 -3.65 8.22 -7.38
CA ARG A 44 -3.76 8.99 -8.57
C ARG A 44 -5.06 8.65 -9.21
N THR A 45 -5.85 9.62 -9.31
CA THR A 45 -7.16 9.47 -9.79
C THR A 45 -7.41 10.57 -10.78
N LYS A 46 -8.32 10.37 -11.67
CA LYS A 46 -8.59 11.37 -12.63
C LYS A 46 -9.91 11.99 -12.31
N LYS A 47 -9.84 13.21 -11.89
CA LYS A 47 -10.98 13.98 -11.50
C LYS A 47 -10.96 15.29 -12.24
N ASP A 48 -12.08 15.64 -12.85
CA ASP A 48 -12.23 16.85 -13.67
C ASP A 48 -11.25 16.77 -14.86
N GLY A 49 -11.00 15.55 -15.29
CA GLY A 49 -10.13 15.30 -16.42
C GLY A 49 -8.65 15.46 -16.11
N LYS A 50 -8.29 15.46 -14.84
CA LYS A 50 -6.88 15.59 -14.45
C LYS A 50 -6.47 14.50 -13.49
N GLN A 51 -5.22 14.08 -13.58
CA GLN A 51 -4.68 13.08 -12.70
C GLN A 51 -4.23 13.79 -11.45
N VAL A 52 -4.78 13.43 -10.34
CA VAL A 52 -4.47 14.07 -9.07
C VAL A 52 -4.20 13.02 -8.03
N TRP A 53 -3.53 13.39 -6.97
CA TRP A 53 -3.34 12.50 -5.86
C TRP A 53 -4.42 12.79 -4.84
N GLU A 54 -5.28 11.85 -4.61
CA GLU A 54 -6.33 12.02 -3.65
C GLU A 54 -6.19 10.98 -2.57
N ALA A 55 -6.49 11.34 -1.35
CA ALA A 55 -6.38 10.42 -0.24
C ALA A 55 -7.39 9.30 -0.40
N ALA A 56 -6.98 8.11 0.01
CA ALA A 56 -7.81 6.92 -0.05
C ALA A 56 -9.09 7.10 0.76
N SER A 57 -9.98 6.18 0.62
CA SER A 57 -11.25 6.30 1.23
C SER A 57 -11.31 5.37 2.40
N LYS A 58 -11.99 5.78 3.42
CA LYS A 58 -12.17 5.00 4.62
C LYS A 58 -12.69 3.59 4.32
N THR A 59 -13.70 3.50 3.45
CA THR A 59 -14.26 2.22 3.07
C THR A 59 -13.29 1.41 2.20
N ALA A 60 -12.56 2.11 1.33
CA ALA A 60 -11.60 1.48 0.44
C ALA A 60 -10.43 0.91 1.23
N LEU A 61 -10.01 1.66 2.25
CA LEU A 61 -8.94 1.22 3.14
C LEU A 61 -9.36 -0.07 3.85
N LYS A 62 -10.62 -0.17 4.22
CA LYS A 62 -11.13 -1.41 4.81
C LYS A 62 -11.07 -2.56 3.81
N LYS A 63 -11.21 -2.25 2.52
CA LYS A 63 -11.13 -3.28 1.51
C LYS A 63 -9.70 -3.78 1.36
N SER A 64 -8.76 -2.86 1.26
CA SER A 64 -7.36 -3.20 1.10
C SER A 64 -6.84 -3.97 2.32
N TRP A 65 -7.31 -3.58 3.50
CA TRP A 65 -6.89 -4.20 4.72
C TRP A 65 -7.54 -5.58 4.87
N LYS A 66 -8.76 -5.72 4.39
CA LYS A 66 -9.50 -6.98 4.49
C LYS A 66 -8.75 -8.09 3.78
N ARG A 67 -8.25 -7.80 2.60
CA ARG A 67 -7.48 -8.78 1.84
C ARG A 67 -6.10 -8.98 2.49
N TYR A 68 -5.62 -7.94 3.14
CA TYR A 68 -4.32 -7.96 3.81
C TYR A 68 -4.34 -8.93 4.99
N GLU A 69 -5.46 -8.93 5.72
CA GLU A 69 -5.70 -9.89 6.81
C GLU A 69 -5.59 -11.26 6.25
N GLN A 70 -6.20 -11.45 5.12
CA GLN A 70 -6.25 -12.73 4.45
C GLN A 70 -4.85 -13.29 4.13
N GLU A 71 -3.95 -12.49 3.53
CA GLU A 71 -2.63 -13.04 3.24
C GLU A 71 -1.81 -13.28 4.48
N MET A 72 -1.98 -12.46 5.50
CA MET A 72 -1.26 -12.67 6.77
C MET A 72 -1.83 -13.86 7.50
N LEU A 73 -3.10 -14.08 7.33
CA LEU A 73 -3.79 -15.20 7.90
C LEU A 73 -3.33 -16.51 7.23
N LYS A 74 -3.08 -16.48 5.93
CA LYS A 74 -2.54 -17.65 5.21
C LYS A 74 -1.05 -17.79 5.53
N ASN A 75 -0.41 -16.64 5.65
CA ASN A 75 1.01 -16.48 5.96
C ASN A 75 1.96 -17.41 5.26
N GLU A 76 2.13 -17.17 3.99
CA GLU A 76 3.12 -17.84 3.21
C GLU A 76 4.27 -16.88 3.04
N LYS A 77 3.92 -15.73 2.52
CA LYS A 77 4.85 -14.66 2.29
C LYS A 77 4.23 -13.38 2.79
N VAL A 78 4.83 -12.77 3.76
CA VAL A 78 4.37 -11.46 4.18
C VAL A 78 5.25 -10.45 3.49
N ALA A 79 6.51 -10.45 3.92
CA ALA A 79 7.58 -9.64 3.37
C ALA A 79 7.18 -8.22 3.07
N ALA A 80 6.98 -7.50 4.10
CA ALA A 80 6.60 -6.14 4.00
C ALA A 80 7.82 -5.28 4.17
N LYS A 81 8.24 -4.63 3.11
CA LYS A 81 9.39 -3.76 3.22
C LYS A 81 8.98 -2.49 3.95
N MET A 82 9.15 -2.50 5.23
CA MET A 82 8.69 -1.42 6.05
C MET A 82 9.69 -0.33 6.16
N LEU A 83 9.33 0.79 5.67
CA LEU A 83 10.07 1.99 5.84
C LEU A 83 9.07 3.07 6.08
N GLU A 84 9.23 3.80 7.14
CA GLU A 84 8.28 4.80 7.48
C GLU A 84 8.50 6.03 6.68
N LYS A 85 7.65 6.26 5.69
CA LYS A 85 7.73 7.47 4.94
C LYS A 85 7.19 8.61 5.77
N ASP A 86 8.05 9.15 6.58
CA ASP A 86 7.73 10.23 7.43
C ASP A 86 8.40 11.46 6.94
N ALA A 87 7.62 12.40 6.52
CA ALA A 87 8.13 13.65 6.05
C ALA A 87 8.44 14.50 7.25
N THR A 88 9.72 14.76 7.48
CA THR A 88 10.19 15.50 8.63
C THR A 88 9.52 16.88 8.69
N GLU A 89 8.62 17.05 9.62
CA GLU A 89 7.94 18.29 9.79
C GLU A 89 8.51 18.95 11.05
N VAL A 90 9.43 19.87 10.85
CA VAL A 90 10.08 20.58 11.95
C VAL A 90 10.23 22.04 11.58
N GLY A 91 10.36 22.89 12.58
CA GLY A 91 10.50 24.28 12.29
C GLY A 91 10.66 25.13 13.53
N VAL A 92 11.89 25.39 13.88
CA VAL A 92 12.20 26.28 14.97
C VAL A 92 13.49 27.05 14.66
N LYS A 93 13.39 28.35 14.69
CA LYS A 93 14.53 29.21 14.50
C LYS A 93 14.75 30.05 15.73
N ALA A 94 15.94 30.00 16.26
CA ALA A 94 16.30 30.81 17.38
C ALA A 94 17.75 31.24 17.24
N ALA A 95 17.96 32.30 16.51
CA ALA A 95 19.27 32.84 16.31
C ALA A 95 19.24 34.34 16.41
N LEU A 96 19.32 34.81 17.63
CA LEU A 96 19.30 36.22 17.94
C LEU A 96 19.87 36.44 19.32
N GLU A 97 20.62 37.52 19.50
CA GLU A 97 21.24 37.79 20.79
C GLU A 97 21.85 39.17 20.84
N GLU A 98 21.88 39.70 22.03
CA GLU A 98 22.59 40.89 22.35
C GLU A 98 23.02 40.81 23.81
N ALA A 99 24.18 40.23 24.01
CA ALA A 99 24.66 39.92 25.35
C ALA A 99 25.99 40.58 25.66
N LYS A 100 26.35 41.60 24.91
CA LYS A 100 27.59 42.30 25.18
C LYS A 100 27.35 43.69 25.71
N LYS A 101 27.39 43.82 27.01
CA LYS A 101 27.27 45.10 27.67
C LYS A 101 28.35 45.14 28.74
N VAL A 102 29.46 45.76 28.41
CA VAL A 102 30.58 45.84 29.32
C VAL A 102 31.14 47.26 29.37
N GLN A 103 31.90 47.54 30.40
CA GLN A 103 32.54 48.81 30.58
C GLN A 103 33.89 48.59 31.21
N ILE A 104 34.62 49.64 31.47
CA ILE A 104 35.90 49.50 32.10
C ILE A 104 36.10 50.60 33.13
N GLU A 105 36.01 50.25 34.39
CA GLU A 105 36.25 51.18 35.45
C GLU A 105 37.69 51.08 35.87
N LEU A 106 38.39 52.19 35.85
CA LEU A 106 39.76 52.19 36.24
C LEU A 106 39.85 52.32 37.76
N ASP A 107 39.80 51.20 38.40
CA ASP A 107 39.89 51.11 39.84
C ASP A 107 41.33 50.88 40.20
N THR A 108 41.92 49.88 39.55
CA THR A 108 43.33 49.48 39.66
C THR A 108 43.79 49.11 41.08
N SER A 109 44.97 48.51 41.17
CA SER A 109 45.55 48.14 42.43
C SER A 109 46.00 49.39 43.22
N LEU A 110 46.10 50.52 42.51
CA LEU A 110 46.53 51.80 43.06
C LEU A 110 47.98 51.74 43.49
N SER A 111 48.84 52.02 42.56
CA SER A 111 50.26 52.05 42.79
C SER A 111 50.87 53.09 41.89
N TYR A 112 52.02 53.59 42.25
CA TYR A 112 52.71 54.57 41.48
C TYR A 112 54.19 54.36 41.67
N ILE A 113 54.96 54.52 40.63
CA ILE A 113 56.39 54.31 40.73
C ILE A 113 57.14 55.37 39.91
#